data_8H7C
# 
_entry.id   8H7C 
# 
_audit_conform.dict_name       mmcif_pdbx.dic 
_audit_conform.dict_version    5.379 
_audit_conform.dict_location   http://mmcif.pdb.org/dictionaries/ascii/mmcif_pdbx.dic 
# 
loop_
_database_2.database_id 
_database_2.database_code 
_database_2.pdbx_database_accession 
_database_2.pdbx_DOI 
PDB   8H7C         pdb_00008h7c 10.2210/pdb8h7c/pdb 
WWPDB D_1300032887 ?            ?                   
# 
_pdbx_database_status.status_code                     REL 
_pdbx_database_status.status_code_sf                  REL 
_pdbx_database_status.status_code_mr                  ? 
_pdbx_database_status.entry_id                        8H7C 
_pdbx_database_status.recvd_initial_deposition_date   2022-10-19 
_pdbx_database_status.SG_entry                        N 
_pdbx_database_status.deposit_site                    PDBJ 
_pdbx_database_status.process_site                    PDBJ 
_pdbx_database_status.status_code_cs                  ? 
_pdbx_database_status.status_code_nmr_data            ? 
_pdbx_database_status.methods_development_category    ? 
_pdbx_database_status.pdb_format_compatible           Y 
# 
loop_
_audit_author.name 
_audit_author.pdbx_ordinal 
_audit_author.identifier_ORCID 
'Kurihara, K.'   1 ?                   
'Umezawa, K.'    2 ?                   
'Donnelly, A.E.' 3 ?                   
'Hecht, M.H.'    4 0000-0002-5538-9813 
'Arai, R.'       5 0000-0001-5606-8483 
# 
loop_
_citation.abstract 
_citation.abstract_id_CAS 
_citation.book_id_ISBN 
_citation.book_publisher 
_citation.book_publisher_city 
_citation.book_title 
_citation.coordinate_linkage 
_citation.country 
_citation.database_id_Medline 
_citation.details 
_citation.id 
_citation.journal_abbrev 
_citation.journal_id_ASTM 
_citation.journal_id_CSD 
_citation.journal_id_ISSN 
_citation.journal_full 
_citation.journal_issue 
_citation.journal_volume 
_citation.language 
_citation.page_first 
_citation.page_last 
_citation.title 
_citation.year 
_citation.database_id_CSD 
_citation.pdbx_database_id_DOI 
_citation.pdbx_database_id_PubMed 
_citation.pdbx_database_id_patent 
_citation.unpublished_flag 
? ? ? ? ? ? ? US ? ? primary Proc.Natl.Acad.Sci.USA PNASA6 0040 1091-6490 ? ? 120 ? e2218281120 e2218281120 
'Crystal structure and activity of a de novo enzyme, ferric enterobactin esterase Syn-F4.' 2023 ? 10.1073/pnas.2218281120 37695900 
? ? 
? ? ? ? ? ? ? US ? ? 1       'Nat Chem Biol'        ?      ?    1552-4469 ? ? 14  ? 253         255         
'A de novo enzyme catalyzes a life-sustaining reaction in Escherichia coli.'               2018 ? 10.1038/nchembio.2550   29334382 
? ? 
? ? ? ? ? ? ? US ? ? 2       'Protein Sci'          PRCIEI 0795 1469-896X ? ? 24  ? 246         252         
'Divergent evolution of a bifunctional de novo protein.'                                   2015 ? 10.1002/pro.2611        25420677 
? ? 
# 
loop_
_citation_author.citation_id 
_citation_author.name 
_citation_author.ordinal 
_citation_author.identifier_ORCID 
primary 'Kurihara, K.'        1  ?                   
primary 'Umezawa, K.'         2  0000-0001-9361-0825 
primary 'Donnelly, A.E.'      3  0000-0002-6296-5401 
primary 'Sperling, B.'        4  0009-0001-6482-192X 
primary 'Liao, G.'            5  ?                   
primary 'Hecht, M.H.'         6  0000-0002-5538-9813 
primary 'Arai, R.'            7  0000-0001-5606-8483 
1       'Donnelly, A.E.'      8  0000-0002-6296-5401 
1       'Murphy, G.S.'        9  ?                   
1       'Digianantonio, K.M.' 10 ?                   
1       'Hecht, M.H.'         11 ?                   
2       'Smith, B.A.'         12 ?                   
2       'Mularz, A.E.'        13 ?                   
2       'Hecht, M.H.'         14 ?                   
# 
_cell.angle_alpha                  90.000 
_cell.angle_alpha_esd              ? 
_cell.angle_beta                   90.000 
_cell.angle_beta_esd               ? 
_cell.angle_gamma                  90.000 
_cell.angle_gamma_esd              ? 
_cell.entry_id                     8H7C 
_cell.details                      ? 
_cell.formula_units_Z              ? 
_cell.length_a                     47.986 
_cell.length_a_esd                 ? 
_cell.length_b                     61.468 
_cell.length_b_esd                 ? 
_cell.length_c                     128.991 
_cell.length_c_esd                 ? 
_cell.volume                       ? 
_cell.volume_esd                   ? 
_cell.Z_PDB                        16 
_cell.reciprocal_angle_alpha       ? 
_cell.reciprocal_angle_beta        ? 
_cell.reciprocal_angle_gamma       ? 
_cell.reciprocal_angle_alpha_esd   ? 
_cell.reciprocal_angle_beta_esd    ? 
_cell.reciprocal_angle_gamma_esd   ? 
_cell.reciprocal_length_a          ? 
_cell.reciprocal_length_b          ? 
_cell.reciprocal_length_c          ? 
_cell.reciprocal_length_a_esd      ? 
_cell.reciprocal_length_b_esd      ? 
_cell.reciprocal_length_c_esd      ? 
_cell.pdbx_unique_axis             ? 
_cell.pdbx_esd_method              ? 
# 
_symmetry.entry_id                         8H7C 
_symmetry.cell_setting                     ? 
_symmetry.Int_Tables_number                20 
_symmetry.space_group_name_Hall            ? 
_symmetry.space_group_name_H-M             'C 2 2 21' 
_symmetry.pdbx_full_space_group_name_H-M   ? 
# 
loop_
_entity.id 
_entity.type 
_entity.src_method 
_entity.pdbx_description 
_entity.formula_weight 
_entity.pdbx_number_of_molecules 
_entity.pdbx_ec 
_entity.pdbx_mutation 
_entity.pdbx_fragment 
_entity.details 
1 polymer     man 'De novo ferric enterobactin esterase Syn-F4' 12481.063 2  3.1.1.108 K4T ? ? 
2 non-polymer syn 'PLATINUM (II) ION'                           195.078   1  ?         ?   ? ? 
3 non-polymer syn 'CHLORIDE ION'                                35.453    1  ?         ?   ? ? 
4 non-polymer syn 'ACETATE ION'                                 59.044    1  ?         ?   ? ? 
5 non-polymer nat 'TETRACHLOROPLATINATE(II)'                    336.890   1  ?         ?   ? ? 
6 water       nat water                                         18.015    41 ?         ?   ? ? 
# 
_entity_poly.entity_id                      1 
_entity_poly.type                           'polypeptide(L)' 
_entity_poly.nstd_linkage                   no 
_entity_poly.nstd_monomer                   no 
_entity_poly.pdbx_seq_one_letter_code       
;MYGTLNQLFHNLNEIVEDLNKNWHRERRTLHDFADELHQLVKHVHHFMQGHKNEGKLQDIVNQLDKLFRDLDNHLQRKDD
TVHHRHHQLNKLLAQLDNLVHR
;
_entity_poly.pdbx_seq_one_letter_code_can   
;MYGTLNQLFHNLNEIVEDLNKNWHRERRTLHDFADELHQLVKHVHHFMQGHKNEGKLQDIVNQLDKLFRDLDNHLQRKDD
TVHHRHHQLNKLLAQLDNLVHR
;
_entity_poly.pdbx_strand_id                 A,B 
_entity_poly.pdbx_target_identifier         ? 
# 
loop_
_entity_poly_seq.entity_id 
_entity_poly_seq.num 
_entity_poly_seq.mon_id 
_entity_poly_seq.hetero 
1 1   MET n 
1 2   TYR n 
1 3   GLY n 
1 4   THR n 
1 5   LEU n 
1 6   ASN n 
1 7   GLN n 
1 8   LEU n 
1 9   PHE n 
1 10  HIS n 
1 11  ASN n 
1 12  LEU n 
1 13  ASN n 
1 14  GLU n 
1 15  ILE n 
1 16  VAL n 
1 17  GLU n 
1 18  ASP n 
1 19  LEU n 
1 20  ASN n 
1 21  LYS n 
1 22  ASN n 
1 23  TRP n 
1 24  HIS n 
1 25  ARG n 
1 26  GLU n 
1 27  ARG n 
1 28  ARG n 
1 29  THR n 
1 30  LEU n 
1 31  HIS n 
1 32  ASP n 
1 33  PHE n 
1 34  ALA n 
1 35  ASP n 
1 36  GLU n 
1 37  LEU n 
1 38  HIS n 
1 39  GLN n 
1 40  LEU n 
1 41  VAL n 
1 42  LYS n 
1 43  HIS n 
1 44  VAL n 
1 45  HIS n 
1 46  HIS n 
1 47  PHE n 
1 48  MET n 
1 49  GLN n 
1 50  GLY n 
1 51  HIS n 
1 52  LYS n 
1 53  ASN n 
1 54  GLU n 
1 55  GLY n 
1 56  LYS n 
1 57  LEU n 
1 58  GLN n 
1 59  ASP n 
1 60  ILE n 
1 61  VAL n 
1 62  ASN n 
1 63  GLN n 
1 64  LEU n 
1 65  ASP n 
1 66  LYS n 
1 67  LEU n 
1 68  PHE n 
1 69  ARG n 
1 70  ASP n 
1 71  LEU n 
1 72  ASP n 
1 73  ASN n 
1 74  HIS n 
1 75  LEU n 
1 76  GLN n 
1 77  ARG n 
1 78  LYS n 
1 79  ASP n 
1 80  ASP n 
1 81  THR n 
1 82  VAL n 
1 83  HIS n 
1 84  HIS n 
1 85  ARG n 
1 86  HIS n 
1 87  HIS n 
1 88  GLN n 
1 89  LEU n 
1 90  ASN n 
1 91  LYS n 
1 92  LEU n 
1 93  LEU n 
1 94  ALA n 
1 95  GLN n 
1 96  LEU n 
1 97  ASP n 
1 98  ASN n 
1 99  LEU n 
1 100 VAL n 
1 101 HIS n 
1 102 ARG n 
# 
_entity_src_gen.entity_id                          1 
_entity_src_gen.pdbx_src_id                        1 
_entity_src_gen.pdbx_alt_source_flag               sample 
_entity_src_gen.pdbx_seq_type                      'Biological sequence' 
_entity_src_gen.pdbx_beg_seq_num                   1 
_entity_src_gen.pdbx_end_seq_num                   102 
_entity_src_gen.gene_src_common_name               ? 
_entity_src_gen.gene_src_genus                     ? 
_entity_src_gen.pdbx_gene_src_gene                 synF4 
_entity_src_gen.gene_src_species                   ? 
_entity_src_gen.gene_src_strain                    ? 
_entity_src_gen.gene_src_tissue                    ? 
_entity_src_gen.gene_src_tissue_fraction           ? 
_entity_src_gen.gene_src_details                   ? 
_entity_src_gen.pdbx_gene_src_fragment             ? 
_entity_src_gen.pdbx_gene_src_scientific_name      'synthetic construct' 
_entity_src_gen.pdbx_gene_src_ncbi_taxonomy_id     32630 
_entity_src_gen.pdbx_gene_src_variant              ? 
_entity_src_gen.pdbx_gene_src_cell_line            ? 
_entity_src_gen.pdbx_gene_src_atcc                 ? 
_entity_src_gen.pdbx_gene_src_organ                ? 
_entity_src_gen.pdbx_gene_src_organelle            ? 
_entity_src_gen.pdbx_gene_src_cell                 ? 
_entity_src_gen.pdbx_gene_src_cellular_location    ? 
_entity_src_gen.host_org_common_name               ? 
_entity_src_gen.pdbx_host_org_scientific_name      'Escherichia coli BL21(DE3)' 
_entity_src_gen.pdbx_host_org_ncbi_taxonomy_id     469008 
_entity_src_gen.host_org_genus                     ? 
_entity_src_gen.pdbx_host_org_gene                 ? 
_entity_src_gen.pdbx_host_org_organ                ? 
_entity_src_gen.host_org_species                   ? 
_entity_src_gen.pdbx_host_org_tissue               ? 
_entity_src_gen.pdbx_host_org_tissue_fraction      ? 
_entity_src_gen.pdbx_host_org_strain               ? 
_entity_src_gen.pdbx_host_org_variant              Star 
_entity_src_gen.pdbx_host_org_cell_line            ? 
_entity_src_gen.pdbx_host_org_atcc                 ? 
_entity_src_gen.pdbx_host_org_culture_collection   ? 
_entity_src_gen.pdbx_host_org_cell                 ? 
_entity_src_gen.pdbx_host_org_organelle            ? 
_entity_src_gen.pdbx_host_org_cellular_location    ? 
_entity_src_gen.pdbx_host_org_vector_type          Plasmid 
_entity_src_gen.pdbx_host_org_vector               ? 
_entity_src_gen.host_org_details                   ? 
_entity_src_gen.expression_system_id               ? 
_entity_src_gen.plasmid_name                       pCA24N 
_entity_src_gen.plasmid_details                    ? 
_entity_src_gen.pdbx_description                   ? 
# 
_struct_ref.id                         1 
_struct_ref.db_name                    PDB 
_struct_ref.db_code                    8H7C 
_struct_ref.pdbx_db_accession          8H7C 
_struct_ref.pdbx_db_isoform            ? 
_struct_ref.entity_id                  1 
_struct_ref.pdbx_seq_one_letter_code   ? 
_struct_ref.pdbx_align_begin           1 
# 
loop_
_struct_ref_seq.align_id 
_struct_ref_seq.ref_id 
_struct_ref_seq.pdbx_PDB_id_code 
_struct_ref_seq.pdbx_strand_id 
_struct_ref_seq.seq_align_beg 
_struct_ref_seq.pdbx_seq_align_beg_ins_code 
_struct_ref_seq.seq_align_end 
_struct_ref_seq.pdbx_seq_align_end_ins_code 
_struct_ref_seq.pdbx_db_accession 
_struct_ref_seq.db_align_beg 
_struct_ref_seq.pdbx_db_align_beg_ins_code 
_struct_ref_seq.db_align_end 
_struct_ref_seq.pdbx_db_align_end_ins_code 
_struct_ref_seq.pdbx_auth_seq_align_beg 
_struct_ref_seq.pdbx_auth_seq_align_end 
1 1 8H7C A 1 ? 102 ? 8H7C 1 ? 102 ? 1 102 
2 1 8H7C B 1 ? 102 ? 8H7C 1 ? 102 ? 1 102 
# 
loop_
_chem_comp.id 
_chem_comp.type 
_chem_comp.mon_nstd_flag 
_chem_comp.name 
_chem_comp.pdbx_synonyms 
_chem_comp.formula 
_chem_comp.formula_weight 
ACT non-polymer         . 'ACETATE ION'              ? 'C2 H3 O2 -1'    59.044  
ALA 'L-peptide linking' y ALANINE                    ? 'C3 H7 N O2'     89.093  
ARG 'L-peptide linking' y ARGININE                   ? 'C6 H15 N4 O2 1' 175.209 
ASN 'L-peptide linking' y ASPARAGINE                 ? 'C4 H8 N2 O3'    132.118 
ASP 'L-peptide linking' y 'ASPARTIC ACID'            ? 'C4 H7 N O4'     133.103 
CL  non-polymer         . 'CHLORIDE ION'             ? 'Cl -1'          35.453  
GLN 'L-peptide linking' y GLUTAMINE                  ? 'C5 H10 N2 O3'   146.144 
GLU 'L-peptide linking' y 'GLUTAMIC ACID'            ? 'C5 H9 N O4'     147.129 
GLY 'peptide linking'   y GLYCINE                    ? 'C2 H5 N O2'     75.067  
HIS 'L-peptide linking' y HISTIDINE                  ? 'C6 H10 N3 O2 1' 156.162 
HOH non-polymer         . WATER                      ? 'H2 O'           18.015  
ILE 'L-peptide linking' y ISOLEUCINE                 ? 'C6 H13 N O2'    131.173 
LEU 'L-peptide linking' y LEUCINE                    ? 'C6 H13 N O2'    131.173 
LYS 'L-peptide linking' y LYSINE                     ? 'C6 H15 N2 O2 1' 147.195 
MET 'L-peptide linking' y METHIONINE                 ? 'C5 H11 N O2 S'  149.211 
PC4 non-polymer         . 'TETRACHLOROPLATINATE(II)' ? 'Cl4 Pt -2'      336.890 
PHE 'L-peptide linking' y PHENYLALANINE              ? 'C9 H11 N O2'    165.189 
PT  non-polymer         . 'PLATINUM (II) ION'        ? 'Pt 2'           195.078 
THR 'L-peptide linking' y THREONINE                  ? 'C4 H9 N O3'     119.119 
TRP 'L-peptide linking' y TRYPTOPHAN                 ? 'C11 H12 N2 O2'  204.225 
TYR 'L-peptide linking' y TYROSINE                   ? 'C9 H11 N O3'    181.189 
VAL 'L-peptide linking' y VALINE                     ? 'C5 H11 N O2'    117.146 
# 
_exptl.absorpt_coefficient_mu     ? 
_exptl.absorpt_correction_T_max   ? 
_exptl.absorpt_correction_T_min   ? 
_exptl.absorpt_correction_type    ? 
_exptl.absorpt_process_details    ? 
_exptl.entry_id                   8H7C 
_exptl.crystals_number            1 
_exptl.details                    ? 
_exptl.method                     'X-RAY DIFFRACTION' 
_exptl.method_details             ? 
# 
_exptl_crystal.colour                       ? 
_exptl_crystal.density_diffrn               ? 
_exptl_crystal.density_Matthews             1.91 
_exptl_crystal.density_method               ? 
_exptl_crystal.density_percent_sol          35.44 
_exptl_crystal.description                  'Plate-like crystal' 
_exptl_crystal.F_000                        ? 
_exptl_crystal.id                           1 
_exptl_crystal.preparation                  ? 
_exptl_crystal.size_max                     ? 
_exptl_crystal.size_mid                     ? 
_exptl_crystal.size_min                     ? 
_exptl_crystal.size_rad                     ? 
_exptl_crystal.colour_lustre                ? 
_exptl_crystal.colour_modifier              ? 
_exptl_crystal.colour_primary               ? 
_exptl_crystal.density_meas                 ? 
_exptl_crystal.density_meas_esd             ? 
_exptl_crystal.density_meas_gt              ? 
_exptl_crystal.density_meas_lt              ? 
_exptl_crystal.density_meas_temp            ? 
_exptl_crystal.density_meas_temp_esd        ? 
_exptl_crystal.density_meas_temp_gt         ? 
_exptl_crystal.density_meas_temp_lt         ? 
_exptl_crystal.pdbx_crystal_image_url       ? 
_exptl_crystal.pdbx_crystal_image_format    ? 
_exptl_crystal.pdbx_mosaicity               ? 
_exptl_crystal.pdbx_mosaicity_esd           ? 
_exptl_crystal.pdbx_mosaic_method           ? 
_exptl_crystal.pdbx_mosaic_block_size       ? 
_exptl_crystal.pdbx_mosaic_block_size_esd   ? 
# 
_exptl_crystal_grow.apparatus       ? 
_exptl_crystal_grow.atmosphere      ? 
_exptl_crystal_grow.crystal_id      1 
_exptl_crystal_grow.details         ? 
_exptl_crystal_grow.method          'VAPOR DIFFUSION, HANGING DROP' 
_exptl_crystal_grow.method_ref      ? 
_exptl_crystal_grow.pH              8.9 
_exptl_crystal_grow.pressure        ? 
_exptl_crystal_grow.pressure_esd    ? 
_exptl_crystal_grow.seeding         ? 
_exptl_crystal_grow.seeding_ref     ? 
_exptl_crystal_grow.temp            293 
_exptl_crystal_grow.temp_details    ? 
_exptl_crystal_grow.temp_esd        ? 
_exptl_crystal_grow.time            ? 
_exptl_crystal_grow.pdbx_details    
;0.1M Tris, 0.2M ammonium acetate, 8% PEG 3350
(soaking in 10mM K2PtCl4 for 1 day)
;
_exptl_crystal_grow.pdbx_pH_range   ? 
# 
_diffrn.ambient_environment              ? 
_diffrn.ambient_temp                     95 
_diffrn.ambient_temp_details             ? 
_diffrn.ambient_temp_esd                 ? 
_diffrn.crystal_id                       1 
_diffrn.crystal_support                  ? 
_diffrn.crystal_treatment                ? 
_diffrn.details                          ? 
_diffrn.id                               1 
_diffrn.ambient_pressure                 ? 
_diffrn.ambient_pressure_esd             ? 
_diffrn.ambient_pressure_gt              ? 
_diffrn.ambient_pressure_lt              ? 
_diffrn.ambient_temp_gt                  ? 
_diffrn.ambient_temp_lt                  ? 
_diffrn.pdbx_serial_crystal_experiment   N 
# 
_diffrn_detector.details                      'Focusing Mirror' 
_diffrn_detector.detector                     PIXEL 
_diffrn_detector.diffrn_id                    1 
_diffrn_detector.type                         'DECTRIS PILATUS3 S 6M' 
_diffrn_detector.area_resol_mean              ? 
_diffrn_detector.dtime                        ? 
_diffrn_detector.pdbx_frames_total            ? 
_diffrn_detector.pdbx_collection_time_total   ? 
_diffrn_detector.pdbx_collection_date         2018-11-18 
_diffrn_detector.pdbx_frequency               ? 
# 
_diffrn_radiation.collimation                      ? 
_diffrn_radiation.diffrn_id                        1 
_diffrn_radiation.filter_edge                      ? 
_diffrn_radiation.inhomogeneity                    ? 
_diffrn_radiation.monochromator                    'Numerical link type Si(111) double crystal monochromator' 
_diffrn_radiation.polarisn_norm                    ? 
_diffrn_radiation.polarisn_ratio                   ? 
_diffrn_radiation.probe                            ? 
_diffrn_radiation.type                             ? 
_diffrn_radiation.xray_symbol                      ? 
_diffrn_radiation.wavelength_id                    1 
_diffrn_radiation.pdbx_monochromatic_or_laue_m_l   M 
_diffrn_radiation.pdbx_wavelength_list             ? 
_diffrn_radiation.pdbx_wavelength                  ? 
_diffrn_radiation.pdbx_diffrn_protocol             MAD 
_diffrn_radiation.pdbx_analyzer                    ? 
_diffrn_radiation.pdbx_scattering_type             x-ray 
# 
loop_
_diffrn_radiation_wavelength.id 
_diffrn_radiation_wavelength.wavelength 
_diffrn_radiation_wavelength.wt 
1 1.073 1.0 
2 1.069 1.0 
3 1.045 1.0 
# 
_diffrn_source.current                     ? 
_diffrn_source.details                     ? 
_diffrn_source.diffrn_id                   1 
_diffrn_source.power                       ? 
_diffrn_source.size                        ? 
_diffrn_source.source                      SYNCHROTRON 
_diffrn_source.target                      ? 
_diffrn_source.type                        'PHOTON FACTORY BEAMLINE BL-5A' 
_diffrn_source.voltage                     ? 
_diffrn_source.take-off_angle              ? 
_diffrn_source.pdbx_wavelength_list        '1.073, 1.069, 1.045' 
_diffrn_source.pdbx_wavelength             ? 
_diffrn_source.pdbx_synchrotron_beamline   BL-5A 
_diffrn_source.pdbx_synchrotron_site       'Photon Factory' 
# 
_reflns.B_iso_Wilson_estimate                          ? 
_reflns.entry_id                                       8H7C 
_reflns.data_reduction_details                         ? 
_reflns.data_reduction_method                          ? 
_reflns.d_resolution_high                              2.150 
_reflns.d_resolution_low                               50.000 
_reflns.details                                        ? 
_reflns.limit_h_max                                    ? 
_reflns.limit_h_min                                    ? 
_reflns.limit_k_max                                    ? 
_reflns.limit_k_min                                    ? 
_reflns.limit_l_max                                    ? 
_reflns.limit_l_min                                    ? 
_reflns.number_all                                     ? 
_reflns.number_obs                                     10257 
_reflns.observed_criterion                             ? 
_reflns.observed_criterion_F_max                       ? 
_reflns.observed_criterion_F_min                       ? 
_reflns.observed_criterion_I_max                       ? 
_reflns.observed_criterion_I_min                       ? 
_reflns.observed_criterion_sigma_F                     ? 
_reflns.observed_criterion_sigma_I                     ? 
_reflns.percent_possible_obs                           95.500 
_reflns.R_free_details                                 ? 
_reflns.Rmerge_F_all                                   ? 
_reflns.Rmerge_F_obs                                   ? 
_reflns.Friedel_coverage                               ? 
_reflns.number_gt                                      ? 
_reflns.threshold_expression                           ? 
_reflns.pdbx_redundancy                                11.700 
_reflns.pdbx_Rmerge_I_obs                              0.075 
_reflns.pdbx_Rmerge_I_all                              ? 
_reflns.pdbx_Rsym_value                                ? 
_reflns.pdbx_netI_over_av_sigmaI                       ? 
_reflns.pdbx_netI_over_sigmaI                          5.500 
_reflns.pdbx_res_netI_over_av_sigmaI_2                 ? 
_reflns.pdbx_res_netI_over_sigmaI_2                    ? 
_reflns.pdbx_chi_squared                               0.964 
_reflns.pdbx_scaling_rejects                           ? 
_reflns.pdbx_d_res_high_opt                            ? 
_reflns.pdbx_d_res_low_opt                             ? 
_reflns.pdbx_d_res_opt_method                          ? 
_reflns.phase_calculation_details                      ? 
_reflns.pdbx_Rrim_I_all                                0.078 
_reflns.pdbx_Rpim_I_all                                0.022 
_reflns.pdbx_d_opt                                     ? 
_reflns.pdbx_number_measured_all                       119496 
_reflns.pdbx_diffrn_id                                 1 
_reflns.pdbx_ordinal                                   1 
_reflns.pdbx_CC_half                                   ? 
_reflns.pdbx_CC_star                                   ? 
_reflns.pdbx_R_split                                   ? 
_reflns.pdbx_aniso_diffraction_limit_axis_1_ortho[1]   ? 
_reflns.pdbx_aniso_diffraction_limit_axis_1_ortho[2]   ? 
_reflns.pdbx_aniso_diffraction_limit_axis_1_ortho[3]   ? 
_reflns.pdbx_aniso_diffraction_limit_axis_2_ortho[1]   ? 
_reflns.pdbx_aniso_diffraction_limit_axis_2_ortho[2]   ? 
_reflns.pdbx_aniso_diffraction_limit_axis_2_ortho[3]   ? 
_reflns.pdbx_aniso_diffraction_limit_axis_3_ortho[1]   ? 
_reflns.pdbx_aniso_diffraction_limit_axis_3_ortho[2]   ? 
_reflns.pdbx_aniso_diffraction_limit_axis_3_ortho[3]   ? 
_reflns.pdbx_aniso_diffraction_limit_1                 ? 
_reflns.pdbx_aniso_diffraction_limit_2                 ? 
_reflns.pdbx_aniso_diffraction_limit_3                 ? 
_reflns.pdbx_aniso_B_tensor_eigenvector_1_ortho[1]     ? 
_reflns.pdbx_aniso_B_tensor_eigenvector_1_ortho[2]     ? 
_reflns.pdbx_aniso_B_tensor_eigenvector_1_ortho[3]     ? 
_reflns.pdbx_aniso_B_tensor_eigenvector_2_ortho[1]     ? 
_reflns.pdbx_aniso_B_tensor_eigenvector_2_ortho[2]     ? 
_reflns.pdbx_aniso_B_tensor_eigenvector_2_ortho[3]     ? 
_reflns.pdbx_aniso_B_tensor_eigenvector_3_ortho[1]     ? 
_reflns.pdbx_aniso_B_tensor_eigenvector_3_ortho[2]     ? 
_reflns.pdbx_aniso_B_tensor_eigenvector_3_ortho[3]     ? 
_reflns.pdbx_aniso_B_tensor_eigenvalue_1               ? 
_reflns.pdbx_aniso_B_tensor_eigenvalue_2               ? 
_reflns.pdbx_aniso_B_tensor_eigenvalue_3               ? 
_reflns.pdbx_orthogonalization_convention              ? 
_reflns.pdbx_percent_possible_ellipsoidal              ? 
_reflns.pdbx_percent_possible_spherical                ? 
_reflns.pdbx_percent_possible_ellipsoidal_anomalous    ? 
_reflns.pdbx_percent_possible_spherical_anomalous      ? 
_reflns.pdbx_redundancy_anomalous                      ? 
_reflns.pdbx_CC_half_anomalous                         ? 
_reflns.pdbx_absDiff_over_sigma_anomalous              ? 
_reflns.pdbx_percent_possible_anomalous                ? 
_reflns.pdbx_observed_signal_threshold                 ? 
_reflns.pdbx_signal_type                               ? 
_reflns.pdbx_signal_details                            ? 
_reflns.pdbx_signal_software_id                        ? 
_reflns.pdbx_CC_split_method                           ? 
# 
loop_
_reflns_shell.d_res_high 
_reflns_shell.d_res_low 
_reflns_shell.meanI_over_sigI_all 
_reflns_shell.meanI_over_sigI_obs 
_reflns_shell.number_measured_all 
_reflns_shell.number_measured_obs 
_reflns_shell.number_possible 
_reflns_shell.number_unique_all 
_reflns_shell.number_unique_obs 
_reflns_shell.percent_possible_all 
_reflns_shell.percent_possible_obs 
_reflns_shell.Rmerge_F_all 
_reflns_shell.Rmerge_F_obs 
_reflns_shell.Rmerge_I_all 
_reflns_shell.Rmerge_I_obs 
_reflns_shell.meanI_over_sigI_gt 
_reflns_shell.meanI_over_uI_all 
_reflns_shell.meanI_over_uI_gt 
_reflns_shell.number_measured_gt 
_reflns_shell.number_unique_gt 
_reflns_shell.percent_possible_gt 
_reflns_shell.Rmerge_F_gt 
_reflns_shell.Rmerge_I_gt 
_reflns_shell.pdbx_redundancy 
_reflns_shell.pdbx_Rsym_value 
_reflns_shell.pdbx_chi_squared 
_reflns_shell.pdbx_netI_over_sigmaI_all 
_reflns_shell.pdbx_netI_over_sigmaI_obs 
_reflns_shell.pdbx_Rrim_I_all 
_reflns_shell.pdbx_Rpim_I_all 
_reflns_shell.pdbx_rejects 
_reflns_shell.pdbx_ordinal 
_reflns_shell.pdbx_diffrn_id 
_reflns_shell.pdbx_CC_half 
_reflns_shell.pdbx_CC_star 
_reflns_shell.pdbx_R_split 
_reflns_shell.pdbx_percent_possible_ellipsoidal 
_reflns_shell.pdbx_percent_possible_spherical 
_reflns_shell.pdbx_percent_possible_ellipsoidal_anomalous 
_reflns_shell.pdbx_percent_possible_spherical_anomalous 
_reflns_shell.pdbx_redundancy_anomalous 
_reflns_shell.pdbx_CC_half_anomalous 
_reflns_shell.pdbx_absDiff_over_sigma_anomalous 
_reflns_shell.pdbx_percent_possible_anomalous 
2.150 2.190  ? ? ? ? ? ? 375 71.600  ? ? ? ? 0.500 ? ? ? ? ? ? ? ? 7.800  ? 0.933 ? ? 0.532 0.174 ? 1  1 0.922 ? ? ? ? ? ? ? ? ? ? 
2.190 2.230  ? ? ? ? ? ? 399 77.300  ? ? ? ? 0.556 ? ? ? ? ? ? ? ? 8.000  ? 1.013 ? ? 0.590 0.189 ? 2  1 0.894 ? ? ? ? ? ? ? ? ? ? 
2.230 2.270  ? ? ? ? ? ? 440 82.700  ? ? ? ? 0.534 ? ? ? ? ? ? ? ? 9.100  ? 1.010 ? ? 0.564 0.175 ? 3  1 0.918 ? ? ? ? ? ? ? ? ? ? 
2.270 2.320  ? ? ? ? ? ? 451 86.200  ? ? ? ? 0.492 ? ? ? ? ? ? ? ? 9.200  ? 0.997 ? ? 0.520 0.161 ? 4  1 0.929 ? ? ? ? ? ? ? ? ? ? 
2.320 2.370  ? ? ? ? ? ? 497 94.100  ? ? ? ? 0.354 ? ? ? ? ? ? ? ? 9.500  ? 1.012 ? ? 0.373 0.114 ? 5  1 0.976 ? ? ? ? ? ? ? ? ? ? 
2.370 2.420  ? ? ? ? ? ? 515 96.600  ? ? ? ? 0.385 ? ? ? ? ? ? ? ? 10.500 ? 1.006 ? ? 0.405 0.121 ? 6  1 0.963 ? ? ? ? ? ? ? ? ? ? 
2.420 2.480  ? ? ? ? ? ? 509 98.800  ? ? ? ? 0.388 ? ? ? ? ? ? ? ? 11.400 ? 0.986 ? ? 0.406 0.117 ? 7  1 0.974 ? ? ? ? ? ? ? ? ? ? 
2.480 2.550  ? ? ? ? ? ? 541 99.600  ? ? ? ? 0.333 ? ? ? ? ? ? ? ? 12.200 ? 1.012 ? ? 0.347 0.098 ? 8  1 0.981 ? ? ? ? ? ? ? ? ? ? 
2.550 2.620  ? ? ? ? ? ? 530 99.800  ? ? ? ? 0.285 ? ? ? ? ? ? ? ? 12.600 ? 1.023 ? ? 0.297 0.083 ? 9  1 0.985 ? ? ? ? ? ? ? ? ? ? 
2.620 2.710  ? ? ? ? ? ? 518 100.000 ? ? ? ? 0.279 ? ? ? ? ? ? ? ? 12.600 ? 1.007 ? ? 0.290 0.081 ? 10 1 0.984 ? ? ? ? ? ? ? ? ? ? 
2.710 2.810  ? ? ? ? ? ? 559 100.000 ? ? ? ? 0.202 ? ? ? ? ? ? ? ? 12.600 ? 1.029 ? ? 0.210 0.059 ? 11 1 0.991 ? ? ? ? ? ? ? ? ? ? 
2.810 2.920  ? ? ? ? ? ? 511 100.000 ? ? ? ? 0.170 ? ? ? ? ? ? ? ? 12.600 ? 1.015 ? ? 0.177 0.049 ? 12 1 0.996 ? ? ? ? ? ? ? ? ? ? 
2.920 3.050  ? ? ? ? ? ? 536 100.000 ? ? ? ? 0.143 ? ? ? ? ? ? ? ? 12.900 ? 1.014 ? ? 0.149 0.041 ? 13 1 0.996 ? ? ? ? ? ? ? ? ? ? 
3.050 3.210  ? ? ? ? ? ? 544 100.000 ? ? ? ? 0.129 ? ? ? ? ? ? ? ? 13.300 ? 1.001 ? ? 0.134 0.036 ? 14 1 0.997 ? ? ? ? ? ? ? ? ? ? 
3.210 3.410  ? ? ? ? ? ? 531 100.000 ? ? ? ? 0.088 ? ? ? ? ? ? ? ? 13.200 ? 0.988 ? ? 0.092 0.025 ? 15 1 0.998 ? ? ? ? ? ? ? ? ? ? 
3.410 3.680  ? ? ? ? ? ? 541 100.000 ? ? ? ? 0.069 ? ? ? ? ? ? ? ? 12.500 ? 0.942 ? ? 0.071 0.020 ? 16 1 0.999 ? ? ? ? ? ? ? ? ? ? 
3.680 4.050  ? ? ? ? ? ? 543 100.000 ? ? ? ? 0.054 ? ? ? ? ? ? ? ? 12.600 ? 0.955 ? ? 0.057 0.016 ? 17 1 0.999 ? ? ? ? ? ? ? ? ? ? 
4.050 4.630  ? ? ? ? ? ? 547 100.000 ? ? ? ? 0.048 ? ? ? ? ? ? ? ? 13.300 ? 0.876 ? ? 0.049 0.013 ? 18 1 0.999 ? ? ? ? ? ? ? ? ? ? 
4.630 5.830  ? ? ? ? ? ? 558 100.000 ? ? ? ? 0.045 ? ? ? ? ? ? ? ? 12.100 ? 0.812 ? ? 0.047 0.013 ? 19 1 0.999 ? ? ? ? ? ? ? ? ? ? 
5.830 50.000 ? ? ? ? ? ? 612 100.000 ? ? ? ? 0.035 ? ? ? ? ? ? ? ? 11.800 ? 0.734 ? ? 0.037 0.011 ? 20 1 1.000 ? ? ? ? ? ? ? ? ? ? 
# 
_refine.aniso_B[1][1]                            -0.0200 
_refine.aniso_B[1][2]                            0.0000 
_refine.aniso_B[1][3]                            0.0000 
_refine.aniso_B[2][2]                            -0.1300 
_refine.aniso_B[2][3]                            0.0000 
_refine.aniso_B[3][3]                            0.1500 
_refine.B_iso_max                                110.700 
_refine.B_iso_mean                               35.8340 
_refine.B_iso_min                                10.460 
_refine.correlation_coeff_Fo_to_Fc               0.9200 
_refine.correlation_coeff_Fo_to_Fc_free          0.9190 
_refine.details                                  
'HYDROGENS HAVE BEEN ADDED IN THE RIDING POSITIONS U VALUES      : REFINED INDIVIDUALLY' 
_refine.diff_density_max                         ? 
_refine.diff_density_max_esd                     ? 
_refine.diff_density_min                         ? 
_refine.diff_density_min_esd                     ? 
_refine.diff_density_rms                         ? 
_refine.diff_density_rms_esd                     ? 
_refine.entry_id                                 8H7C 
_refine.pdbx_refine_id                           'X-RAY DIFFRACTION' 
_refine.ls_abs_structure_details                 ? 
_refine.ls_abs_structure_Flack                   ? 
_refine.ls_abs_structure_Flack_esd               ? 
_refine.ls_abs_structure_Rogers                  ? 
_refine.ls_abs_structure_Rogers_esd              ? 
_refine.ls_d_res_high                            2.1500 
_refine.ls_d_res_low                             50.0 
_refine.ls_extinction_coef                       ? 
_refine.ls_extinction_coef_esd                   ? 
_refine.ls_extinction_expression                 ? 
_refine.ls_extinction_method                     ? 
_refine.ls_goodness_of_fit_all                   ? 
_refine.ls_goodness_of_fit_all_esd               ? 
_refine.ls_goodness_of_fit_obs                   ? 
_refine.ls_goodness_of_fit_obs_esd               ? 
_refine.ls_hydrogen_treatment                    ? 
_refine.ls_matrix_type                           ? 
_refine.ls_number_constraints                    ? 
_refine.ls_number_parameters                     ? 
_refine.ls_number_reflns_all                     ? 
_refine.ls_number_reflns_obs                     8975 
_refine.ls_number_reflns_R_free                  464 
_refine.ls_number_reflns_R_work                  ? 
_refine.ls_number_restraints                     ? 
_refine.ls_percent_reflns_obs                    88.0800 
_refine.ls_percent_reflns_R_free                 4.9000 
_refine.ls_R_factor_all                          ? 
_refine.ls_R_factor_obs                          0.2347 
_refine.ls_R_factor_R_free                       0.2704 
_refine.ls_R_factor_R_free_error                 ? 
_refine.ls_R_factor_R_free_error_details         ? 
_refine.ls_R_factor_R_work                       0.2327 
_refine.ls_R_Fsqd_factor_obs                     ? 
_refine.ls_R_I_factor_obs                        ? 
_refine.ls_redundancy_reflns_all                 ? 
_refine.ls_redundancy_reflns_obs                 ? 
_refine.ls_restrained_S_all                      ? 
_refine.ls_restrained_S_obs                      ? 
_refine.ls_shift_over_esd_max                    ? 
_refine.ls_shift_over_esd_mean                   ? 
_refine.ls_structure_factor_coef                 ? 
_refine.ls_weighting_details                     ? 
_refine.ls_weighting_scheme                      ? 
_refine.ls_wR_factor_all                         ? 
_refine.ls_wR_factor_obs                         ? 
_refine.ls_wR_factor_R_free                      ? 
_refine.ls_wR_factor_R_work                      ? 
_refine.occupancy_max                            ? 
_refine.occupancy_min                            ? 
_refine.solvent_model_details                    MASK 
_refine.solvent_model_param_bsol                 ? 
_refine.solvent_model_param_ksol                 ? 
_refine.pdbx_R_complete                          ? 
_refine.ls_R_factor_gt                           ? 
_refine.ls_goodness_of_fit_gt                    ? 
_refine.ls_goodness_of_fit_ref                   ? 
_refine.ls_shift_over_su_max                     ? 
_refine.ls_shift_over_su_max_lt                  ? 
_refine.ls_shift_over_su_mean                    ? 
_refine.ls_shift_over_su_mean_lt                 ? 
_refine.pdbx_ls_sigma_I                          ? 
_refine.pdbx_ls_sigma_F                          0.000 
_refine.pdbx_ls_sigma_Fsqd                       ? 
_refine.pdbx_data_cutoff_high_absF               ? 
_refine.pdbx_data_cutoff_high_rms_absF           ? 
_refine.pdbx_data_cutoff_low_absF                ? 
_refine.pdbx_isotropic_thermal_model             ? 
_refine.pdbx_ls_cross_valid_method               THROUGHOUT 
_refine.pdbx_method_to_determine_struct          MAD 
_refine.pdbx_starting_model                      ? 
_refine.pdbx_stereochemistry_target_values       'MAXIMUM LIKELIHOOD' 
_refine.pdbx_R_Free_selection_details            RANDOM 
_refine.pdbx_stereochem_target_val_spec_case     ? 
_refine.pdbx_overall_ESU_R                       0.4450 
_refine.pdbx_overall_ESU_R_Free                  0.2650 
_refine.pdbx_solvent_vdw_probe_radii             1.2000 
_refine.pdbx_solvent_ion_probe_radii             0.8000 
_refine.pdbx_solvent_shrinkage_radii             0.8000 
_refine.pdbx_real_space_R                        ? 
_refine.pdbx_density_correlation                 ? 
_refine.pdbx_pd_number_of_powder_patterns        ? 
_refine.pdbx_pd_number_of_points                 ? 
_refine.pdbx_pd_meas_number_of_points            ? 
_refine.pdbx_pd_proc_ls_prof_R_factor            ? 
_refine.pdbx_pd_proc_ls_prof_wR_factor           ? 
_refine.pdbx_pd_Marquardt_correlation_coeff      ? 
_refine.pdbx_pd_Fsqrd_R_factor                   ? 
_refine.pdbx_pd_ls_matrix_band_width             ? 
_refine.pdbx_overall_phase_error                 ? 
_refine.pdbx_overall_SU_R_free_Cruickshank_DPI   ? 
_refine.pdbx_overall_SU_R_free_Blow_DPI          ? 
_refine.pdbx_overall_SU_R_Blow_DPI               ? 
_refine.pdbx_TLS_residual_ADP_flag               ? 
_refine.pdbx_diffrn_id                           1 
_refine.overall_SU_B                             7.8650 
_refine.overall_SU_ML                            0.1960 
_refine.overall_SU_R_Cruickshank_DPI             0.4453 
_refine.overall_SU_R_free                        ? 
_refine.overall_FOM_free_R_set                   ? 
_refine.overall_FOM_work_R_set                   ? 
_refine.pdbx_average_fsc_overall                 ? 
_refine.pdbx_average_fsc_work                    ? 
_refine.pdbx_average_fsc_free                    ? 
# 
_refine_hist.pdbx_refine_id                   'X-RAY DIFFRACTION' 
_refine_hist.cycle_id                         final 
_refine_hist.details                          ? 
_refine_hist.d_res_high                       2.1500 
_refine_hist.d_res_low                        50.0 
_refine_hist.number_atoms_solvent             41 
_refine_hist.number_atoms_total               1628 
_refine_hist.number_reflns_all                ? 
_refine_hist.number_reflns_obs                ? 
_refine_hist.number_reflns_R_free             ? 
_refine_hist.number_reflns_R_work             ? 
_refine_hist.R_factor_all                     ? 
_refine_hist.R_factor_obs                     ? 
_refine_hist.R_factor_R_free                  ? 
_refine_hist.R_factor_R_work                  ? 
_refine_hist.pdbx_number_residues_total       182 
_refine_hist.pdbx_B_iso_mean_ligand           29.55 
_refine_hist.pdbx_B_iso_mean_solvent          30.80 
_refine_hist.pdbx_number_atoms_protein        1576 
_refine_hist.pdbx_number_atoms_nucleic_acid   0 
_refine_hist.pdbx_number_atoms_ligand         11 
_refine_hist.pdbx_number_atoms_lipid          ? 
_refine_hist.pdbx_number_atoms_carb           ? 
_refine_hist.pdbx_pseudo_atom_details         ? 
# 
loop_
_refine_ls_restr.pdbx_refine_id 
_refine_ls_restr.criterion 
_refine_ls_restr.dev_ideal 
_refine_ls_restr.dev_ideal_target 
_refine_ls_restr.number 
_refine_ls_restr.rejects 
_refine_ls_restr.type 
_refine_ls_restr.weight 
_refine_ls_restr.pdbx_restraint_function 
'X-RAY DIFFRACTION' ? 0.009  0.019  1647 ? r_bond_refined_d       ? ? 
'X-RAY DIFFRACTION' ? 0.006  0.020  1583 ? r_bond_other_d         ? ? 
'X-RAY DIFFRACTION' ? 1.265  1.899  2224 ? r_angle_refined_deg    ? ? 
'X-RAY DIFFRACTION' ? 0.926  3.000  3593 ? r_angle_other_deg      ? ? 
'X-RAY DIFFRACTION' ? 5.206  5.000  184  ? r_dihedral_angle_1_deg ? ? 
'X-RAY DIFFRACTION' ? 38.711 24.234 111  ? r_dihedral_angle_2_deg ? ? 
'X-RAY DIFFRACTION' ? 18.186 15.000 303  ? r_dihedral_angle_3_deg ? ? 
'X-RAY DIFFRACTION' ? 15.645 15.000 14   ? r_dihedral_angle_4_deg ? ? 
'X-RAY DIFFRACTION' ? 0.072  0.200  239  ? r_chiral_restr         ? ? 
'X-RAY DIFFRACTION' ? 0.004  0.020  1900 ? r_gen_planes_refined   ? ? 
'X-RAY DIFFRACTION' ? 0.001  0.020  460  ? r_gen_planes_other     ? ? 
# 
_refine_ls_shell.pdbx_refine_id                   'X-RAY DIFFRACTION' 
_refine_ls_shell.d_res_high                       2.1510 
_refine_ls_shell.d_res_low                        2.2070 
_refine_ls_shell.number_reflns_all                386 
_refine_ls_shell.number_reflns_obs                ? 
_refine_ls_shell.number_reflns_R_free             17 
_refine_ls_shell.number_reflns_R_work             369 
_refine_ls_shell.percent_reflns_obs               49.9400 
_refine_ls_shell.percent_reflns_R_free            ? 
_refine_ls_shell.R_factor_all                     ? 
_refine_ls_shell.R_factor_obs                     ? 
_refine_ls_shell.R_factor_R_free                  0.2370 
_refine_ls_shell.R_factor_R_free_error            0.0000 
_refine_ls_shell.R_factor_R_work                  0.2690 
_refine_ls_shell.redundancy_reflns_all            ? 
_refine_ls_shell.redundancy_reflns_obs            ? 
_refine_ls_shell.wR_factor_all                    ? 
_refine_ls_shell.wR_factor_obs                    ? 
_refine_ls_shell.wR_factor_R_free                 ? 
_refine_ls_shell.wR_factor_R_work                 ? 
_refine_ls_shell.pdbx_R_complete                  ? 
_refine_ls_shell.pdbx_total_number_of_bins_used   20 
_refine_ls_shell.pdbx_phase_error                 ? 
_refine_ls_shell.pdbx_fsc_work                    ? 
_refine_ls_shell.pdbx_fsc_free                    ? 
# 
_struct.entry_id                     8H7C 
_struct.title                        
'Crystal structure of a de novo enzyme, ferric enterobactin esterase Syn-F4 (K4T) - Pt derivative' 
_struct.pdbx_model_details           ? 
_struct.pdbx_formula_weight          ? 
_struct.pdbx_formula_weight_method   ? 
_struct.pdbx_model_type_details      ? 
_struct.pdbx_CASP_flag               N 
# 
_struct_keywords.entry_id        8H7C 
_struct_keywords.text            
'Binary patterned library, De novo enzyme, Dimeric 4-helix bundle, Ferric enterobactin esterase, DE NOVO PROTEIN' 
_struct_keywords.pdbx_keywords   'DE NOVO PROTEIN' 
# 
loop_
_struct_asym.id 
_struct_asym.pdbx_blank_PDB_chainid_flag 
_struct_asym.pdbx_modified 
_struct_asym.entity_id 
_struct_asym.details 
A N N 1 ? 
B N N 1 ? 
C N N 2 ? 
D N N 3 ? 
E N N 4 ? 
F N N 5 ? 
G N N 6 ? 
H N N 6 ? 
# 
loop_
_struct_conf.conf_type_id 
_struct_conf.id 
_struct_conf.pdbx_PDB_helix_id 
_struct_conf.beg_label_comp_id 
_struct_conf.beg_label_asym_id 
_struct_conf.beg_label_seq_id 
_struct_conf.pdbx_beg_PDB_ins_code 
_struct_conf.end_label_comp_id 
_struct_conf.end_label_asym_id 
_struct_conf.end_label_seq_id 
_struct_conf.pdbx_end_PDB_ins_code 
_struct_conf.beg_auth_comp_id 
_struct_conf.beg_auth_asym_id 
_struct_conf.beg_auth_seq_id 
_struct_conf.end_auth_comp_id 
_struct_conf.end_auth_asym_id 
_struct_conf.end_auth_seq_id 
_struct_conf.pdbx_PDB_helix_class 
_struct_conf.details 
_struct_conf.pdbx_PDB_helix_length 
HELX_P HELX_P1 AA1 GLY A 3  ? MET A 48  ? GLY A 3  MET A 48  1 ? 46 
HELX_P HELX_P2 AA2 GLN A 58 ? HIS A 101 ? GLN A 58 HIS A 101 1 ? 44 
HELX_P HELX_P3 AA3 THR B 4  ? HIS B 46  ? THR B 4  HIS B 46  1 ? 43 
HELX_P HELX_P4 AA4 LEU B 57 ? HIS B 101 ? LEU B 57 HIS B 101 1 ? 45 
# 
_struct_conf_type.id          HELX_P 
_struct_conf_type.criteria    ? 
_struct_conf_type.reference   ? 
# 
_struct_conn.id                            metalc1 
_struct_conn.conn_type_id                  metalc 
_struct_conn.pdbx_leaving_atom_flag        ? 
_struct_conn.pdbx_PDB_id                   ? 
_struct_conn.ptnr1_label_asym_id           A 
_struct_conn.ptnr1_label_comp_id           HIS 
_struct_conn.ptnr1_label_seq_id            31 
_struct_conn.ptnr1_label_atom_id           ND1 
_struct_conn.pdbx_ptnr1_label_alt_id       ? 
_struct_conn.pdbx_ptnr1_PDB_ins_code       ? 
_struct_conn.pdbx_ptnr1_standard_comp_id   ? 
_struct_conn.ptnr1_symmetry                1_555 
_struct_conn.ptnr2_label_asym_id           C 
_struct_conn.ptnr2_label_comp_id           PT 
_struct_conn.ptnr2_label_seq_id            . 
_struct_conn.ptnr2_label_atom_id           PT 
_struct_conn.pdbx_ptnr2_label_alt_id       ? 
_struct_conn.pdbx_ptnr2_PDB_ins_code       ? 
_struct_conn.ptnr1_auth_asym_id            A 
_struct_conn.ptnr1_auth_comp_id            HIS 
_struct_conn.ptnr1_auth_seq_id             31 
_struct_conn.ptnr2_auth_asym_id            A 
_struct_conn.ptnr2_auth_comp_id            PT 
_struct_conn.ptnr2_auth_seq_id             201 
_struct_conn.ptnr2_symmetry                1_555 
_struct_conn.pdbx_ptnr3_label_atom_id      ? 
_struct_conn.pdbx_ptnr3_label_seq_id       ? 
_struct_conn.pdbx_ptnr3_label_comp_id      ? 
_struct_conn.pdbx_ptnr3_label_asym_id      ? 
_struct_conn.pdbx_ptnr3_label_alt_id       ? 
_struct_conn.pdbx_ptnr3_PDB_ins_code       ? 
_struct_conn.details                       ? 
_struct_conn.pdbx_dist_value               2.391 
_struct_conn.pdbx_value_order              ? 
_struct_conn.pdbx_role                     ? 
# 
_struct_conn_type.id          metalc 
_struct_conn_type.criteria    ? 
_struct_conn_type.reference   ? 
# 
_atom_sites.entry_id                    8H7C 
_atom_sites.Cartn_transf_matrix[1][1]   ? 
_atom_sites.Cartn_transf_matrix[1][2]   ? 
_atom_sites.Cartn_transf_matrix[1][3]   ? 
_atom_sites.Cartn_transf_matrix[2][1]   ? 
_atom_sites.Cartn_transf_matrix[2][2]   ? 
_atom_sites.Cartn_transf_matrix[2][3]   ? 
_atom_sites.Cartn_transf_matrix[3][1]   ? 
_atom_sites.Cartn_transf_matrix[3][2]   ? 
_atom_sites.Cartn_transf_matrix[3][3]   ? 
_atom_sites.Cartn_transf_vector[1]      ? 
_atom_sites.Cartn_transf_vector[2]      ? 
_atom_sites.Cartn_transf_vector[3]      ? 
_atom_sites.fract_transf_matrix[1][1]   0.00309027 
_atom_sites.fract_transf_matrix[1][2]   0.02030788 
_atom_sites.fract_transf_matrix[1][3]   -0.00350773 
_atom_sites.fract_transf_matrix[2][1]   -0.01141497 
_atom_sites.fract_transf_matrix[2][2]   0.00363815 
_atom_sites.fract_transf_matrix[2][3]   0.01100648 
_atom_sites.fract_transf_matrix[3][1]   0.00540260 
_atom_sites.fract_transf_matrix[3][2]   0.00013782 
_atom_sites.fract_transf_matrix[3][3]   0.00555755 
_atom_sites.fract_transf_vector[1]      0.257179 
_atom_sites.fract_transf_vector[2]      0.323069 
_atom_sites.fract_transf_vector[3]      0.452972 
_atom_sites.solution_primary            ? 
_atom_sites.solution_secondary          ? 
_atom_sites.solution_hydrogens          ? 
_atom_sites.special_details             ? 
# 
loop_
_atom_type.symbol 
C  
CL 
N  
O  
PT 
S  
# 
loop_
_atom_site.group_PDB 
_atom_site.id 
_atom_site.type_symbol 
_atom_site.label_atom_id 
_atom_site.label_alt_id 
_atom_site.label_comp_id 
_atom_site.label_asym_id 
_atom_site.label_entity_id 
_atom_site.label_seq_id 
_atom_site.pdbx_PDB_ins_code 
_atom_site.Cartn_x 
_atom_site.Cartn_y 
_atom_site.Cartn_z 
_atom_site.occupancy 
_atom_site.B_iso_or_equiv 
_atom_site.pdbx_formal_charge 
_atom_site.auth_seq_id 
_atom_site.auth_comp_id 
_atom_site.auth_asym_id 
_atom_site.auth_atom_id 
_atom_site.pdbx_PDB_model_num 
ATOM   1    N  N   . GLY A 1 3   ? 32.901  5.326   6.051   1.00 77.04  ? 3   GLY A N   1 
ATOM   2    C  CA  . GLY A 1 3   ? 32.852  4.362   4.908   1.00 72.19  ? 3   GLY A CA  1 
ATOM   3    C  C   . GLY A 1 3   ? 31.658  4.591   4.001   1.00 68.28  ? 3   GLY A C   1 
ATOM   4    O  O   . GLY A 1 3   ? 30.776  5.395   4.307   1.00 72.46  ? 3   GLY A O   1 
ATOM   5    N  N   . THR A 1 4   ? 31.640  3.887   2.873   1.00 59.32  ? 4   THR A N   1 
ATOM   6    C  CA  . THR A 1 4   ? 30.474  3.893   1.974   1.00 55.84  ? 4   THR A CA  1 
ATOM   7    C  C   . THR A 1 4   ? 29.302  3.033   2.512   1.00 51.36  ? 4   THR A C   1 
ATOM   8    O  O   . THR A 1 4   ? 28.224  3.037   1.940   1.00 49.75  ? 4   THR A O   1 
ATOM   9    C  CB  . THR A 1 4   ? 30.839  3.510   0.512   1.00 56.94  ? 4   THR A CB  1 
ATOM   10   O  OG1 . THR A 1 4   ? 29.697  3.683   -0.342  1.00 56.41  ? 4   THR A OG1 1 
ATOM   11   C  CG2 . THR A 1 4   ? 31.307  2.088   0.403   1.00 56.73  ? 4   THR A CG2 1 
ATOM   12   N  N   . LEU A 1 5   ? 29.529  2.280   3.580   1.00 45.41  ? 5   LEU A N   1 
ATOM   13   C  CA  . LEU A 1 5   ? 28.444  1.669   4.328   1.00 43.90  ? 5   LEU A CA  1 
ATOM   14   C  C   . LEU A 1 5   ? 27.684  2.716   5.150   1.00 41.59  ? 5   LEU A C   1 
ATOM   15   O  O   . LEU A 1 5   ? 26.497  2.559   5.401   1.00 38.53  ? 5   LEU A O   1 
ATOM   16   C  CB  . LEU A 1 5   ? 28.979  0.549   5.237   1.00 44.88  ? 5   LEU A CB  1 
ATOM   17   C  CG  . LEU A 1 5   ? 28.029  -0.571  5.682   1.00 45.31  ? 5   LEU A CG  1 
ATOM   18   C  CD1 . LEU A 1 5   ? 27.399  -1.327  4.513   1.00 45.02  ? 5   LEU A CD1 1 
ATOM   19   C  CD2 . LEU A 1 5   ? 28.783  -1.539  6.582   1.00 44.87  ? 5   LEU A CD2 1 
ATOM   20   N  N   . ASN A 1 6   ? 28.371  3.776   5.571   1.00 41.64  ? 6   ASN A N   1 
ATOM   21   C  CA  . ASN A 1 6   ? 27.730  4.876   6.311   1.00 43.14  ? 6   ASN A CA  1 
ATOM   22   C  C   . ASN A 1 6   ? 26.643  5.560   5.495   1.00 40.31  ? 6   ASN A C   1 
ATOM   23   O  O   . ASN A 1 6   ? 25.587  5.885   6.019   1.00 38.59  ? 6   ASN A O   1 
ATOM   24   C  CB  . ASN A 1 6   ? 28.738  5.947   6.736   1.00 45.47  ? 6   ASN A CB  1 
ATOM   25   C  CG  . ASN A 1 6   ? 29.766  5.436   7.723   1.00 48.90  ? 6   ASN A CG  1 
ATOM   26   O  OD1 . ASN A 1 6   ? 30.578  4.558   7.400   1.00 49.60  ? 6   ASN A OD1 1 
ATOM   27   N  ND2 . ASN A 1 6   ? 29.756  5.996   8.932   1.00 51.81  ? 6   ASN A ND2 1 
ATOM   28   N  N   . GLN A 1 7   ? 26.932  5.806   4.220   1.00 40.69  ? 7   GLN A N   1 
ATOM   29   C  CA  . GLN A 1 7   ? 25.949  6.394   3.314   1.00 41.32  ? 7   GLN A CA  1 
ATOM   30   C  C   . GLN A 1 7   ? 24.771  5.443   3.026   1.00 37.53  ? 7   GLN A C   1 
ATOM   31   O  O   . GLN A 1 7   ? 23.629  5.892   2.960   1.00 32.05  ? 7   GLN A O   1 
ATOM   32   C  CB  . GLN A 1 7   ? 26.607  6.905   2.029   1.00 47.04  ? 7   GLN A CB  1 
ATOM   33   C  CG  . GLN A 1 7   ? 27.203  5.836   1.124   1.00 54.59  ? 7   GLN A CG  1 
ATOM   34   C  CD  . GLN A 1 7   ? 27.809  6.369   -0.176  1.00 64.89  ? 7   GLN A CD  1 
ATOM   35   O  OE1 . GLN A 1 7   ? 27.685  5.725   -1.224  1.00 70.99  ? 7   GLN A OE1 1 
ATOM   36   N  NE2 . GLN A 1 7   ? 28.481  7.526   -0.119  1.00 68.06  ? 7   GLN A NE2 1 
ATOM   37   N  N   . LEU A 1 8   ? 25.053  4.141   2.886   1.00 35.90  ? 8   LEU A N   1 
ATOM   38   C  CA  . LEU A 1 8   ? 24.008  3.133   2.639   1.00 35.08  ? 8   LEU A CA  1 
ATOM   39   C  C   . LEU A 1 8   ? 23.070  3.019   3.818   1.00 30.57  ? 8   LEU A C   1 
ATOM   40   O  O   . LEU A 1 8   ? 21.863  2.998   3.634   1.00 29.36  ? 8   LEU A O   1 
ATOM   41   C  CB  . LEU A 1 8   ? 24.586  1.742   2.353   1.00 37.66  ? 8   LEU A CB  1 
ATOM   42   C  CG  . LEU A 1 8   ? 25.492  1.540   1.138   1.00 41.07  ? 8   LEU A CG  1 
ATOM   43   C  CD1 . LEU A 1 8   ? 25.830  0.061   1.009   1.00 43.17  ? 8   LEU A CD1 1 
ATOM   44   C  CD2 . LEU A 1 8   ? 24.906  2.061   -0.164  1.00 42.16  ? 8   LEU A CD2 1 
ATOM   45   N  N   . PHE A 1 9   ? 23.634  2.907   5.012   1.00 27.67  ? 9   PHE A N   1 
ATOM   46   C  CA  . PHE A 1 9   ? 22.850  2.951   6.229   1.00 27.96  ? 9   PHE A CA  1 
ATOM   47   C  C   . PHE A 1 9   ? 21.980  4.203   6.317   1.00 27.28  ? 9   PHE A C   1 
ATOM   48   O  O   . PHE A 1 9   ? 20.817  4.136   6.705   1.00 25.84  ? 9   PHE A O   1 
ATOM   49   C  CB  . PHE A 1 9   ? 23.732  2.941   7.459   1.00 28.44  ? 9   PHE A CB  1 
ATOM   50   C  CG  . PHE A 1 9   ? 22.965  3.181   8.715   1.00 29.65  ? 9   PHE A CG  1 
ATOM   51   C  CD1 . PHE A 1 9   ? 22.002  2.271   9.125   1.00 31.29  ? 9   PHE A CD1 1 
ATOM   52   C  CD2 . PHE A 1 9   ? 23.155  4.329   9.459   1.00 32.95  ? 9   PHE A CD2 1 
ATOM   53   C  CE1 . PHE A 1 9   ? 21.274  2.477   10.281  1.00 31.99  ? 9   PHE A CE1 1 
ATOM   54   C  CE2 . PHE A 1 9   ? 22.414  4.555   10.615  1.00 33.99  ? 9   PHE A CE2 1 
ATOM   55   C  CZ  . PHE A 1 9   ? 21.471  3.626   11.024  1.00 33.17  ? 9   PHE A CZ  1 
ATOM   56   N  N   . HIS A 1 10  ? 22.573  5.342   5.979   1.00 26.33  ? 10  HIS A N   1 
ATOM   57   C  CA  . HIS A 1 10  ? 21.899  6.638   6.060   1.00 25.26  ? 10  HIS A CA  1 
ATOM   58   C  C   . HIS A 1 10  ? 20.748  6.673   5.051   1.00 22.74  ? 10  HIS A C   1 
ATOM   59   O  O   . HIS A 1 10  ? 19.638  7.065   5.392   1.00 20.81  ? 10  HIS A O   1 
ATOM   60   C  CB  . HIS A 1 10  ? 22.929  7.743   5.804   1.00 27.00  ? 10  HIS A CB  1 
ATOM   61   C  CG  . HIS A 1 10  ? 22.348  9.105   5.625   1.00 28.59  ? 10  HIS A CG  1 
ATOM   62   N  ND1 . HIS A 1 10  ? 21.831  9.537   4.422   1.00 30.60  ? 10  HIS A ND1 1 
ATOM   63   C  CD2 . HIS A 1 10  ? 22.268  10.154  6.470   1.00 29.50  ? 10  HIS A CD2 1 
ATOM   64   C  CE1 . HIS A 1 10  ? 21.426  10.787  4.547   1.00 30.90  ? 10  HIS A CE1 1 
ATOM   65   N  NE2 . HIS A 1 10  ? 21.681  11.185  5.780   1.00 31.29  ? 10  HIS A NE2 1 
ATOM   66   N  N   . ASN A 1 11  ? 21.023  6.233   3.827   1.00 20.05  ? 11  ASN A N   1 
ATOM   67   C  CA  . ASN A 1 11  ? 20.007  6.130   2.792   1.00 18.96  ? 11  ASN A CA  1 
ATOM   68   C  C   . ASN A 1 11  ? 18.844  5.224   3.186   1.00 17.54  ? 11  ASN A C   1 
ATOM   69   O  O   . ASN A 1 11  ? 17.695  5.634   3.087   1.00 16.08  ? 11  ASN A O   1 
ATOM   70   C  CB  . ASN A 1 11  ? 20.635  5.635   1.484   1.00 19.25  ? 11  ASN A CB  1 
ATOM   71   C  CG  . ASN A 1 11  ? 21.566  6.671   0.851   1.00 19.83  ? 11  ASN A CG  1 
ATOM   72   O  OD1 . ASN A 1 11  ? 21.816  7.730   1.420   1.00 18.68  ? 11  ASN A OD1 1 
ATOM   73   N  ND2 . ASN A 1 11  ? 22.062  6.370   -0.334  1.00 19.40  ? 11  ASN A ND2 1 
ATOM   74   N  N   . LEU A 1 12  ? 19.151  4.012   3.648   1.00 16.76  ? 12  LEU A N   1 
ATOM   75   C  CA  . LEU A 1 12  ? 18.130  3.040   4.019   1.00 16.15  ? 12  LEU A CA  1 
ATOM   76   C  C   . LEU A 1 12  ? 17.291  3.548   5.170   1.00 16.00  ? 12  LEU A C   1 
ATOM   77   O  O   . LEU A 1 12  ? 16.080  3.337   5.185   1.00 15.86  ? 12  LEU A O   1 
ATOM   78   C  CB  . LEU A 1 12  ? 18.743  1.686   4.388   1.00 16.55  ? 12  LEU A CB  1 
ATOM   79   C  CG  . LEU A 1 12  ? 17.787  0.554   4.798   1.00 16.66  ? 12  LEU A CG  1 
ATOM   80   C  CD1 . LEU A 1 12  ? 16.773  0.252   3.705   1.00 16.76  ? 12  LEU A CD1 1 
ATOM   81   C  CD2 . LEU A 1 12  ? 18.610  -0.683  5.109   1.00 17.11  ? 12  LEU A CD2 1 
ATOM   82   N  N   . ASN A 1 13  ? 17.916  4.243   6.113   1.00 15.92  ? 13  ASN A N   1 
ATOM   83   C  CA  . ASN A 1 13  ? 17.187  4.823   7.226   1.00 16.35  ? 13  ASN A CA  1 
ATOM   84   C  C   . ASN A 1 13  ? 16.102  5.810   6.765   1.00 15.93  ? 13  ASN A C   1 
ATOM   85   O  O   . ASN A 1 13  ? 14.940  5.749   7.224   1.00 14.74  ? 13  ASN A O   1 
ATOM   86   C  CB  . ASN A 1 13  ? 18.143  5.517   8.182   1.00 17.70  ? 13  ASN A CB  1 
ATOM   87   C  CG  . ASN A 1 13  ? 17.434  6.083   9.387   1.00 18.85  ? 13  ASN A CG  1 
ATOM   88   O  OD1 . ASN A 1 13  ? 16.747  5.362   10.098  1.00 20.53  ? 13  ASN A OD1 1 
ATOM   89   N  ND2 . ASN A 1 13  ? 17.547  7.388   9.596   1.00 20.18  ? 13  ASN A ND2 1 
ATOM   90   N  N   . GLU A 1 14  ? 16.499  6.698   5.847   1.00 14.70  ? 14  GLU A N   1 
ATOM   91   C  CA  . GLU A 1 14  ? 15.582  7.623   5.205   1.00 14.20  ? 14  GLU A CA  1 
ATOM   92   C  C   . GLU A 1 14  ? 14.496  6.943   4.404   1.00 13.02  ? 14  GLU A C   1 
ATOM   93   O  O   . GLU A 1 14  ? 13.362  7.383   4.432   1.00 12.69  ? 14  GLU A O   1 
ATOM   94   C  CB  . GLU A 1 14  ? 16.319  8.547   4.235   1.00 14.79  ? 14  GLU A CB  1 
ATOM   95   C  CG  . GLU A 1 14  ? 17.335  9.445   4.898   1.00 15.61  ? 14  GLU A CG  1 
ATOM   96   C  CD  . GLU A 1 14  ? 17.779  10.622  4.034   1.00 16.03  ? 14  GLU A CD  1 
ATOM   97   O  OE1 . GLU A 1 14  ? 18.475  11.506  4.592   1.00 16.52  ? 14  GLU A OE1 1 
ATOM   98   O  OE2 . GLU A 1 14  ? 17.429  10.670  2.830   1.00 15.99  ? 14  GLU A OE2 1 
ATOM   99   N  N   . ILE A 1 15  ? 14.863  5.939   3.620   1.00 12.16  ? 15  ILE A N   1 
ATOM   100  C  CA  . ILE A 1 15  ? 13.889  5.168   2.831   1.00 11.96  ? 15  ILE A CA  1 
ATOM   101  C  C   . ILE A 1 15  ? 12.825  4.538   3.736   1.00 11.98  ? 15  ILE A C   1 
ATOM   102  O  O   . ILE A 1 15  ? 11.625  4.533   3.429   1.00 11.38  ? 15  ILE A O   1 
ATOM   103  C  CB  . ILE A 1 15  ? 14.597  4.047   2.029   1.00 11.78  ? 15  ILE A CB  1 
ATOM   104  C  CG1 . ILE A 1 15  ? 15.383  4.643   0.840   1.00 12.10  ? 15  ILE A CG1 1 
ATOM   105  C  CG2 . ILE A 1 15  ? 13.602  3.015   1.506   1.00 11.47  ? 15  ILE A CG2 1 
ATOM   106  C  CD1 . ILE A 1 15  ? 16.404  3.680   0.251   1.00 12.35  ? 15  ILE A CD1 1 
ATOM   107  N  N   . VAL A 1 16  ? 13.301  3.965   4.827   1.00 12.54  ? 16  VAL A N   1 
ATOM   108  C  CA  . VAL A 1 16  ? 12.446  3.314   5.807   1.00 13.39  ? 16  VAL A CA  1 
ATOM   109  C  C   . VAL A 1 16  ? 11.484  4.293   6.499   1.00 14.41  ? 16  VAL A C   1 
ATOM   110  O  O   . VAL A 1 16  ? 10.276  4.014   6.590   1.00 14.72  ? 16  VAL A O   1 
ATOM   111  C  CB  . VAL A 1 16  ? 13.300  2.517   6.804   1.00 13.49  ? 16  VAL A CB  1 
ATOM   112  C  CG1 . VAL A 1 16  ? 12.496  2.102   8.036   1.00 13.77  ? 16  VAL A CG1 1 
ATOM   113  C  CG2 . VAL A 1 16  ? 13.866  1.284   6.094   1.00 13.11  ? 16  VAL A CG2 1 
ATOM   114  N  N   . GLU A 1 17  ? 12.005  5.432   6.958   1.00 15.60  ? 17  GLU A N   1 
ATOM   115  C  CA  . GLU A 1 17  ? 11.168  6.515   7.499   1.00 16.37  ? 17  GLU A CA  1 
ATOM   116  C  C   . GLU A 1 17  ? 10.096  6.942   6.513   1.00 15.02  ? 17  GLU A C   1 
ATOM   117  O  O   . GLU A 1 17  ? 8.976   7.199   6.901   1.00 14.26  ? 17  GLU A O   1 
ATOM   118  C  CB  . GLU A 1 17  ? 12.000  7.754   7.771   1.00 19.37  ? 17  GLU A CB  1 
ATOM   119  C  CG  . GLU A 1 17  ? 12.931  7.692   8.961   1.00 22.06  ? 17  GLU A CG  1 
ATOM   120  C  CD  . GLU A 1 17  ? 13.713  8.990   9.137   1.00 25.48  ? 17  GLU A CD  1 
ATOM   121  O  OE1 . GLU A 1 17  ? 13.482  9.974   8.373   1.00 26.38  ? 17  GLU A OE1 1 
ATOM   122  O  OE2 . GLU A 1 17  ? 14.557  9.021   10.066  1.00 28.85  ? 17  GLU A OE2 1 
ATOM   123  N  N   . ASP A 1 18  ? 10.453  7.065   5.244   1.00 13.96  ? 18  ASP A N   1 
ATOM   124  C  CA  . ASP A 1 18  ? 9.490   7.499   4.261   1.00 14.28  ? 18  ASP A CA  1 
ATOM   125  C  C   . ASP A 1 18  ? 8.433   6.411   4.043   1.00 14.16  ? 18  ASP A C   1 
ATOM   126  O  O   . ASP A 1 18  ? 7.255   6.701   3.886   1.00 13.43  ? 18  ASP A O   1 
ATOM   127  C  CB  . ASP A 1 18  ? 10.185  7.882   2.959   1.00 14.58  ? 18  ASP A CB  1 
ATOM   128  C  CG  . ASP A 1 18  ? 10.967  9.199   3.068   1.00 14.93  ? 18  ASP A CG  1 
ATOM   129  O  OD1 . ASP A 1 18  ? 10.703  10.031  3.945   1.00 14.97  ? 18  ASP A OD1 1 
ATOM   130  O  OD2 . ASP A 1 18  ? 11.891  9.386   2.280   1.00 16.21  ? 18  ASP A OD2 1 
ATOM   131  N  N   . LEU A 1 19  ? 8.865   5.158   4.035   1.00 14.59  ? 19  LEU A N   1 
ATOM   132  C  CA  . LEU A 1 19  ? 7.935   4.049   3.927   1.00 15.40  ? 19  LEU A CA  1 
ATOM   133  C  C   . LEU A 1 19  ? 6.893   4.131   5.074   1.00 14.84  ? 19  LEU A C   1 
ATOM   134  O  O   . LEU A 1 19  ? 5.697   4.037   4.840   1.00 13.89  ? 19  LEU A O   1 
ATOM   135  C  CB  . LEU A 1 19  ? 8.723   2.737   3.967   1.00 17.07  ? 19  LEU A CB  1 
ATOM   136  C  CG  . LEU A 1 19  ? 8.147   1.431   3.465   1.00 18.66  ? 19  LEU A CG  1 
ATOM   137  C  CD1 . LEU A 1 19  ? 7.652   1.598   2.053   1.00 19.02  ? 19  LEU A CD1 1 
ATOM   138  C  CD2 . LEU A 1 19  ? 9.217   0.346   3.500   1.00 20.31  ? 19  LEU A CD2 1 
ATOM   139  N  N   . ASN A 1 20  ? 7.379   4.335   6.294   1.00 15.06  ? 20  ASN A N   1 
ATOM   140  C  CA  . ASN A 1 20  ? 6.532   4.486   7.489   1.00 16.03  ? 20  ASN A CA  1 
ATOM   141  C  C   . ASN A 1 20  ? 5.531   5.630   7.399   1.00 15.08  ? 20  ASN A C   1 
ATOM   142  O  O   . ASN A 1 20  ? 4.356   5.437   7.619   1.00 13.75  ? 20  ASN A O   1 
ATOM   143  C  CB  . ASN A 1 20  ? 7.393   4.649   8.753   1.00 17.70  ? 20  ASN A CB  1 
ATOM   144  C  CG  . ASN A 1 20  ? 8.215   3.401   9.073   1.00 20.04  ? 20  ASN A CG  1 
ATOM   145  O  OD1 . ASN A 1 20  ? 7.902   2.292   8.643   1.00 22.49  ? 20  ASN A OD1 1 
ATOM   146  N  ND2 . ASN A 1 20  ? 9.273   3.581   9.831   1.00 22.67  ? 20  ASN A ND2 1 
ATOM   147  N  N   . LYS A 1 21  ? 6.018   6.810   7.052   1.00 15.27  ? 21  LYS A N   1 
ATOM   148  C  CA  . LYS A 1 21  ? 5.186   7.985   6.860   1.00 16.31  ? 21  LYS A CA  1 
ATOM   149  C  C   . LYS A 1 21  ? 4.143   7.772   5.771   1.00 15.12  ? 21  LYS A C   1 
ATOM   150  O  O   . LYS A 1 21  ? 2.984   8.119   5.956   1.00 14.23  ? 21  LYS A O   1 
ATOM   151  C  CB  . LYS A 1 21  ? 6.075   9.179   6.504   1.00 19.11  ? 21  LYS A CB  1 
ATOM   152  C  CG  . LYS A 1 21  ? 5.382   10.405  5.923   1.00 22.34  ? 21  LYS A CG  1 
ATOM   153  C  CD  . LYS A 1 21  ? 6.355   11.253  5.104   1.00 25.68  ? 21  LYS A CD  1 
ATOM   154  C  CE  . LYS A 1 21  ? 7.575   11.695  5.924   1.00 28.55  ? 21  LYS A CE  1 
ATOM   155  N  NZ  . LYS A 1 21  ? 8.799   10.852  5.730   1.00 30.21  ? 21  LYS A NZ  1 
ATOM   156  N  N   . ASN A 1 22  ? 4.557   7.224   4.631   1.00 14.19  ? 22  ASN A N   1 
ATOM   157  C  CA  . ASN A 1 22  ? 3.624   7.000   3.538   1.00 13.77  ? 22  ASN A CA  1 
ATOM   158  C  C   . ASN A 1 22  ? 2.617   5.917   3.857   1.00 13.37  ? 22  ASN A C   1 
ATOM   159  O  O   . ASN A 1 22  ? 1.522   5.942   3.342   1.00 14.03  ? 22  ASN A O   1 
ATOM   160  C  CB  . ASN A 1 22  ? 4.357   6.729   2.233   1.00 13.82  ? 22  ASN A CB  1 
ATOM   161  C  CG  . ASN A 1 22  ? 4.992   7.982   1.671   1.00 14.29  ? 22  ASN A CG  1 
ATOM   162  O  OD1 . ASN A 1 22  ? 4.411   9.063   1.765   1.00 14.84  ? 22  ASN A OD1 1 
ATOM   163  N  ND2 . ASN A 1 22  ? 6.175   7.852   1.071   1.00 14.12  ? 22  ASN A ND2 1 
ATOM   164  N  N   . TRP A 1 23  ? 2.982   4.980   4.706   1.00 12.97  ? 23  TRP A N   1 
ATOM   165  C  CA  . TRP A 1 23  ? 2.035   3.974   5.190   1.00 13.44  ? 23  TRP A CA  1 
ATOM   166  C  C   . TRP A 1 23  ? 0.913   4.618   6.054   1.00 13.02  ? 23  TRP A C   1 
ATOM   167  O  O   . TRP A 1 23  ? -0.290  4.410   5.815   1.00 12.31  ? 23  TRP A O   1 
ATOM   168  C  CB  . TRP A 1 23  ? 2.775   2.872   5.964   1.00 13.67  ? 23  TRP A CB  1 
ATOM   169  C  CG  . TRP A 1 23  ? 1.860   2.070   6.792   1.00 14.27  ? 23  TRP A CG  1 
ATOM   170  C  CD1 . TRP A 1 23  ? 1.936   1.872   8.127   1.00 14.59  ? 23  TRP A CD1 1 
ATOM   171  C  CD2 . TRP A 1 23  ? 0.662   1.429   6.356   1.00 14.62  ? 23  TRP A CD2 1 
ATOM   172  N  NE1 . TRP A 1 23  ? 0.880   1.116   8.556   1.00 15.00  ? 23  TRP A NE1 1 
ATOM   173  C  CE2 . TRP A 1 23  ? 0.081   0.833   7.479   1.00 14.82  ? 23  TRP A CE2 1 
ATOM   174  C  CE3 . TRP A 1 23  ? 0.019   1.304   5.114   1.00 14.91  ? 23  TRP A CE3 1 
ATOM   175  C  CZ2 . TRP A 1 23  ? -1.092  0.110   7.404   1.00 14.61  ? 23  TRP A CZ2 1 
ATOM   176  C  CZ3 . TRP A 1 23  ? -1.149  0.573   5.047   1.00 14.78  ? 23  TRP A CZ3 1 
ATOM   177  C  CH2 . TRP A 1 23  ? -1.693  0.001   6.186   1.00 14.65  ? 23  TRP A CH2 1 
ATOM   178  N  N   . HIS A 1 24  ? 1.320   5.412   7.041   1.00 13.32  ? 24  HIS A N   1 
ATOM   179  C  CA  . HIS A 1 24  ? 0.345   6.141   7.866   1.00 14.15  ? 24  HIS A CA  1 
ATOM   180  C  C   . HIS A 1 24  ? -0.654  6.979   7.030   1.00 13.76  ? 24  HIS A C   1 
ATOM   181  O  O   . HIS A 1 24  ? -1.828  6.926   7.282   1.00 13.02  ? 24  HIS A O   1 
ATOM   182  C  CB  . HIS A 1 24  ? 1.030   6.986   8.941   1.00 14.52  ? 24  HIS A CB  1 
ATOM   183  C  CG  . HIS A 1 24  ? 1.726   6.172   9.983   1.00 15.22  ? 24  HIS A CG  1 
ATOM   184  N  ND1 . HIS A 1 24  ? 1.074   5.230   10.750  1.00 16.00  ? 24  HIS A ND1 1 
ATOM   185  C  CD2 . HIS A 1 24  ? 3.024   6.141   10.379  1.00 15.31  ? 24  HIS A CD2 1 
ATOM   186  C  CE1 . HIS A 1 24  ? 1.929   4.671   11.587  1.00 15.37  ? 24  HIS A CE1 1 
ATOM   187  N  NE2 . HIS A 1 24  ? 3.120   5.198   11.375  1.00 15.48  ? 24  HIS A NE2 1 
ATOM   188  N  N   . ARG A 1 25  ? -0.172  7.691   6.011   1.00 14.49  ? 25  ARG A N   1 
ATOM   189  C  CA  . ARG A 1 25  ? -1.040  8.464   5.115   1.00 15.30  ? 25  ARG A CA  1 
ATOM   190  C  C   . ARG A 1 25  ? -1.977  7.584   4.344   1.00 15.82  ? 25  ARG A C   1 
ATOM   191  O  O   . ARG A 1 25  ? -3.178  7.848   4.302   1.00 15.65  ? 25  ARG A O   1 
ATOM   192  C  CB  . ARG A 1 25  ? -0.242  9.217   4.085   1.00 15.40  ? 25  ARG A CB  1 
ATOM   193  C  CG  . ARG A 1 25  ? 0.633   10.280  4.643   1.00 15.83  ? 25  ARG A CG  1 
ATOM   194  C  CD  . ARG A 1 25  ? 1.598   10.714  3.558   1.00 16.04  ? 25  ARG A CD  1 
ATOM   195  N  NE  . ARG A 1 25  ? 2.179   11.999  3.866   1.00 16.39  ? 25  ARG A NE  1 
ATOM   196  C  CZ  . ARG A 1 25  ? 3.226   12.544  3.243   1.00 16.56  ? 25  ARG A CZ  1 
ATOM   197  N  NH1 . ARG A 1 25  ? 3.854   11.923  2.248   1.00 16.17  ? 25  ARG A NH1 1 
ATOM   198  N  NH2 . ARG A 1 25  ? 3.632   13.745  3.615   1.00 16.51  ? 25  ARG A NH2 1 
ATOM   199  N  N   . GLU A 1 26  ? -1.407  6.548   3.719   1.00 15.93  ? 26  GLU A N   1 
ATOM   200  C  CA  . GLU A 1 26  ? -2.173  5.590   2.958   1.00 16.06  ? 26  GLU A CA  1 
ATOM   201  C  C   . GLU A 1 26  ? -3.270  4.960   3.819   1.00 14.53  ? 26  GLU A C   1 
ATOM   202  O  O   . GLU A 1 26  ? -4.430  4.928   3.406   1.00 14.34  ? 26  GLU A O   1 
ATOM   203  C  CB  . GLU A 1 26  ? -1.245  4.513   2.391   1.00 17.53  ? 26  GLU A CB  1 
ATOM   204  C  CG  . GLU A 1 26  ? -1.973  3.388   1.663   1.00 20.07  ? 26  GLU A CG  1 
ATOM   205  C  CD  . GLU A 1 26  ? -1.033  2.339   1.069   1.00 22.94  ? 26  GLU A CD  1 
ATOM   206  O  OE1 . GLU A 1 26  ? 0.177   2.343   1.391   1.00 22.32  ? 26  GLU A OE1 1 
ATOM   207  O  OE2 . GLU A 1 26  ? -1.531  1.499   0.274   1.00 27.84  ? 26  GLU A OE2 1 
ATOM   208  N  N   . ARG A 1 27  ? -2.888  4.447   4.995   1.00 13.41  ? 27  ARG A N   1 
ATOM   209  C  CA  . ARG A 1 27  ? -3.835  3.832   5.962   1.00 12.95  ? 27  ARG A CA  1 
ATOM   210  C  C   . ARG A 1 27  ? -5.001  4.770   6.332   1.00 13.55  ? 27  ARG A C   1 
ATOM   211  O  O   . ARG A 1 27  ? -6.159  4.365   6.372   1.00 13.59  ? 27  ARG A O   1 
ATOM   212  C  CB  . ARG A 1 27  ? -3.112  3.420   7.254   1.00 12.16  ? 27  ARG A CB  1 
ATOM   213  C  CG  . ARG A 1 27  ? -3.893  2.455   8.145   1.00 11.53  ? 27  ARG A CG  1 
ATOM   214  C  CD  . ARG A 1 27  ? -3.128  2.051   9.409   1.00 11.11  ? 27  ARG A CD  1 
ATOM   215  N  NE  . ARG A 1 27  ? -3.831  0.942   10.057  1.00 10.67  ? 27  ARG A NE  1 
ATOM   216  C  CZ  . ARG A 1 27  ? -4.923  1.067   10.810  1.00 10.65  ? 27  ARG A CZ  1 
ATOM   217  N  NH1 . ARG A 1 27  ? -5.426  2.253   11.115  1.00 10.46  ? 27  ARG A NH1 1 
ATOM   218  N  NH2 . ARG A 1 27  ? -5.504  -0.016  11.293  1.00 10.70  ? 27  ARG A NH2 1 
ATOM   219  N  N   . ARG A 1 28  ? -4.686  6.031   6.575   1.00 14.16  ? 28  ARG A N   1 
ATOM   220  C  CA  . ARG A 1 28  ? -5.707  7.021   6.869   1.00 15.18  ? 28  ARG A CA  1 
ATOM   221  C  C   . ARG A 1 28  ? -6.684  7.199   5.680   1.00 15.00  ? 28  ARG A C   1 
ATOM   222  O  O   . ARG A 1 28  ? -7.895  7.129   5.850   1.00 14.29  ? 28  ARG A O   1 
ATOM   223  C  CB  . ARG A 1 28  ? -5.041  8.358   7.202   1.00 16.13  ? 28  ARG A CB  1 
ATOM   224  C  CG  . ARG A 1 28  ? -6.002  9.501   7.477   1.00 18.26  ? 28  ARG A CG  1 
ATOM   225  C  CD  . ARG A 1 28  ? -6.908  9.132   8.630   1.00 19.64  ? 28  ARG A CD  1 
ATOM   226  N  NE  . ARG A 1 28  ? -8.045  10.021  8.834   1.00 21.70  ? 28  ARG A NE  1 
ATOM   227  C  CZ  . ARG A 1 28  ? -8.019  11.175  9.498   1.00 23.11  ? 28  ARG A CZ  1 
ATOM   228  N  NH1 . ARG A 1 28  ? -6.883  11.662  10.005  1.00 23.06  ? 28  ARG A NH1 1 
ATOM   229  N  NH2 . ARG A 1 28  ? -9.153  11.862  9.636   1.00 24.96  ? 28  ARG A NH2 1 
ATOM   230  N  N   . THR A 1 29  ? -6.137  7.457   4.495   1.00 15.32  ? 29  THR A N   1 
ATOM   231  C  CA  . THR A 1 29  ? -6.940  7.606   3.277   1.00 16.21  ? 29  THR A CA  1 
ATOM   232  C  C   . THR A 1 29  ? -7.864  6.418   3.089   1.00 16.69  ? 29  THR A C   1 
ATOM   233  O  O   . THR A 1 29  ? -9.065  6.571   2.897   1.00 16.22  ? 29  THR A O   1 
ATOM   234  C  CB  . THR A 1 29  ? -6.040  7.734   2.041   1.00 16.24  ? 29  THR A CB  1 
ATOM   235  O  OG1 . THR A 1 29  ? -5.212  8.877   2.194   1.00 16.44  ? 29  THR A OG1 1 
ATOM   236  C  CG2 . THR A 1 29  ? -6.821  7.894   0.752   1.00 16.43  ? 29  THR A CG2 1 
ATOM   237  N  N   . LEU A 1 30  ? -7.310  5.212   3.189   1.00 17.82  ? 30  LEU A N   1 
ATOM   238  C  CA  . LEU A 1 30  ? -8.104  4.019   2.869   1.00 17.56  ? 30  LEU A CA  1 
ATOM   239  C  C   . LEU A 1 30  ? -9.148  3.654   3.922   1.00 17.01  ? 30  LEU A C   1 
ATOM   240  O  O   . LEU A 1 30  ? -10.244 3.223   3.584   1.00 16.13  ? 30  LEU A O   1 
ATOM   241  C  CB  . LEU A 1 30  ? -7.189  2.841   2.572   1.00 17.85  ? 30  LEU A CB  1 
ATOM   242  C  CG  . LEU A 1 30  ? -6.410  2.946   1.258   1.00 17.98  ? 30  LEU A CG  1 
ATOM   243  C  CD1 . LEU A 1 30  ? -5.617  1.670   1.124   1.00 17.48  ? 30  LEU A CD1 1 
ATOM   244  C  CD2 . LEU A 1 30  ? -7.313  3.084   0.048   1.00 18.59  ? 30  LEU A CD2 1 
ATOM   245  N  N   . HIS A 1 31  ? -8.799  3.834   5.188   1.00 16.90  ? 31  HIS A N   1 
ATOM   246  C  CA  . HIS A 1 31  ? -9.747  3.626   6.282   1.00 17.55  ? 31  HIS A CA  1 
ATOM   247  C  C   . HIS A 1 31  ? -10.897 4.647   6.277   1.00 18.29  ? 31  HIS A C   1 
ATOM   248  O  O   . HIS A 1 31  ? -12.023 4.286   6.608   1.00 17.62  ? 31  HIS A O   1 
ATOM   249  C  CB  . HIS A 1 31  ? -9.007  3.603   7.621   1.00 17.39  ? 31  HIS A CB  1 
ATOM   250  C  CG  . HIS A 1 31  ? -8.158  2.379   7.792   1.00 17.44  ? 31  HIS A CG  1 
ATOM   251  N  ND1 . HIS A 1 31  ? -8.275  1.541   8.871   1.00 18.11  ? 31  HIS A ND1 1 
ATOM   252  C  CD2 . HIS A 1 31  ? -7.222  1.818   6.992   1.00 17.10  ? 31  HIS A CD2 1 
ATOM   253  C  CE1 . HIS A 1 31  ? -7.444  0.529   8.743   1.00 17.55  ? 31  HIS A CE1 1 
ATOM   254  N  NE2 . HIS A 1 31  ? -6.793  0.672   7.609   1.00 17.11  ? 31  HIS A NE2 1 
ATOM   255  N  N   . ASP A 1 32  ? -10.612 5.887   5.881   1.00 19.59  ? 32  ASP A N   1 
ATOM   256  C  CA  . ASP A 1 32  ? -11.650 6.922   5.722   1.00 22.04  ? 32  ASP A CA  1 
ATOM   257  C  C   . ASP A 1 32  ? -12.569 6.529   4.578   1.00 24.25  ? 32  ASP A C   1 
ATOM   258  O  O   . ASP A 1 32  ? -13.804 6.640   4.664   1.00 23.49  ? 32  ASP A O   1 
ATOM   259  C  CB  . ASP A 1 32  ? -11.040 8.293   5.390   1.00 21.68  ? 32  ASP A CB  1 
ATOM   260  C  CG  . ASP A 1 32  ? -10.568 9.038   6.610   1.00 21.66  ? 32  ASP A CG  1 
ATOM   261  O  OD1 . ASP A 1 32  ? -10.904 8.634   7.739   1.00 22.26  ? 32  ASP A OD1 1 
ATOM   262  O  OD2 . ASP A 1 32  ? -9.843  10.041  6.449   1.00 22.97  ? 32  ASP A OD2 1 
ATOM   263  N  N   . PHE A 1 33  ? -11.925 6.073   3.509   1.00 25.82  ? 33  PHE A N   1 
ATOM   264  C  CA  . PHE A 1 33  ? -12.608 5.610   2.323   1.00 26.95  ? 33  PHE A CA  1 
ATOM   265  C  C   . PHE A 1 33  ? -13.560 4.461   2.656   1.00 26.77  ? 33  PHE A C   1 
ATOM   266  O  O   . PHE A 1 33  ? -14.741 4.501   2.288   1.00 25.70  ? 33  PHE A O   1 
ATOM   267  C  CB  . PHE A 1 33  ? -11.574 5.210   1.270   1.00 29.03  ? 33  PHE A CB  1 
ATOM   268  C  CG  . PHE A 1 33  ? -12.176 4.749   0.004   1.00 30.19  ? 33  PHE A CG  1 
ATOM   269  C  CD1 . PHE A 1 33  ? -12.520 3.425   -0.156  1.00 31.15  ? 33  PHE A CD1 1 
ATOM   270  C  CD2 . PHE A 1 33  ? -12.435 5.636   -1.020  1.00 31.39  ? 33  PHE A CD2 1 
ATOM   271  C  CE1 . PHE A 1 33  ? -13.112 2.975   -1.326  1.00 32.69  ? 33  PHE A CE1 1 
ATOM   272  C  CE2 . PHE A 1 33  ? -13.027 5.197   -2.192  1.00 31.74  ? 33  PHE A CE2 1 
ATOM   273  C  CZ  . PHE A 1 33  ? -13.366 3.863   -2.353  1.00 31.24  ? 33  PHE A CZ  1 
ATOM   274  N  N   . ALA A 1 34  ? -13.034 3.465   3.362   1.00 26.13  ? 34  ALA A N   1 
ATOM   275  C  CA  . ALA A 1 34  ? -13.820 2.338   3.864   1.00 27.48  ? 34  ALA A CA  1 
ATOM   276  C  C   . ALA A 1 34  ? -14.953 2.736   4.815   1.00 28.97  ? 34  ALA A C   1 
ATOM   277  O  O   . ALA A 1 34  ? -16.008 2.101   4.839   1.00 27.97  ? 34  ALA A O   1 
ATOM   278  C  CB  . ALA A 1 34  ? -12.906 1.349   4.563   1.00 27.62  ? 34  ALA A CB  1 
ATOM   279  N  N   . ASP A 1 35  ? -14.693 3.754   5.629   1.00 31.84  ? 35  ASP A N   1 
ATOM   280  C  CA  . ASP A 1 35  ? -15.697 4.340   6.509   1.00 33.97  ? 35  ASP A CA  1 
ATOM   281  C  C   . ASP A 1 35  ? -16.909 4.824   5.718   1.00 34.61  ? 35  ASP A C   1 
ATOM   282  O  O   . ASP A 1 35  ? -18.064 4.475   6.001   1.00 32.20  ? 35  ASP A O   1 
ATOM   283  C  CB  . ASP A 1 35  ? -15.100 5.540   7.229   1.00 36.85  ? 35  ASP A CB  1 
ATOM   284  C  CG  . ASP A 1 35  ? -15.223 5.422   8.672   1.00 40.43  ? 35  ASP A CG  1 
ATOM   285  O  OD1 . ASP A 1 35  ? -16.373 5.339   9.147   1.00 42.93  ? 35  ASP A OD1 1 
ATOM   286  O  OD2 . ASP A 1 35  ? -14.169 5.358   9.331   1.00 46.55  ? 35  ASP A OD2 1 
ATOM   287  N  N   . GLU A 1 36  ? -16.582 5.625   4.715   1.00 36.29  ? 36  GLU A N   1 
ATOM   288  C  CA  . GLU A 1 36  ? -17.530 6.319   3.880   1.00 39.33  ? 36  GLU A CA  1 
ATOM   289  C  C   . GLU A 1 36  ? -18.247 5.388   2.890   1.00 42.45  ? 36  GLU A C   1 
ATOM   290  O  O   . GLU A 1 36  ? -19.320 5.715   2.392   1.00 49.02  ? 36  GLU A O   1 
ATOM   291  C  CB  . GLU A 1 36  ? -16.781 7.401   3.139   1.00 40.16  ? 36  GLU A CB  1 
ATOM   292  C  CG  . GLU A 1 36  ? -17.618 8.579   2.735   1.00 43.98  ? 36  GLU A CG  1 
ATOM   293  C  CD  . GLU A 1 36  ? -16.788 9.600   1.995   1.00 47.48  ? 36  GLU A CD  1 
ATOM   294  O  OE1 . GLU A 1 36  ? -15.690 9.943   2.500   1.00 48.85  ? 36  GLU A OE1 1 
ATOM   295  O  OE2 . GLU A 1 36  ? -17.221 10.048  0.907   1.00 52.48  ? 36  GLU A OE2 1 
ATOM   296  N  N   . LEU A 1 37  ? -17.638 4.243   2.592   1.00 41.92  ? 37  LEU A N   1 
ATOM   297  C  CA  . LEU A 1 37  ? -18.301 3.184   1.847   1.00 38.28  ? 37  LEU A CA  1 
ATOM   298  C  C   . LEU A 1 37  ? -19.229 2.418   2.775   1.00 37.26  ? 37  LEU A C   1 
ATOM   299  O  O   . LEU A 1 37  ? -20.345 2.113   2.383   1.00 37.27  ? 37  LEU A O   1 
ATOM   300  C  CB  . LEU A 1 37  ? -17.265 2.236   1.222   1.00 39.59  ? 37  LEU A CB  1 
ATOM   301  C  CG  . LEU A 1 37  ? -17.728 0.906   0.596   1.00 39.18  ? 37  LEU A CG  1 
ATOM   302  C  CD1 . LEU A 1 37  ? -18.679 1.149   -0.569  1.00 39.56  ? 37  LEU A CD1 1 
ATOM   303  C  CD2 . LEU A 1 37  ? -16.532 0.072   0.140   1.00 38.56  ? 37  LEU A CD2 1 
ATOM   304  N  N   . HIS A 1 38  ? -18.754 2.081   3.982   1.00 36.78  ? 38  HIS A N   1 
ATOM   305  C  CA  . HIS A 1 38  ? -19.574 1.375   4.990   1.00 38.82  ? 38  HIS A CA  1 
ATOM   306  C  C   . HIS A 1 38  ? -20.842 2.159   5.290   1.00 39.32  ? 38  HIS A C   1 
ATOM   307  O  O   . HIS A 1 38  ? -21.931 1.591   5.280   1.00 39.24  ? 38  HIS A O   1 
ATOM   308  C  CB  . HIS A 1 38  ? -18.799 1.119   6.293   1.00 39.64  ? 38  HIS A CB  1 
ATOM   309  C  CG  . HIS A 1 38  ? -19.607 0.455   7.378   1.00 42.61  ? 38  HIS A CG  1 
ATOM   310  N  ND1 . HIS A 1 38  ? -19.400 -0.849  7.778   1.00 42.20  ? 38  HIS A ND1 1 
ATOM   311  C  CD2 . HIS A 1 38  ? -20.605 0.929   8.162   1.00 46.72  ? 38  HIS A CD2 1 
ATOM   312  C  CE1 . HIS A 1 38  ? -20.235 -1.153  8.754   1.00 45.60  ? 38  HIS A CE1 1 
ATOM   313  N  NE2 . HIS A 1 38  ? -20.983 -0.092  9.003   1.00 49.01  ? 38  HIS A NE2 1 
ATOM   314  N  N   . GLN A 1 39  ? -20.700 3.457   5.543   1.00 40.66  ? 39  GLN A N   1 
ATOM   315  C  CA  . GLN A 1 39  ? -21.863 4.304   5.845   1.00 43.42  ? 39  GLN A CA  1 
ATOM   316  C  C   . GLN A 1 39  ? -22.896 4.240   4.706   1.00 41.55  ? 39  GLN A C   1 
ATOM   317  O  O   . GLN A 1 39  ? -24.090 4.166   4.958   1.00 39.87  ? 39  GLN A O   1 
ATOM   318  C  CB  . GLN A 1 39  ? -21.455 5.752   6.213   1.00 44.62  ? 39  GLN A CB  1 
ATOM   319  C  CG  . GLN A 1 39  ? -21.206 6.711   5.048   1.00 48.00  ? 39  GLN A CG  1 
ATOM   320  C  CD  . GLN A 1 39  ? -20.961 8.151   5.487   1.00 52.16  ? 39  GLN A CD  1 
ATOM   321  O  OE1 . GLN A 1 39  ? -21.657 9.071   5.042   1.00 55.96  ? 39  GLN A OE1 1 
ATOM   322  N  NE2 . GLN A 1 39  ? -19.969 8.361   6.360   1.00 53.69  ? 39  GLN A NE2 1 
ATOM   323  N  N   . LEU A 1 40  ? -22.405 4.216   3.470   1.00 41.72  ? 40  LEU A N   1 
ATOM   324  C  CA  . LEU A 1 40  ? -23.244 4.156   2.266   1.00 42.07  ? 40  LEU A CA  1 
ATOM   325  C  C   . LEU A 1 40  ? -23.981 2.824   2.061   1.00 42.89  ? 40  LEU A C   1 
ATOM   326  O  O   . LEU A 1 40  ? -25.102 2.815   1.583   1.00 41.84  ? 40  LEU A O   1 
ATOM   327  C  CB  . LEU A 1 40  ? -22.394 4.477   1.036   1.00 41.32  ? 40  LEU A CB  1 
ATOM   328  C  CG  . LEU A 1 40  ? -23.092 4.640   -0.308  1.00 42.35  ? 40  LEU A CG  1 
ATOM   329  C  CD1 . LEU A 1 40  ? -24.226 5.648   -0.249  1.00 43.13  ? 40  LEU A CD1 1 
ATOM   330  C  CD2 . LEU A 1 40  ? -22.077 5.086   -1.341  1.00 43.44  ? 40  LEU A CD2 1 
ATOM   331  N  N   . VAL A 1 41  ? -23.344 1.709   2.413   1.00 45.97  ? 41  VAL A N   1 
ATOM   332  C  CA  . VAL A 1 41  ? -23.980 0.383   2.371   1.00 47.55  ? 41  VAL A CA  1 
ATOM   333  C  C   . VAL A 1 41  ? -25.232 0.382   3.240   1.00 48.23  ? 41  VAL A C   1 
ATOM   334  O  O   . VAL A 1 41  ? -26.210 -0.274  2.907   1.00 44.85  ? 41  VAL A O   1 
ATOM   335  C  CB  . VAL A 1 41  ? -23.018 -0.738  2.855   1.00 49.37  ? 41  VAL A CB  1 
ATOM   336  C  CG1 . VAL A 1 41  ? -23.730 -2.077  3.047   1.00 49.56  ? 41  VAL A CG1 1 
ATOM   337  C  CG2 . VAL A 1 41  ? -21.872 -0.928  1.875   1.00 51.15  ? 41  VAL A CG2 1 
ATOM   338  N  N   . LYS A 1 42  ? -25.175 1.107   4.354   1.00 52.33  ? 42  LYS A N   1 
ATOM   339  C  CA  . LYS A 1 42  ? -26.330 1.303   5.241   1.00 58.12  ? 42  LYS A CA  1 
ATOM   340  C  C   . LYS A 1 42  ? -27.316 2.397   4.807   1.00 63.45  ? 42  LYS A C   1 
ATOM   341  O  O   . LYS A 1 42  ? -28.516 2.245   5.024   1.00 66.26  ? 42  LYS A O   1 
ATOM   342  C  CB  . LYS A 1 42  ? -25.850 1.573   6.669   1.00 56.36  ? 42  LYS A CB  1 
ATOM   343  C  CG  . LYS A 1 42  ? -24.908 0.522   7.225   1.00 54.67  ? 42  LYS A CG  1 
ATOM   344  C  CD  . LYS A 1 42  ? -25.515 -0.874  7.126   1.00 56.44  ? 42  LYS A CD  1 
ATOM   345  C  CE  . LYS A 1 42  ? -24.522 -1.954  7.476   1.00 57.03  ? 42  LYS A CE  1 
ATOM   346  N  NZ  . LYS A 1 42  ? -24.311 -2.001  8.937   1.00 59.36  ? 42  LYS A NZ  1 
ATOM   347  N  N   . HIS A 1 43  ? -26.819 3.487   4.223   1.00 68.33  ? 43  HIS A N   1 
ATOM   348  C  CA  . HIS A 1 43  ? -27.687 4.527   3.655   1.00 77.59  ? 43  HIS A CA  1 
ATOM   349  C  C   . HIS A 1 43  ? -28.543 3.995   2.489   1.00 82.27  ? 43  HIS A C   1 
ATOM   350  O  O   . HIS A 1 43  ? -29.714 4.353   2.366   1.00 86.25  ? 43  HIS A O   1 
ATOM   351  C  CB  . HIS A 1 43  ? -26.877 5.752   3.203   1.00 82.85  ? 43  HIS A CB  1 
ATOM   352  C  CG  . HIS A 1 43  ? -26.238 6.517   4.328   1.00 88.11  ? 43  HIS A CG  1 
ATOM   353  N  ND1 . HIS A 1 43  ? -25.313 7.518   4.114   1.00 91.21  ? 43  HIS A ND1 1 
ATOM   354  C  CD2 . HIS A 1 43  ? -26.381 6.419   5.671   1.00 89.85  ? 43  HIS A CD2 1 
ATOM   355  C  CE1 . HIS A 1 43  ? -24.924 8.010   5.276   1.00 93.09  ? 43  HIS A CE1 1 
ATOM   356  N  NE2 . HIS A 1 43  ? -25.554 7.359   6.237   1.00 93.06  ? 43  HIS A NE2 1 
ATOM   357  N  N   . VAL A 1 44  ? -27.955 3.142   1.650   1.00 82.73  ? 44  VAL A N   1 
ATOM   358  C  CA  . VAL A 1 44  ? -28.695 2.455   0.576   1.00 83.31  ? 44  VAL A CA  1 
ATOM   359  C  C   . VAL A 1 44  ? -29.642 1.398   1.170   1.00 87.64  ? 44  VAL A C   1 
ATOM   360  O  O   . VAL A 1 44  ? -30.740 1.179   0.658   1.00 93.74  ? 44  VAL A O   1 
ATOM   361  C  CB  . VAL A 1 44  ? -27.747 1.787   -0.456  1.00 80.68  ? 44  VAL A CB  1 
ATOM   362  C  CG1 . VAL A 1 44  ? -28.524 1.064   -1.551  1.00 79.00  ? 44  VAL A CG1 1 
ATOM   363  C  CG2 . VAL A 1 44  ? -26.846 2.814   -1.118  1.00 80.04  ? 44  VAL A CG2 1 
ATOM   364  N  N   . HIS A 1 45  ? -29.199 0.734   2.234   1.00 87.24  ? 45  HIS A N   1 
ATOM   365  C  CA  . HIS A 1 45  ? -30.016 -0.238  2.974   1.00 85.93  ? 45  HIS A CA  1 
ATOM   366  C  C   . HIS A 1 45  ? -31.265 0.385   3.635   1.00 88.44  ? 45  HIS A C   1 
ATOM   367  O  O   . HIS A 1 45  ? -32.266 -0.311  3.827   1.00 81.15  ? 45  HIS A O   1 
ATOM   368  C  CB  . HIS A 1 45  ? -29.138 -0.938  4.016   1.00 85.79  ? 45  HIS A CB  1 
ATOM   369  C  CG  . HIS A 1 45  ? -29.733 -2.186  4.588   1.00 87.90  ? 45  HIS A CG  1 
ATOM   370  N  ND1 . HIS A 1 45  ? -30.273 -2.236  5.856   1.00 87.89  ? 45  HIS A ND1 1 
ATOM   371  C  CD2 . HIS A 1 45  ? -29.847 -3.437  4.081   1.00 87.99  ? 45  HIS A CD2 1 
ATOM   372  C  CE1 . HIS A 1 45  ? -30.707 -3.460  6.100   1.00 84.99  ? 45  HIS A CE1 1 
ATOM   373  N  NE2 . HIS A 1 45  ? -30.462 -4.207  5.038   1.00 86.39  ? 45  HIS A NE2 1 
ATOM   374  N  N   . HIS A 1 46  ? -31.202 1.680   3.981   1.00 93.60  ? 46  HIS A N   1 
ATOM   375  C  CA  . HIS A 1 46  ? -32.397 2.444   4.411   1.00 95.71  ? 46  HIS A CA  1 
ATOM   376  C  C   . HIS A 1 46  ? -33.370 2.504   3.243   1.00 89.14  ? 46  HIS A C   1 
ATOM   377  O  O   . HIS A 1 46  ? -34.493 2.014   3.319   1.00 86.44  ? 46  HIS A O   1 
ATOM   378  C  CB  . HIS A 1 46  ? -32.096 3.913   4.815   1.00 103.27 ? 46  HIS A CB  1 
ATOM   379  C  CG  . HIS A 1 46  ? -31.062 4.075   5.885   1.00 108.27 ? 46  HIS A CG  1 
ATOM   380  N  ND1 . HIS A 1 46  ? -30.304 5.221   6.018   1.00 108.90 ? 46  HIS A ND1 1 
ATOM   381  C  CD2 . HIS A 1 46  ? -30.661 3.242   6.869   1.00 108.25 ? 46  HIS A CD2 1 
ATOM   382  C  CE1 . HIS A 1 46  ? -29.480 5.083   7.040   1.00 108.90 ? 46  HIS A CE1 1 
ATOM   383  N  NE2 . HIS A 1 46  ? -29.677 3.891   7.573   1.00 110.70 ? 46  HIS A NE2 1 
ATOM   384  N  N   . PHE A 1 47  ? -32.880 3.109   2.164   1.00 85.39  ? 47  PHE A N   1 
ATOM   385  C  CA  . PHE A 1 47  ? -33.634 3.436   0.952   1.00 86.29  ? 47  PHE A CA  1 
ATOM   386  C  C   . PHE A 1 47  ? -34.395 2.230   0.376   1.00 85.67  ? 47  PHE A C   1 
ATOM   387  O  O   . PHE A 1 47  ? -35.546 2.346   -0.053  1.00 82.29  ? 47  PHE A O   1 
ATOM   388  C  CB  . PHE A 1 47  ? -32.632 3.976   -0.081  1.00 86.46  ? 47  PHE A CB  1 
ATOM   389  C  CG  . PHE A 1 47  ? -33.261 4.537   -1.315  1.00 88.49  ? 47  PHE A CG  1 
ATOM   390  C  CD1 . PHE A 1 47  ? -33.899 5.772   -1.280  1.00 90.08  ? 47  PHE A CD1 1 
ATOM   391  C  CD2 . PHE A 1 47  ? -33.201 3.842   -2.524  1.00 90.33  ? 47  PHE A CD2 1 
ATOM   392  C  CE1 . PHE A 1 47  ? -34.481 6.302   -2.425  1.00 91.88  ? 47  PHE A CE1 1 
ATOM   393  C  CE2 . PHE A 1 47  ? -33.783 4.367   -3.672  1.00 92.20  ? 47  PHE A CE2 1 
ATOM   394  C  CZ  . PHE A 1 47  ? -34.423 5.599   -3.622  1.00 91.39  ? 47  PHE A CZ  1 
ATOM   395  N  N   . MET A 1 48  ? -33.707 1.092   0.371   1.00 86.57  ? 48  MET A N   1 
ATOM   396  C  CA  . MET A 1 48  ? -34.228 -0.228  -0.011  1.00 84.09  ? 48  MET A CA  1 
ATOM   397  C  C   . MET A 1 48  ? -35.677 -0.494  0.423   1.00 78.24  ? 48  MET A C   1 
ATOM   398  O  O   . MET A 1 48  ? -36.012 -0.442  1.606   1.00 69.83  ? 48  MET A O   1 
ATOM   399  C  CB  . MET A 1 48  ? -33.292 -1.283  0.596   1.00 88.89  ? 48  MET A CB  1 
ATOM   400  C  CG  . MET A 1 48  ? -33.585 -2.732  0.267   1.00 93.68  ? 48  MET A CG  1 
ATOM   401  S  SD  . MET A 1 48  ? -32.425 -3.818  1.134   1.00 100.12 ? 48  MET A SD  1 
ATOM   402  C  CE  . MET A 1 48  ? -33.147 -3.884  2.773   1.00 97.61  ? 48  MET A CE  1 
ATOM   403  N  N   . LEU A 1 57  ? -32.827 -4.201  -8.484  1.00 71.39  ? 57  LEU A N   1 
ATOM   404  C  CA  . LEU A 1 57  ? -33.123 -2.968  -7.747  1.00 74.13  ? 57  LEU A CA  1 
ATOM   405  C  C   . LEU A 1 57  ? -32.223 -2.749  -6.522  1.00 72.26  ? 57  LEU A C   1 
ATOM   406  O  O   . LEU A 1 57  ? -31.702 -1.651  -6.306  1.00 66.85  ? 57  LEU A O   1 
ATOM   407  C  CB  . LEU A 1 57  ? -34.607 -2.947  -7.330  1.00 78.79  ? 57  LEU A CB  1 
ATOM   408  C  CG  . LEU A 1 57  ? -35.185 -3.806  -6.186  1.00 79.30  ? 57  LEU A CG  1 
ATOM   409  C  CD1 . LEU A 1 57  ? -36.582 -3.310  -5.822  1.00 79.98  ? 57  LEU A CD1 1 
ATOM   410  C  CD2 . LEU A 1 57  ? -35.223 -5.291  -6.533  1.00 76.68  ? 57  LEU A CD2 1 
ATOM   411  N  N   . GLN A 1 58  ? -32.082 -3.819  -5.740  1.00 72.07  ? 58  GLN A N   1 
ATOM   412  C  CA  . GLN A 1 58  ? -31.308 -3.894  -4.491  1.00 69.87  ? 58  GLN A CA  1 
ATOM   413  C  C   . GLN A 1 58  ? -30.096 -4.872  -4.644  1.00 69.42  ? 58  GLN A C   1 
ATOM   414  O  O   . GLN A 1 58  ? -29.412 -5.244  -3.685  1.00 68.39  ? 58  GLN A O   1 
ATOM   415  C  CB  . GLN A 1 58  ? -32.296 -4.269  -3.371  1.00 67.10  ? 58  GLN A CB  1 
ATOM   416  C  CG  . GLN A 1 58  ? -31.747 -4.821  -2.071  1.00 67.20  ? 58  GLN A CG  1 
ATOM   417  C  CD  . GLN A 1 58  ? -31.812 -6.343  -1.969  1.00 67.78  ? 58  GLN A CD  1 
ATOM   418  O  OE1 . GLN A 1 58  ? -31.569 -7.060  -2.949  1.00 65.67  ? 58  GLN A OE1 1 
ATOM   419  N  NE2 . GLN A 1 58  ? -32.144 -6.846  -0.771  1.00 64.03  ? 58  GLN A NE2 1 
ATOM   420  N  N   . ASP A 1 59  ? -29.837 -5.263  -5.887  1.00 68.96  ? 59  ASP A N   1 
ATOM   421  C  CA  . ASP A 1 59  ? -28.569 -5.846  -6.317  1.00 67.88  ? 59  ASP A CA  1 
ATOM   422  C  C   . ASP A 1 59  ? -27.398 -4.886  -6.024  1.00 67.24  ? 59  ASP A C   1 
ATOM   423  O  O   . ASP A 1 59  ? -26.251 -5.307  -5.855  1.00 69.29  ? 59  ASP A O   1 
ATOM   424  C  CB  . ASP A 1 59  ? -28.669 -6.124  -7.822  1.00 69.03  ? 59  ASP A CB  1 
ATOM   425  C  CG  . ASP A 1 59  ? -27.467 -6.840  -8.379  1.00 72.99  ? 59  ASP A CG  1 
ATOM   426  O  OD1 . ASP A 1 59  ? -26.948 -7.769  -7.719  1.00 77.91  ? 59  ASP A OD1 1 
ATOM   427  O  OD2 . ASP A 1 59  ? -27.049 -6.470  -9.495  1.00 73.70  ? 59  ASP A OD2 1 
ATOM   428  N  N   . ILE A 1 60  ? -27.710 -3.593  -5.988  1.00 63.15  ? 60  ILE A N   1 
ATOM   429  C  CA  . ILE A 1 60  ? -26.776 -2.541  -5.611  1.00 60.40  ? 60  ILE A CA  1 
ATOM   430  C  C   . ILE A 1 60  ? -26.290 -2.672  -4.151  1.00 55.84  ? 60  ILE A C   1 
ATOM   431  O  O   . ILE A 1 60  ? -25.097 -2.512  -3.892  1.00 54.24  ? 60  ILE A O   1 
ATOM   432  C  CB  . ILE A 1 60  ? -27.409 -1.163  -5.938  1.00 60.69  ? 60  ILE A CB  1 
ATOM   433  C  CG1 . ILE A 1 60  ? -27.522 -1.007  -7.459  1.00 61.68  ? 60  ILE A CG1 1 
ATOM   434  C  CG2 . ILE A 1 60  ? -26.593 0.004   -5.397  1.00 61.94  ? 60  ILE A CG2 1 
ATOM   435  C  CD1 . ILE A 1 60  ? -28.698 -0.168  -7.894  1.00 64.96  ? 60  ILE A CD1 1 
ATOM   436  N  N   . VAL A 1 61  ? -27.191 -2.977  -3.219  1.00 52.01  ? 61  VAL A N   1 
ATOM   437  C  CA  . VAL A 1 61  ? -26.794 -3.262  -1.823  1.00 51.64  ? 61  VAL A CA  1 
ATOM   438  C  C   . VAL A 1 61  ? -25.784 -4.423  -1.739  1.00 49.71  ? 61  VAL A C   1 
ATOM   439  O  O   . VAL A 1 61  ? -24.843 -4.369  -0.942  1.00 45.51  ? 61  VAL A O   1 
ATOM   440  C  CB  . VAL A 1 61  ? -28.017 -3.560  -0.923  1.00 53.77  ? 61  VAL A CB  1 
ATOM   441  C  CG1 . VAL A 1 61  ? -27.612 -4.091  0.454   1.00 55.26  ? 61  VAL A CG1 1 
ATOM   442  C  CG2 . VAL A 1 61  ? -28.840 -2.297  -0.744  1.00 56.30  ? 61  VAL A CG2 1 
ATOM   443  N  N   . ASN A 1 62  ? -25.995 -5.452  -2.563  1.00 47.17  ? 62  ASN A N   1 
ATOM   444  C  CA  . ASN A 1 62  ? -25.141 -6.640  -2.597  1.00 46.59  ? 62  ASN A CA  1 
ATOM   445  C  C   . ASN A 1 62  ? -23.753 -6.367  -3.168  1.00 44.92  ? 62  ASN A C   1 
ATOM   446  O  O   . ASN A 1 62  ? -22.756 -6.814  -2.614  1.00 41.56  ? 62  ASN A O   1 
ATOM   447  C  CB  . ASN A 1 62  ? -25.813 -7.755  -3.408  1.00 47.08  ? 62  ASN A CB  1 
ATOM   448  C  CG  . ASN A 1 62  ? -26.963 -8.429  -2.663  1.00 47.56  ? 62  ASN A CG  1 
ATOM   449  O  OD1 . ASN A 1 62  ? -27.259 -8.114  -1.501  1.00 50.06  ? 62  ASN A OD1 1 
ATOM   450  N  ND2 . ASN A 1 62  ? -27.615 -9.371  -3.335  1.00 44.99  ? 62  ASN A ND2 1 
ATOM   451  N  N   . GLN A 1 63  ? -23.709 -5.646  -4.283  1.00 44.94  ? 63  GLN A N   1 
ATOM   452  C  CA  . GLN A 1 63  ? -22.446 -5.168  -4.869  1.00 46.11  ? 63  GLN A CA  1 
ATOM   453  C  C   . GLN A 1 63  ? -21.656 -4.289  -3.872  1.00 42.12  ? 63  GLN A C   1 
ATOM   454  O  O   . GLN A 1 63  ? -20.457 -4.485  -3.640  1.00 40.93  ? 63  GLN A O   1 
ATOM   455  C  CB  . GLN A 1 63  ? -22.713 -4.391  -6.170  1.00 49.63  ? 63  GLN A CB  1 
ATOM   456  C  CG  . GLN A 1 63  ? -22.692 -5.221  -7.456  1.00 53.22  ? 63  GLN A CG  1 
ATOM   457  C  CD  . GLN A 1 63  ? -23.513 -4.589  -8.587  1.00 58.98  ? 63  GLN A CD  1 
ATOM   458  O  OE1 . GLN A 1 63  ? -22.976 -3.921  -9.483  1.00 56.75  ? 63  GLN A OE1 1 
ATOM   459  N  NE2 . GLN A 1 63  ? -24.830 -4.792  -8.539  1.00 63.35  ? 63  GLN A NE2 1 
ATOM   460  N  N   . LEU A 1 64  ? -22.349 -3.323  -3.287  1.00 38.74  ? 64  LEU A N   1 
ATOM   461  C  CA  . LEU A 1 64  ? -21.760 -2.442  -2.280  1.00 36.86  ? 64  LEU A CA  1 
ATOM   462  C  C   . LEU A 1 64  ? -21.270 -3.182  -1.039  1.00 37.14  ? 64  LEU A C   1 
ATOM   463  O  O   . LEU A 1 64  ? -20.187 -2.882  -0.534  1.00 36.46  ? 64  LEU A O   1 
ATOM   464  C  CB  . LEU A 1 64  ? -22.761 -1.362  -1.857  1.00 35.31  ? 64  LEU A CB  1 
ATOM   465  C  CG  . LEU A 1 64  ? -23.008 -0.206  -2.818  1.00 33.75  ? 64  LEU A CG  1 
ATOM   466  C  CD1 . LEU A 1 64  ? -24.090 0.685   -2.239  1.00 32.93  ? 64  LEU A CD1 1 
ATOM   467  C  CD2 . LEU A 1 64  ? -21.729 0.581   -3.037  1.00 33.26  ? 64  LEU A CD2 1 
ATOM   468  N  N   . ASP A 1 65  ? -22.060 -4.133  -0.550  1.00 37.29  ? 65  ASP A N   1 
ATOM   469  C  CA  . ASP A 1 65  ? -21.653 -4.921  0.615   1.00 39.55  ? 65  ASP A CA  1 
ATOM   470  C  C   . ASP A 1 65  ? -20.422 -5.812  0.306   1.00 36.62  ? 65  ASP A C   1 
ATOM   471  O  O   . ASP A 1 65  ? -19.564 -6.034  1.171   1.00 33.96  ? 65  ASP A O   1 
ATOM   472  C  CB  . ASP A 1 65  ? -22.824 -5.757  1.151   1.00 42.52  ? 65  ASP A CB  1 
ATOM   473  C  CG  . ASP A 1 65  ? -22.580 -6.267  2.573   1.00 48.24  ? 65  ASP A CG  1 
ATOM   474  O  OD1 . ASP A 1 65  ? -22.072 -5.496  3.429   1.00 52.51  ? 65  ASP A OD1 1 
ATOM   475  O  OD2 . ASP A 1 65  ? -22.899 -7.447  2.839   1.00 50.98  ? 65  ASP A OD2 1 
ATOM   476  N  N   . LYS A 1 66  ? -20.340 -6.292  -0.931  1.00 33.30  ? 66  LYS A N   1 
ATOM   477  C  CA  . LYS A 1 66  ? -19.221 -7.094  -1.376  1.00 33.37  ? 66  LYS A CA  1 
ATOM   478  C  C   . LYS A 1 66  ? -17.946 -6.262  -1.408  1.00 32.29  ? 66  LYS A C   1 
ATOM   479  O  O   . LYS A 1 66  ? -16.885 -6.722  -0.969  1.00 30.38  ? 66  LYS A O   1 
ATOM   480  C  CB  . LYS A 1 66  ? -19.506 -7.646  -2.774  1.00 34.79  ? 66  LYS A CB  1 
ATOM   481  C  CG  . LYS A 1 66  ? -18.652 -8.847  -3.184  1.00 36.77  ? 66  LYS A CG  1 
ATOM   482  C  CD  . LYS A 1 66  ? -17.415 -8.448  -3.961  1.00 37.09  ? 66  LYS A CD  1 
ATOM   483  C  CE  . LYS A 1 66  ? -16.724 -9.654  -4.574  1.00 37.99  ? 66  LYS A CE  1 
ATOM   484  N  NZ  . LYS A 1 66  ? -15.694 -9.194  -5.550  1.00 38.25  ? 66  LYS A NZ  1 
ATOM   485  N  N   . LEU A 1 67  ? -18.067 -5.055  -1.970  1.00 31.42  ? 67  LEU A N   1 
ATOM   486  C  CA  . LEU A 1 67  ? -16.961 -4.095  -2.034  1.00 31.76  ? 67  LEU A CA  1 
ATOM   487  C  C   . LEU A 1 67  ? -16.476 -3.684  -0.647  1.00 29.23  ? 67  LEU A C   1 
ATOM   488  O  O   . LEU A 1 67  ? -15.270 -3.631  -0.419  1.00 28.59  ? 67  LEU A O   1 
ATOM   489  C  CB  . LEU A 1 67  ? -17.330 -2.856  -2.853  1.00 32.97  ? 67  LEU A CB  1 
ATOM   490  C  CG  . LEU A 1 67  ? -17.438 -3.045  -4.365  1.00 35.46  ? 67  LEU A CG  1 
ATOM   491  C  CD1 . LEU A 1 67  ? -18.109 -1.831  -4.994  1.00 36.80  ? 67  LEU A CD1 1 
ATOM   492  C  CD2 . LEU A 1 67  ? -16.080 -3.284  -5.017  1.00 35.74  ? 67  LEU A CD2 1 
ATOM   493  N  N   . PHE A 1 68  ? -17.390 -3.425  0.284   1.00 26.81  ? 68  PHE A N   1 
ATOM   494  C  CA  . PHE A 1 68  ? -16.950 -3.109  1.645   1.00 26.77  ? 68  PHE A CA  1 
ATOM   495  C  C   . PHE A 1 68  ? -16.098 -4.232  2.209   1.00 26.79  ? 68  PHE A C   1 
ATOM   496  O  O   . PHE A 1 68  ? -14.984 -3.996  2.671   1.00 25.88  ? 68  PHE A O   1 
ATOM   497  C  CB  . PHE A 1 68  ? -18.084 -2.817  2.623   1.00 25.63  ? 68  PHE A CB  1 
ATOM   498  C  CG  . PHE A 1 68  ? -17.597 -2.663  4.035   1.00 25.01  ? 68  PHE A CG  1 
ATOM   499  C  CD1 . PHE A 1 68  ? -16.845 -1.563  4.396   1.00 24.80  ? 68  PHE A CD1 1 
ATOM   500  C  CD2 . PHE A 1 68  ? -17.817 -3.656  4.982   1.00 25.44  ? 68  PHE A CD2 1 
ATOM   501  C  CE1 . PHE A 1 68  ? -16.358 -1.435  5.680   1.00 24.63  ? 68  PHE A CE1 1 
ATOM   502  C  CE2 . PHE A 1 68  ? -17.330 -3.531  6.275   1.00 25.50  ? 68  PHE A CE2 1 
ATOM   503  C  CZ  . PHE A 1 68  ? -16.591 -2.422  6.617   1.00 24.45  ? 68  PHE A CZ  1 
ATOM   504  N  N   . ARG A 1 69  ? -16.632 -5.445  2.158   1.00 27.63  ? 69  ARG A N   1 
ATOM   505  C  CA  . ARG A 1 69  ? -15.898 -6.628  2.598   1.00 29.17  ? 69  ARG A CA  1 
ATOM   506  C  C   . ARG A 1 69  ? -14.559 -6.828  1.877   1.00 26.90  ? 69  ARG A C   1 
ATOM   507  O  O   . ARG A 1 69  ? -13.554 -7.074  2.533   1.00 26.29  ? 69  ARG A O   1 
ATOM   508  C  CB  . ARG A 1 69  ? -16.774 -7.873  2.484   1.00 34.18  ? 69  ARG A CB  1 
ATOM   509  C  CG  . ARG A 1 69  ? -17.766 -8.047  3.629   1.00 39.38  ? 69  ARG A CG  1 
ATOM   510  C  CD  . ARG A 1 69  ? -18.235 -9.493  3.700   1.00 45.62  ? 69  ARG A CD  1 
ATOM   511  N  NE  . ARG A 1 69  ? -19.032 -9.825  2.518   1.00 50.84  ? 69  ARG A NE  1 
ATOM   512  C  CZ  . ARG A 1 69  ? -20.346 -9.621  2.389   1.00 54.59  ? 69  ARG A CZ  1 
ATOM   513  N  NH1 . ARG A 1 69  ? -21.059 -9.096  3.383   1.00 56.11  ? 69  ARG A NH1 1 
ATOM   514  N  NH2 . ARG A 1 69  ? -20.958 -9.955  1.251   1.00 56.38  ? 69  ARG A NH2 1 
ATOM   515  N  N   . ASP A 1 70  ? -14.536 -6.702  0.551   1.00 25.92  ? 70  ASP A N   1 
ATOM   516  C  CA  . ASP A 1 70  ? -13.261 -6.690  -0.206  1.00 25.87  ? 70  ASP A CA  1 
ATOM   517  C  C   . ASP A 1 70  ? -12.237 -5.748  0.408   1.00 23.32  ? 70  ASP A C   1 
ATOM   518  O  O   . ASP A 1 70  ? -11.134 -6.149  0.748   1.00 22.39  ? 70  ASP A O   1 
ATOM   519  C  CB  . ASP A 1 70  ? -13.455 -6.253  -1.668  1.00 26.90  ? 70  ASP A CB  1 
ATOM   520  C  CG  . ASP A 1 70  ? -13.984 -7.361  -2.558  1.00 28.77  ? 70  ASP A CG  1 
ATOM   521  O  OD1 . ASP A 1 70  ? -13.948 -8.537  -2.143  1.00 26.91  ? 70  ASP A OD1 1 
ATOM   522  O  OD2 . ASP A 1 70  ? -14.436 -7.035  -3.688  1.00 30.30  ? 70  ASP A OD2 1 
ATOM   523  N  N   . LEU A 1 71  ? -12.630 -4.493  0.538   1.00 21.38  ? 71  LEU A N   1 
ATOM   524  C  CA  . LEU A 1 71  ? -11.755 -3.472  1.066   1.00 21.08  ? 71  LEU A CA  1 
ATOM   525  C  C   . LEU A 1 71  ? -11.369 -3.717  2.516   1.00 20.19  ? 71  LEU A C   1 
ATOM   526  O  O   . LEU A 1 71  ? -10.205 -3.594  2.872   1.00 20.27  ? 71  LEU A O   1 
ATOM   527  C  CB  . LEU A 1 71  ? -12.405 -2.098  0.944   1.00 21.37  ? 71  LEU A CB  1 
ATOM   528  C  CG  . LEU A 1 71  ? -11.548 -0.912  1.386   1.00 21.82  ? 71  LEU A CG  1 
ATOM   529  C  CD1 . LEU A 1 71  ? -10.234 -0.828  0.629   1.00 22.02  ? 71  LEU A CD1 1 
ATOM   530  C  CD2 . LEU A 1 71  ? -12.366 0.352   1.203   1.00 21.86  ? 71  LEU A CD2 1 
ATOM   531  N  N   . ASP A 1 72  ? -12.334 -4.062  3.345   1.00 19.39  ? 72  ASP A N   1 
ATOM   532  C  CA  . ASP A 1 72  ? -12.063 -4.222  4.763   1.00 20.48  ? 72  ASP A CA  1 
ATOM   533  C  C   . ASP A 1 72  ? -11.045 -5.329  5.017   1.00 18.90  ? 72  ASP A C   1 
ATOM   534  O  O   . ASP A 1 72  ? -10.135 -5.165  5.837   1.00 17.72  ? 72  ASP A O   1 
ATOM   535  C  CB  . ASP A 1 72  ? -13.341 -4.554  5.529   1.00 22.70  ? 72  ASP A CB  1 
ATOM   536  C  CG  . ASP A 1 72  ? -13.158 -4.422  7.021   1.00 24.60  ? 72  ASP A CG  1 
ATOM   537  O  OD1 . ASP A 1 72  ? -12.764 -3.317  7.427   1.00 29.53  ? 72  ASP A OD1 1 
ATOM   538  O  OD2 . ASP A 1 72  ? -13.385 -5.398  7.771   1.00 25.41  ? 72  ASP A OD2 1 
ATOM   539  N  N   . ASN A 1 73  ? -11.230 -6.440  4.303   1.00 17.55  ? 73  ASN A N   1 
ATOM   540  C  CA  . ASN A 1 73  ? -10.285 -7.555  4.298   1.00 17.27  ? 73  ASN A CA  1 
ATOM   541  C  C   . ASN A 1 73  ? -8.891  -7.163  3.808   1.00 16.66  ? 73  ASN A C   1 
ATOM   542  O  O   . ASN A 1 73  ? -7.874  -7.565  4.381   1.00 16.27  ? 73  ASN A O   1 
ATOM   543  C  CB  . ASN A 1 73  ? -10.810 -8.685  3.423   1.00 17.54  ? 73  ASN A CB  1 
ATOM   544  C  CG  . ASN A 1 73  ? -9.851  -9.869  3.367   1.00 17.66  ? 73  ASN A CG  1 
ATOM   545  O  OD1 . ASN A 1 73  ? -9.688  -10.581 4.359   1.00 18.59  ? 73  ASN A OD1 1 
ATOM   546  N  ND2 . ASN A 1 73  ? -9.182  -10.058 2.222   1.00 17.46  ? 73  ASN A ND2 1 
ATOM   547  N  N   . HIS A 1 74  ? -8.852  -6.393  2.733   1.00 16.19  ? 74  HIS A N   1 
ATOM   548  C  CA  . HIS A 1 74  ? -7.602  -5.824  2.280   1.00 15.99  ? 74  HIS A CA  1 
ATOM   549  C  C   . HIS A 1 74  ? -6.888  -4.992  3.380   1.00 15.46  ? 74  HIS A C   1 
ATOM   550  O  O   . HIS A 1 74  ? -5.682  -5.072  3.540   1.00 14.33  ? 74  HIS A O   1 
ATOM   551  C  CB  . HIS A 1 74  ? -7.810  -4.992  1.029   1.00 16.08  ? 74  HIS A CB  1 
ATOM   552  C  CG  . HIS A 1 74  ? -6.589  -4.248  0.634   1.00 16.64  ? 74  HIS A CG  1 
ATOM   553  N  ND1 . HIS A 1 74  ? -5.448  -4.893  0.216   1.00 17.16  ? 74  HIS A ND1 1 
ATOM   554  C  CD2 . HIS A 1 74  ? -6.282  -2.933  0.686   1.00 16.93  ? 74  HIS A CD2 1 
ATOM   555  C  CE1 . HIS A 1 74  ? -4.501  -4.006  -0.007  1.00 17.08  ? 74  HIS A CE1 1 
ATOM   556  N  NE2 . HIS A 1 74  ? -4.978  -2.810  0.274   1.00 17.55  ? 74  HIS A NE2 1 
ATOM   557  N  N   . LEU A 1 75  ? -7.636  -4.214  4.141   1.00 15.67  ? 75  LEU A N   1 
ATOM   558  C  CA  . LEU A 1 75  ? -7.033  -3.382  5.185   1.00 16.40  ? 75  LEU A CA  1 
ATOM   559  C  C   . LEU A 1 75  ? -6.524  -4.198  6.371   1.00 16.73  ? 75  LEU A C   1 
ATOM   560  O  O   . LEU A 1 75  ? -5.442  -3.914  6.902   1.00 15.28  ? 75  LEU A O   1 
ATOM   561  C  CB  . LEU A 1 75  ? -7.995  -2.278  5.658   1.00 16.80  ? 75  LEU A CB  1 
ATOM   562  C  CG  . LEU A 1 75  ? -8.450  -1.268  4.598   1.00 16.84  ? 75  LEU A CG  1 
ATOM   563  C  CD1 . LEU A 1 75  ? -9.498  -0.314  5.164   1.00 17.51  ? 75  LEU A CD1 1 
ATOM   564  C  CD2 . LEU A 1 75  ? -7.280  -0.498  4.021   1.00 16.52  ? 75  LEU A CD2 1 
ATOM   565  N  N   . GLN A 1 76  ? -7.287  -5.211  6.782   1.00 17.26  ? 76  GLN A N   1 
ATOM   566  C  CA  . GLN A 1 76  ? -6.845  -6.068  7.863   1.00 18.55  ? 76  GLN A CA  1 
ATOM   567  C  C   . GLN A 1 76  ? -5.597  -6.844  7.455   1.00 17.64  ? 76  GLN A C   1 
ATOM   568  O  O   . GLN A 1 76  ? -4.632  -6.865  8.194   1.00 16.68  ? 76  GLN A O   1 
ATOM   569  C  CB  . GLN A 1 76  ? -7.953  -7.034  8.279   1.00 21.69  ? 76  GLN A CB  1 
ATOM   570  C  CG  . GLN A 1 76  ? -9.188  -6.360  8.857   1.00 23.49  ? 76  GLN A CG  1 
ATOM   571  C  CD  . GLN A 1 76  ? -10.215 -7.388  9.281   1.00 27.41  ? 76  GLN A CD  1 
ATOM   572  O  OE1 . GLN A 1 76  ? -9.943  -8.210  10.166  1.00 30.58  ? 76  GLN A OE1 1 
ATOM   573  N  NE2 . GLN A 1 76  ? -11.397 -7.374  8.641   1.00 28.08  ? 76  GLN A NE2 1 
ATOM   574  N  N   . ARG A 1 77  ? -5.616  -7.436  6.259   1.00 17.92  ? 77  ARG A N   1 
ATOM   575  C  CA  . ARG A 1 77  ? -4.444  -8.114  5.684   1.00 18.53  ? 77  ARG A CA  1 
ATOM   576  C  C   . ARG A 1 77  ? -3.253  -7.171  5.643   1.00 17.22  ? 77  ARG A C   1 
ATOM   577  O  O   . ARG A 1 77  ? -2.166  -7.501  6.087   1.00 16.30  ? 77  ARG A O   1 
ATOM   578  C  CB  . ARG A 1 77  ? -4.718  -8.598  4.249   1.00 19.99  ? 77  ARG A CB  1 
ATOM   579  C  CG  . ARG A 1 77  ? -5.752  -9.702  4.121   1.00 22.06  ? 77  ARG A CG  1 
ATOM   580  C  CD  . ARG A 1 77  ? -5.159  -11.085 4.201   1.00 23.69  ? 77  ARG A CD  1 
ATOM   581  N  NE  . ARG A 1 77  ? -4.211  -11.350 3.125   1.00 26.10  ? 77  ARG A NE  1 
ATOM   582  C  CZ  . ARG A 1 77  ? -3.368  -12.387 3.097   1.00 28.14  ? 77  ARG A CZ  1 
ATOM   583  N  NH1 . ARG A 1 77  ? -3.352  -13.281 4.095   1.00 29.08  ? 77  ARG A NH1 1 
ATOM   584  N  NH2 . ARG A 1 77  ? -2.526  -12.528 2.073   1.00 26.75  ? 77  ARG A NH2 1 
ATOM   585  N  N   . LYS A 1 78  ? -3.479  -5.984  5.098   1.00 16.41  ? 78  LYS A N   1 
ATOM   586  C  CA  . LYS A 1 78  ? -2.437  -4.986  4.960   1.00 15.43  ? 78  LYS A CA  1 
ATOM   587  C  C   . LYS A 1 78  ? -1.780  -4.600  6.294   1.00 13.54  ? 78  LYS A C   1 
ATOM   588  O  O   . LYS A 1 78  ? -0.574  -4.536  6.381   1.00 11.68  ? 78  LYS A O   1 
ATOM   589  C  CB  . LYS A 1 78  ? -3.035  -3.778  4.267   1.00 17.10  ? 78  LYS A CB  1 
ATOM   590  C  CG  . LYS A 1 78  ? -2.116  -2.613  4.159   1.00 18.38  ? 78  LYS A CG  1 
ATOM   591  C  CD  . LYS A 1 78  ? -0.949  -2.882  3.230   1.00 19.47  ? 78  LYS A CD  1 
ATOM   592  C  CE  . LYS A 1 78  ? -0.951  -1.826  2.137   1.00 20.33  ? 78  LYS A CE  1 
ATOM   593  N  NZ  . LYS A 1 78  ? 0.397   -1.384  1.719   1.00 20.83  ? 78  LYS A NZ  1 
ATOM   594  N  N   . ASP A 1 79  ? -2.570  -4.351  7.324   1.00 12.55  ? 79  ASP A N   1 
ATOM   595  C  CA  . ASP A 1 79  ? -2.008  -4.088  8.649   1.00 12.22  ? 79  ASP A CA  1 
ATOM   596  C  C   . ASP A 1 79  ? -1.022  -5.183  9.056   1.00 12.60  ? 79  ASP A C   1 
ATOM   597  O  O   . ASP A 1 79  ? 0.086   -4.914  9.536   1.00 13.19  ? 79  ASP A O   1 
ATOM   598  C  CB  . ASP A 1 79  ? -3.111  -3.975  9.706   1.00 12.21  ? 79  ASP A CB  1 
ATOM   599  C  CG  . ASP A 1 79  ? -3.736  -2.579  9.793   1.00 12.03  ? 79  ASP A CG  1 
ATOM   600  O  OD1 . ASP A 1 79  ? -3.157  -1.549  9.363   1.00 11.45  ? 79  ASP A OD1 1 
ATOM   601  O  OD2 . ASP A 1 79  ? -4.854  -2.505  10.310  1.00 12.65  ? 79  ASP A OD2 1 
ATOM   602  N  N   . ASP A 1 80  ? -1.432  -6.425  8.869   1.00 12.98  ? 80  ASP A N   1 
ATOM   603  C  CA  . ASP A 1 80  ? -0.568  -7.579  9.184   1.00 13.58  ? 80  ASP A CA  1 
ATOM   604  C  C   . ASP A 1 80  ? 0.753   -7.629  8.376   1.00 12.77  ? 80  ASP A C   1 
ATOM   605  O  O   . ASP A 1 80  ? 1.802   -7.836  8.943   1.00 12.33  ? 80  ASP A O   1 
ATOM   606  C  CB  . ASP A 1 80  ? -1.347  -8.896  9.048   1.00 14.16  ? 80  ASP A CB  1 
ATOM   607  C  CG  . ASP A 1 80  ? -2.410  -9.072  10.141  1.00 15.20  ? 80  ASP A CG  1 
ATOM   608  O  OD1 . ASP A 1 80  ? -2.327  -8.441  11.217  1.00 15.44  ? 80  ASP A OD1 1 
ATOM   609  O  OD2 . ASP A 1 80  ? -3.339  -9.872  9.911   1.00 16.38  ? 80  ASP A OD2 1 
ATOM   610  N  N   . THR A 1 81  ? 0.681   -7.407  7.078   1.00 12.17  ? 81  THR A N   1 
ATOM   611  C  CA  . THR A 1 81  ? 1.866   -7.347  6.222   1.00 12.45  ? 81  THR A CA  1 
ATOM   612  C  C   . THR A 1 81  ? 2.862   -6.244  6.614   1.00 12.12  ? 81  THR A C   1 
ATOM   613  O  O   . THR A 1 81  ? 4.067   -6.460  6.657   1.00 11.55  ? 81  THR A O   1 
ATOM   614  C  CB  . THR A 1 81  ? 1.392   -7.135  4.792   1.00 12.72  ? 81  THR A CB  1 
ATOM   615  O  OG1 . THR A 1 81  ? 0.601   -8.267  4.448   1.00 13.17  ? 81  THR A OG1 1 
ATOM   616  C  CG2 . THR A 1 81  ? 2.539   -7.016  3.803   1.00 13.25  ? 81  THR A CG2 1 
ATOM   617  N  N   . VAL A 1 82  ? 2.333   -5.060  6.875   1.00 12.07  ? 82  VAL A N   1 
ATOM   618  C  CA  . VAL A 1 82  ? 3.134   -3.910  7.267   1.00 12.05  ? 82  VAL A CA  1 
ATOM   619  C  C   . VAL A 1 82  ? 3.796   -4.173  8.626   1.00 12.93  ? 82  VAL A C   1 
ATOM   620  O  O   . VAL A 1 82  ? 4.936   -3.788  8.848   1.00 13.39  ? 82  VAL A O   1 
ATOM   621  C  CB  . VAL A 1 82  ? 2.244   -2.659  7.355   1.00 11.79  ? 82  VAL A CB  1 
ATOM   622  C  CG1 . VAL A 1 82  ? 2.972   -1.515  8.002   1.00 11.81  ? 82  VAL A CG1 1 
ATOM   623  C  CG2 . VAL A 1 82  ? 1.788   -2.245  5.983   1.00 11.74  ? 82  VAL A CG2 1 
ATOM   624  N  N   . HIS A 1 83  ? 3.062   -4.781  9.551   1.00 13.96  ? 83  HIS A N   1 
ATOM   625  C  CA  . HIS A 1 83  ? 3.615   -5.107  10.858  1.00 15.02  ? 83  HIS A CA  1 
ATOM   626  C  C   . HIS A 1 83  ? 4.834   -6.017  10.728  1.00 15.41  ? 83  HIS A C   1 
ATOM   627  O  O   . HIS A 1 83  ? 5.828   -5.815  11.411  1.00 15.56  ? 83  HIS A O   1 
ATOM   628  C  CB  . HIS A 1 83  ? 2.560   -5.772  11.712  1.00 16.12  ? 83  HIS A CB  1 
ATOM   629  C  CG  . HIS A 1 83  ? 3.032   -6.132  13.089  1.00 17.71  ? 83  HIS A CG  1 
ATOM   630  N  ND1 . HIS A 1 83  ? 2.902   -5.284  14.166  1.00 18.67  ? 83  HIS A ND1 1 
ATOM   631  C  CD2 . HIS A 1 83  ? 3.630   -7.248  13.562  1.00 17.80  ? 83  HIS A CD2 1 
ATOM   632  C  CE1 . HIS A 1 83  ? 3.392   -5.862  15.245  1.00 18.46  ? 83  HIS A CE1 1 
ATOM   633  N  NE2 . HIS A 1 83  ? 3.850   -7.050  14.902  1.00 18.52  ? 83  HIS A NE2 1 
ATOM   634  N  N   . HIS A 1 84  ? 4.739   -7.021  9.856   1.00 15.53  ? 84  HIS A N   1 
ATOM   635  C  CA  . HIS A 1 84  ? 5.830   -7.974  9.623   1.00 15.87  ? 84  HIS A CA  1 
ATOM   636  C  C   . HIS A 1 84  ? 7.041   -7.307  8.912   1.00 15.84  ? 84  HIS A C   1 
ATOM   637  O  O   . HIS A 1 84  ? 8.185   -7.509  9.317   1.00 14.39  ? 84  HIS A O   1 
ATOM   638  C  CB  . HIS A 1 84  ? 5.263   -9.166  8.846   1.00 16.40  ? 84  HIS A CB  1 
ATOM   639  C  CG  . HIS A 1 84  ? 6.274   -10.195 8.472   1.00 17.33  ? 84  HIS A CG  1 
ATOM   640  N  ND1 . HIS A 1 84  ? 7.022   -10.876 9.404   1.00 17.70  ? 84  HIS A ND1 1 
ATOM   641  C  CD2 . HIS A 1 84  ? 6.649   -10.672 7.262   1.00 18.20  ? 84  HIS A CD2 1 
ATOM   642  C  CE1 . HIS A 1 84  ? 7.839   -11.706 8.781   1.00 18.21  ? 84  HIS A CE1 1 
ATOM   643  N  NE2 . HIS A 1 84  ? 7.623   -11.610 7.483   1.00 18.55  ? 84  HIS A NE2 1 
ATOM   644  N  N   . ARG A 1 85  ? 6.765   -6.498  7.891   1.00 16.00  ? 85  ARG A N   1 
ATOM   645  C  CA  . ARG A 1 85  ? 7.801   -5.743  7.154   1.00 17.63  ? 85  ARG A CA  1 
ATOM   646  C  C   . ARG A 1 85  ? 8.542   -4.755  8.051   1.00 18.20  ? 85  ARG A C   1 
ATOM   647  O  O   . ARG A 1 85  ? 9.761   -4.693  8.044   1.00 17.46  ? 85  ARG A O   1 
ATOM   648  C  CB  . ARG A 1 85  ? 7.196   -5.049  5.915   1.00 18.52  ? 85  ARG A CB  1 
ATOM   649  C  CG  . ARG A 1 85  ? 7.562   -3.589  5.629   1.00 19.98  ? 85  ARG A CG  1 
ATOM   650  C  CD  . ARG A 1 85  ? 6.699   -3.070  4.477   1.00 20.68  ? 85  ARG A CD  1 
ATOM   651  N  NE  . ARG A 1 85  ? 6.020   -1.781  4.694   1.00 21.15  ? 85  ARG A NE  1 
ATOM   652  C  CZ  . ARG A 1 85  ? 5.041   -1.324  3.905   1.00 21.89  ? 85  ARG A CZ  1 
ATOM   653  N  NH1 . ARG A 1 85  ? 4.447   -0.143  4.153   1.00 21.67  ? 85  ARG A NH1 1 
ATOM   654  N  NH2 . ARG A 1 85  ? 4.612   -2.065  2.870   1.00 22.53  ? 85  ARG A NH2 1 
ATOM   655  N  N   . HIS A 1 86  ? 7.785   -4.001  8.829   1.00 19.69  ? 86  HIS A N   1 
ATOM   656  C  CA  A HIS A 1 86  ? 8.360   -3.058  9.763   0.50 21.17  ? 86  HIS A CA  1 
ATOM   657  C  CA  B HIS A 1 86  ? 8.343   -3.039  9.783   0.50 20.16  ? 86  HIS A CA  1 
ATOM   658  C  C   . HIS A 1 86  ? 9.339   -3.730  10.729  1.00 21.40  ? 86  HIS A C   1 
ATOM   659  O  O   . HIS A 1 86  ? 10.459  -3.249  10.948  1.00 20.89  ? 86  HIS A O   1 
ATOM   660  C  CB  A HIS A 1 86  ? 7.247   -2.398  10.551  0.50 22.44  ? 86  HIS A CB  1 
ATOM   661  C  CB  B HIS A 1 86  ? 7.214   -2.377  10.597  0.50 20.16  ? 86  HIS A CB  1 
ATOM   662  C  CG  A HIS A 1 86  ? 7.709   -1.249  11.372  0.50 23.69  ? 86  HIS A CG  1 
ATOM   663  C  CG  B HIS A 1 86  ? 6.517   -1.254  9.886   0.50 19.84  ? 86  HIS A CG  1 
ATOM   664  N  ND1 A HIS A 1 86  ? 8.068   -0.042  10.813  0.50 24.81  ? 86  HIS A ND1 1 
ATOM   665  N  ND1 B HIS A 1 86  ? 5.710   -0.345  10.539  0.50 19.89  ? 86  HIS A ND1 1 
ATOM   666  C  CD2 A HIS A 1 86  ? 7.886   -1.121  12.706  0.50 24.35  ? 86  HIS A CD2 1 
ATOM   667  C  CD2 B HIS A 1 86  ? 6.516   -0.883  8.584   0.50 20.07  ? 86  HIS A CD2 1 
ATOM   668  C  CE1 A HIS A 1 86  ? 8.426   0.788   11.774  0.50 25.15  ? 86  HIS A CE1 1 
ATOM   669  C  CE1 B HIS A 1 86  ? 5.234   0.528   9.672   0.50 19.62  ? 86  HIS A CE1 1 
ATOM   670  N  NE2 A HIS A 1 86  ? 8.317   0.160   12.933  0.50 24.88  ? 86  HIS A NE2 1 
ATOM   671  N  NE2 B HIS A 1 86  ? 5.714   0.230   8.481   0.50 19.94  ? 86  HIS A NE2 1 
ATOM   672  N  N   . HIS A 1 87  ? 8.903   -4.843  11.302  1.00 22.31  ? 87  HIS A N   1 
ATOM   673  C  CA  . HIS A 1 87  ? 9.706   -5.648  12.216  1.00 23.90  ? 87  HIS A CA  1 
ATOM   674  C  C   . HIS A 1 87  ? 11.020  -6.169  11.554  1.00 22.43  ? 87  HIS A C   1 
ATOM   675  O  O   . HIS A 1 87  ? 12.084  -6.120  12.154  1.00 21.38  ? 87  HIS A O   1 
ATOM   676  C  CB  . HIS A 1 87  ? 8.826   -6.792  12.711  1.00 27.68  ? 87  HIS A CB  1 
ATOM   677  C  CG  . HIS A 1 87  ? 9.519   -7.751  13.614  1.00 34.31  ? 87  HIS A CG  1 
ATOM   678  N  ND1 . HIS A 1 87  ? 9.434   -7.671  14.987  1.00 39.67  ? 87  HIS A ND1 1 
ATOM   679  C  CD2 . HIS A 1 87  ? 10.292  -8.831  13.345  1.00 39.02  ? 87  HIS A CD2 1 
ATOM   680  C  CE1 . HIS A 1 87  ? 10.133  -8.658  15.526  1.00 41.23  ? 87  HIS A CE1 1 
ATOM   681  N  NE2 . HIS A 1 87  ? 10.666  -9.374  14.553  1.00 40.37  ? 87  HIS A NE2 1 
ATOM   682  N  N   . GLN A 1 88  ? 10.933  -6.650  10.320  1.00 20.66  ? 88  GLN A N   1 
ATOM   683  C  CA  . GLN A 1 88  ? 12.110  -7.045  9.542   1.00 19.56  ? 88  GLN A CA  1 
ATOM   684  C  C   . GLN A 1 88  ? 13.028  -5.854  9.296   1.00 18.95  ? 88  GLN A C   1 
ATOM   685  O  O   . GLN A 1 88  ? 14.227  -5.944  9.462   1.00 18.81  ? 88  GLN A O   1 
ATOM   686  C  CB  . GLN A 1 88  ? 11.697  -7.639  8.192   1.00 19.68  ? 88  GLN A CB  1 
ATOM   687  C  CG  . GLN A 1 88  ? 11.003  -8.998  8.218   1.00 20.41  ? 88  GLN A CG  1 
ATOM   688  C  CD  . GLN A 1 88  ? 10.441  -9.374  6.842   1.00 21.38  ? 88  GLN A CD  1 
ATOM   689  O  OE1 . GLN A 1 88  ? 9.522   -8.740  6.344   1.00 24.61  ? 88  GLN A OE1 1 
ATOM   690  N  NE2 . GLN A 1 88  ? 11.000  -10.386 6.222   1.00 22.89  ? 88  GLN A NE2 1 
ATOM   691  N  N   . LEU A 1 89  ? 12.462  -4.731  8.899   1.00 18.85  ? 89  LEU A N   1 
ATOM   692  C  CA  . LEU A 1 89  ? 13.274  -3.567  8.530   1.00 19.55  ? 89  LEU A CA  1 
ATOM   693  C  C   . LEU A 1 89  ? 14.011  -2.960  9.718   1.00 20.46  ? 89  LEU A C   1 
ATOM   694  O  O   . LEU A 1 89  ? 15.115  -2.474  9.564   1.00 21.94  ? 89  LEU A O   1 
ATOM   695  C  CB  . LEU A 1 89  ? 12.416  -2.507  7.842   1.00 18.23  ? 89  LEU A CB  1 
ATOM   696  C  CG  . LEU A 1 89  ? 11.995  -2.884  6.435   1.00 17.96  ? 89  LEU A CG  1 
ATOM   697  C  CD1 . LEU A 1 89  ? 10.839  -2.015  6.009   1.00 18.87  ? 89  LEU A CD1 1 
ATOM   698  C  CD2 . LEU A 1 89  ? 13.147  -2.730  5.462   1.00 18.14  ? 89  LEU A CD2 1 
ATOM   699  N  N   . ASN A 1 90  ? 13.412  -3.006  10.894  1.00 21.54  ? 90  ASN A N   1 
ATOM   700  C  CA  . ASN A 1 90  ? 14.042  -2.458  12.101  1.00 22.38  ? 90  ASN A CA  1 
ATOM   701  C  C   . ASN A 1 90  ? 15.196  -3.281  12.633  1.00 23.84  ? 90  ASN A C   1 
ATOM   702  O  O   . ASN A 1 90  ? 16.212  -2.720  13.063  1.00 21.66  ? 90  ASN A O   1 
ATOM   703  C  CB  . ASN A 1 90  ? 13.016  -2.292  13.212  1.00 22.83  ? 90  ASN A CB  1 
ATOM   704  C  CG  . ASN A 1 90  ? 12.261  -1.009  13.097  1.00 23.93  ? 90  ASN A CG  1 
ATOM   705  O  OD1 . ASN A 1 90  ? 12.720  -0.062  12.458  1.00 25.80  ? 90  ASN A OD1 1 
ATOM   706  N  ND2 . ASN A 1 90  ? 11.102  -0.954  13.715  1.00 25.69  ? 90  ASN A ND2 1 
ATOM   707  N  N   . LYS A 1 91  ? 14.994  -4.600  12.640  1.00 26.06  ? 91  LYS A N   1 
ATOM   708  C  CA  . LYS A 1 91  ? 16.048  -5.575  12.883  1.00 28.32  ? 91  LYS A CA  1 
ATOM   709  C  C   . LYS A 1 91  ? 17.202  -5.327  11.931  1.00 27.72  ? 91  LYS A C   1 
ATOM   710  O  O   . LYS A 1 91  ? 18.348  -5.185  12.354  1.00 27.20  ? 91  LYS A O   1 
ATOM   711  C  CB  . LYS A 1 91  ? 15.546  -7.003  12.654  1.00 31.35  ? 91  LYS A CB  1 
ATOM   712  C  CG  . LYS A 1 91  ? 14.608  -7.529  13.724  1.00 36.99  ? 91  LYS A CG  1 
ATOM   713  C  CD  . LYS A 1 91  ? 14.591  -9.058  13.806  1.00 41.55  ? 91  LYS A CD  1 
ATOM   714  C  CE  . LYS A 1 91  ? 14.075  -9.502  15.170  1.00 45.21  ? 91  LYS A CE  1 
ATOM   715  N  NZ  . LYS A 1 91  ? 14.076  -10.981 15.351  1.00 49.74  ? 91  LYS A NZ  1 
ATOM   716  N  N   . LEU A 1 92  ? 16.889  -5.282  10.640  1.00 26.58  ? 92  LEU A N   1 
ATOM   717  C  CA  . LEU A 1 92  ? 17.918  -5.108  9.638   1.00 26.24  ? 92  LEU A CA  1 
ATOM   718  C  C   . LEU A 1 92  ? 18.612  -3.767  9.787   1.00 26.56  ? 92  LEU A C   1 
ATOM   719  O  O   . LEU A 1 92  ? 19.832  -3.699  9.675   1.00 26.57  ? 92  LEU A O   1 
ATOM   720  C  CB  . LEU A 1 92  ? 17.355  -5.281  8.239   1.00 26.73  ? 92  LEU A CB  1 
ATOM   721  C  CG  . LEU A 1 92  ? 18.427  -5.475  7.165   1.00 27.19  ? 92  LEU A CG  1 
ATOM   722  C  CD1 . LEU A 1 92  ? 17.987  -6.478  6.113   1.00 28.25  ? 92  LEU A CD1 1 
ATOM   723  C  CD2 . LEU A 1 92  ? 18.756  -4.156  6.500   1.00 27.17  ? 92  LEU A CD2 1 
ATOM   724  N  N   . LEU A 1 93  ? 17.849  -2.708  10.055  1.00 26.65  ? 93  LEU A N   1 
ATOM   725  C  CA  . LEU A 1 93  ? 18.435  -1.382  10.260  1.00 27.24  ? 93  LEU A CA  1 
ATOM   726  C  C   . LEU A 1 93  ? 19.368  -1.336  11.449  1.00 27.97  ? 93  LEU A C   1 
ATOM   727  O  O   . LEU A 1 93  ? 20.427  -0.741  11.374  1.00 27.49  ? 93  LEU A O   1 
ATOM   728  C  CB  . LEU A 1 93  ? 17.363  -0.321  10.467  1.00 27.93  ? 93  LEU A CB  1 
ATOM   729  C  CG  . LEU A 1 93  ? 16.838  0.348   9.208   1.00 29.14  ? 93  LEU A CG  1 
ATOM   730  C  CD1 . LEU A 1 93  ? 15.660  1.256   9.549   1.00 29.73  ? 93  LEU A CD1 1 
ATOM   731  C  CD2 . LEU A 1 93  ? 17.941  1.155   8.549   1.00 29.30  ? 93  LEU A CD2 1 
ATOM   732  N  N   . ALA A 1 94  ? 18.933  -1.941  12.550  1.00 29.17  ? 94  ALA A N   1 
ATOM   733  C  CA  . ALA A 1 94  ? 19.745  -2.092  13.749  1.00 29.87  ? 94  ALA A CA  1 
ATOM   734  C  C   . ALA A 1 94  ? 21.067  -2.822  13.468  1.00 31.28  ? 94  ALA A C   1 
ATOM   735  O  O   . ALA A 1 94  ? 22.126  -2.325  13.806  1.00 31.59  ? 94  ALA A O   1 
ATOM   736  C  CB  . ALA A 1 94  ? 18.953  -2.828  14.810  1.00 29.64  ? 94  ALA A CB  1 
ATOM   737  N  N   . GLN A 1 95  ? 20.985  -3.988  12.838  1.00 33.98  ? 95  GLN A N   1 
ATOM   738  C  CA  . GLN A 1 95  ? 22.158  -4.754  12.386  1.00 36.18  ? 95  GLN A CA  1 
ATOM   739  C  C   . GLN A 1 95  ? 23.143  -3.927  11.571  1.00 38.00  ? 95  GLN A C   1 
ATOM   740  O  O   . GLN A 1 95  ? 24.352  -4.013  11.773  1.00 40.35  ? 95  GLN A O   1 
ATOM   741  C  CB  . GLN A 1 95  ? 21.718  -5.956  11.543  1.00 38.60  ? 95  GLN A CB  1 
ATOM   742  C  CG  . GLN A 1 95  ? 21.095  -7.071  12.373  1.00 42.11  ? 95  GLN A CG  1 
ATOM   743  C  CD  . GLN A 1 95  ? 20.486  -8.183  11.544  1.00 45.99  ? 95  GLN A CD  1 
ATOM   744  O  OE1 . GLN A 1 95  ? 19.926  -7.944  10.479  1.00 50.12  ? 95  GLN A OE1 1 
ATOM   745  N  NE2 . GLN A 1 95  ? 20.573  -9.411  12.044  1.00 48.82  ? 95  GLN A NE2 1 
ATOM   746  N  N   . LEU A 1 96  ? 22.621  -3.123  10.653  1.00 37.50  ? 96  LEU A N   1 
ATOM   747  C  CA  . LEU A 1 96  ? 23.452  -2.350  9.750   1.00 37.34  ? 96  LEU A CA  1 
ATOM   748  C  C   . LEU A 1 96  ? 24.142  -1.214  10.506  1.00 36.34  ? 96  LEU A C   1 
ATOM   749  O  O   . LEU A 1 96  ? 25.295  -0.896  10.241  1.00 34.21  ? 96  LEU A O   1 
ATOM   750  C  CB  . LEU A 1 96  ? 22.617  -1.813  8.578   1.00 37.96  ? 96  LEU A CB  1 
ATOM   751  C  CG  . LEU A 1 96  ? 23.321  -0.936  7.533   1.00 38.32  ? 96  LEU A CG  1 
ATOM   752  C  CD1 . LEU A 1 96  ? 24.641  -1.534  7.053   1.00 38.95  ? 96  LEU A CD1 1 
ATOM   753  C  CD2 . LEU A 1 96  ? 22.395  -0.684  6.346   1.00 38.04  ? 96  LEU A CD2 1 
ATOM   754  N  N   . ASP A 1 97  ? 23.426  -0.615  11.448  1.00 35.91  ? 97  ASP A N   1 
ATOM   755  C  CA  . ASP A 1 97  ? 23.986  0.414   12.324  1.00 36.67  ? 97  ASP A CA  1 
ATOM   756  C  C   . ASP A 1 97  ? 25.213  -0.106  13.071  1.00 38.36  ? 97  ASP A C   1 
ATOM   757  O  O   . ASP A 1 97  ? 26.243  0.563   13.131  1.00 39.02  ? 97  ASP A O   1 
ATOM   758  C  CB  . ASP A 1 97  ? 22.936  0.884   13.336  1.00 37.32  ? 97  ASP A CB  1 
ATOM   759  C  CG  . ASP A 1 97  ? 23.254  2.236   13.921  1.00 37.16  ? 97  ASP A CG  1 
ATOM   760  O  OD1 . ASP A 1 97  ? 24.436  2.599   13.987  1.00 42.37  ? 97  ASP A OD1 1 
ATOM   761  O  OD2 . ASP A 1 97  ? 22.325  2.954   14.315  1.00 37.43  ? 97  ASP A OD2 1 
ATOM   762  N  N   . ASN A 1 98  ? 25.076  -1.293  13.648  1.00 40.04  ? 98  ASN A N   1 
ATOM   763  C  CA  . ASN A 1 98  ? 26.159  -1.996  14.334  1.00 42.32  ? 98  ASN A CA  1 
ATOM   764  C  C   . ASN A 1 98  ? 27.410  -2.184  13.483  1.00 42.00  ? 98  ASN A C   1 
ATOM   765  O  O   . ASN A 1 98  ? 28.514  -1.970  13.945  1.00 43.69  ? 98  ASN A O   1 
ATOM   766  C  CB  . ASN A 1 98  ? 25.651  -3.365  14.788  1.00 45.49  ? 98  ASN A CB  1 
ATOM   767  C  CG  . ASN A 1 98  ? 26.608  -4.064  15.748  1.00 49.28  ? 98  ASN A CG  1 
ATOM   768  O  OD1 . ASN A 1 98  ? 26.972  -3.514  16.797  1.00 49.72  ? 98  ASN A OD1 1 
ATOM   769  N  ND2 . ASN A 1 98  ? 27.005  -5.293  15.403  1.00 50.33  ? 98  ASN A ND2 1 
ATOM   770  N  N   . LEU A 1 99  ? 27.226  -2.617  12.248  1.00 42.95  ? 99  LEU A N   1 
ATOM   771  C  CA  . LEU A 1 99  ? 28.334  -2.735  11.302  1.00 44.99  ? 99  LEU A CA  1 
ATOM   772  C  C   . LEU A 1 99  ? 29.014  -1.406  10.965  1.00 46.51  ? 99  LEU A C   1 
ATOM   773  O  O   . LEU A 1 99  ? 30.217  -1.379  10.726  1.00 49.72  ? 99  LEU A O   1 
ATOM   774  C  CB  . LEU A 1 99  ? 27.872  -3.433  10.021  1.00 46.47  ? 99  LEU A CB  1 
ATOM   775  C  CG  . LEU A 1 99  ? 28.046  -4.951  9.931   1.00 48.09  ? 99  LEU A CG  1 
ATOM   776  C  CD1 . LEU A 1 99  ? 27.893  -5.694  11.256  1.00 50.15  ? 99  LEU A CD1 1 
ATOM   777  C  CD2 . LEU A 1 99  ? 27.060  -5.490  8.913   1.00 49.05  ? 99  LEU A CD2 1 
ATOM   778  N  N   . VAL A 1 100 ? 28.240  -0.327  10.936  1.00 47.92  ? 100 VAL A N   1 
ATOM   779  C  CA  . VAL A 1 100 ? 28.758  1.031   10.728  1.00 49.68  ? 100 VAL A CA  1 
ATOM   780  C  C   . VAL A 1 100 ? 29.485  1.553   11.981  1.00 53.06  ? 100 VAL A C   1 
ATOM   781  O  O   . VAL A 1 100 ? 30.598  2.036   11.860  1.00 53.86  ? 100 VAL A O   1 
ATOM   782  C  CB  . VAL A 1 100 ? 27.623  2.005   10.276  1.00 48.40  ? 100 VAL A CB  1 
ATOM   783  C  CG1 . VAL A 1 100 ? 28.071  3.465   10.276  1.00 47.71  ? 100 VAL A CG1 1 
ATOM   784  C  CG2 . VAL A 1 100 ? 27.131  1.628   8.882   1.00 47.44  ? 100 VAL A CG2 1 
ATOM   785  N  N   . HIS A 1 101 ? 28.854  1.439   13.157  1.00 60.20  ? 101 HIS A N   1 
ATOM   786  C  CA  . HIS A 1 101 ? 29.366  1.975   14.453  1.00 64.93  ? 101 HIS A CA  1 
ATOM   787  C  C   . HIS A 1 101 ? 30.818  2.471   14.414  1.00 68.56  ? 101 HIS A C   1 
ATOM   788  O  O   . HIS A 1 101 ? 31.168  3.481   15.032  1.00 71.52  ? 101 HIS A O   1 
ATOM   789  C  CB  . HIS A 1 101 ? 29.237  0.927   15.589  1.00 68.41  ? 101 HIS A CB  1 
ATOM   790  C  CG  . HIS A 1 101 ? 28.178  1.226   16.620  1.00 72.13  ? 101 HIS A CG  1 
ATOM   791  N  ND1 . HIS A 1 101 ? 27.665  0.251   17.454  1.00 72.93  ? 101 HIS A ND1 1 
ATOM   792  C  CD2 . HIS A 1 101 ? 27.555  2.378   16.968  1.00 72.92  ? 101 HIS A CD2 1 
ATOM   793  C  CE1 . HIS A 1 101 ? 26.776  0.789   18.269  1.00 72.27  ? 101 HIS A CE1 1 
ATOM   794  N  NE2 . HIS A 1 101 ? 26.685  2.078   17.991  1.00 72.85  ? 101 HIS A NE2 1 
ATOM   795  N  N   . GLY B 1 3   ? 30.982  -11.116 5.345   1.00 47.38  ? 3   GLY B N   1 
ATOM   796  C  CA  . GLY B 1 3   ? 30.131  -12.261 5.814   1.00 47.15  ? 3   GLY B CA  1 
ATOM   797  C  C   . GLY B 1 3   ? 28.818  -11.807 6.426   1.00 46.52  ? 3   GLY B C   1 
ATOM   798  O  O   . GLY B 1 3   ? 27.733  -12.302 6.067   1.00 44.19  ? 3   GLY B O   1 
ATOM   799  N  N   . THR B 1 4   ? 28.925  -10.866 7.361   1.00 44.84  ? 4   THR B N   1 
ATOM   800  C  CA  . THR B 1 4   ? 27.743  -10.212 7.925   1.00 46.06  ? 4   THR B CA  1 
ATOM   801  C  C   . THR B 1 4   ? 27.042  -9.362  6.866   1.00 44.02  ? 4   THR B C   1 
ATOM   802  O  O   . THR B 1 4   ? 25.813  -9.311  6.816   1.00 42.38  ? 4   THR B O   1 
ATOM   803  C  CB  . THR B 1 4   ? 28.081  -9.337  9.141   1.00 45.45  ? 4   THR B CB  1 
ATOM   804  O  OG1 . THR B 1 4   ? 28.959  -10.059 10.010  1.00 47.33  ? 4   THR B OG1 1 
ATOM   805  C  CG2 . THR B 1 4   ? 26.795  -8.978  9.903   1.00 46.62  ? 4   THR B CG2 1 
ATOM   806  N  N   . LEU B 1 5   ? 27.839  -8.706  6.034   1.00 41.52  ? 5   LEU B N   1 
ATOM   807  C  CA  . LEU B 1 5   ? 27.320  -7.918  4.924   1.00 42.25  ? 5   LEU B CA  1 
ATOM   808  C  C   . LEU B 1 5   ? 26.506  -8.759  3.925   1.00 39.31  ? 5   LEU B C   1 
ATOM   809  O  O   . LEU B 1 5   ? 25.447  -8.329  3.459   1.00 36.91  ? 5   LEU B O   1 
ATOM   810  C  CB  . LEU B 1 5   ? 28.468  -7.177  4.210   1.00 44.05  ? 5   LEU B CB  1 
ATOM   811  C  CG  . LEU B 1 5   ? 28.146  -5.757  3.729   1.00 47.85  ? 5   LEU B CG  1 
ATOM   812  C  CD1 . LEU B 1 5   ? 27.600  -4.875  4.845   1.00 48.18  ? 5   LEU B CD1 1 
ATOM   813  C  CD2 . LEU B 1 5   ? 29.387  -5.121  3.127   1.00 48.28  ? 5   LEU B CD2 1 
ATOM   814  N  N   . ASN B 1 6   ? 27.010  -9.955  3.625   1.00 35.71  ? 6   ASN B N   1 
ATOM   815  C  CA  . ASN B 1 6   ? 26.324  -10.928 2.772   1.00 34.81  ? 6   ASN B CA  1 
ATOM   816  C  C   . ASN B 1 6   ? 24.963  -11.392 3.341   1.00 33.91  ? 6   ASN B C   1 
ATOM   817  O  O   . ASN B 1 6   ? 23.993  -11.587 2.604   1.00 31.06  ? 6   ASN B O   1 
ATOM   818  C  CB  . ASN B 1 6   ? 27.248  -12.128 2.559   1.00 35.57  ? 6   ASN B CB  1 
ATOM   819  C  CG  . ASN B 1 6   ? 26.794  -13.026 1.433   1.00 37.68  ? 6   ASN B CG  1 
ATOM   820  O  OD1 . ASN B 1 6   ? 26.378  -14.156 1.670   1.00 40.32  ? 6   ASN B OD1 1 
ATOM   821  N  ND2 . ASN B 1 6   ? 26.876  -12.537 0.199   1.00 39.41  ? 6   ASN B ND2 1 
ATOM   822  N  N   . GLN B 1 7   ? 24.902  -11.568 4.658   1.00 35.41  ? 7   GLN B N   1 
ATOM   823  C  CA  . GLN B 1 7   ? 23.648  -11.860 5.345   1.00 36.44  ? 7   GLN B CA  1 
ATOM   824  C  C   . GLN B 1 7   ? 22.653  -10.702 5.273   1.00 33.88  ? 7   GLN B C   1 
ATOM   825  O  O   . GLN B 1 7   ? 21.480  -10.933 4.994   1.00 33.96  ? 7   GLN B O   1 
ATOM   826  C  CB  . GLN B 1 7   ? 23.916  -12.244 6.797   1.00 39.13  ? 7   GLN B CB  1 
ATOM   827  C  CG  . GLN B 1 7   ? 24.474  -13.651 6.926   1.00 43.69  ? 7   GLN B CG  1 
ATOM   828  C  CD  . GLN B 1 7   ? 25.169  -13.921 8.251   1.00 46.20  ? 7   GLN B CD  1 
ATOM   829  O  OE1 . GLN B 1 7   ? 24.905  -13.268 9.267   1.00 46.08  ? 7   GLN B OE1 1 
ATOM   830  N  NE2 . GLN B 1 7   ? 26.075  -14.895 8.243   1.00 48.99  ? 7   GLN B NE2 1 
ATOM   831  N  N   . LEU B 1 8   ? 23.125  -9.479  5.531   1.00 33.08  ? 8   LEU B N   1 
ATOM   832  C  CA  . LEU B 1 8   ? 22.303  -8.255  5.423   1.00 33.30  ? 8   LEU B CA  1 
ATOM   833  C  C   . LEU B 1 8   ? 21.708  -8.102  4.019   1.00 30.73  ? 8   LEU B C   1 
ATOM   834  O  O   . LEU B 1 8   ? 20.487  -7.901  3.853   1.00 27.98  ? 8   LEU B O   1 
ATOM   835  C  CB  . LEU B 1 8   ? 23.141  -7.008  5.689   1.00 36.84  ? 8   LEU B CB  1 
ATOM   836  C  CG  . LEU B 1 8   ? 23.411  -6.506  7.098   1.00 41.43  ? 8   LEU B CG  1 
ATOM   837  C  CD1 . LEU B 1 8   ? 24.390  -5.350  7.002   1.00 44.98  ? 8   LEU B CD1 1 
ATOM   838  C  CD2 . LEU B 1 8   ? 22.150  -6.047  7.816   1.00 43.70  ? 8   LEU B CD2 1 
ATOM   839  N  N   . PHE B 1 9   ? 22.601  -8.189  3.032   1.00 27.66  ? 9   PHE B N   1 
ATOM   840  C  CA  . PHE B 1 9   ? 22.252  -8.132  1.630   1.00 26.95  ? 9   PHE B CA  1 
ATOM   841  C  C   . PHE B 1 9   ? 21.193  -9.156  1.275   1.00 25.89  ? 9   PHE B C   1 
ATOM   842  O  O   . PHE B 1 9   ? 20.175  -8.823  0.675   1.00 24.79  ? 9   PHE B O   1 
ATOM   843  C  CB  . PHE B 1 9   ? 23.496  -8.362  0.765   1.00 26.80  ? 9   PHE B CB  1 
ATOM   844  C  CG  . PHE B 1 9   ? 23.184  -8.488  -0.699  1.00 27.29  ? 9   PHE B CG  1 
ATOM   845  C  CD1 . PHE B 1 9   ? 22.937  -7.360  -1.475  1.00 26.37  ? 9   PHE B CD1 1 
ATOM   846  C  CD2 . PHE B 1 9   ? 23.100  -9.750  -1.299  1.00 28.65  ? 9   PHE B CD2 1 
ATOM   847  C  CE1 . PHE B 1 9   ? 22.637  -7.482  -2.823  1.00 27.26  ? 9   PHE B CE1 1 
ATOM   848  C  CE2 . PHE B 1 9   ? 22.789  -9.882  -2.651  1.00 28.91  ? 9   PHE B CE2 1 
ATOM   849  C  CZ  . PHE B 1 9   ? 22.557  -8.740  -3.414  1.00 28.37  ? 9   PHE B CZ  1 
ATOM   850  N  N   . HIS B 1 10  ? 21.463  -10.404 1.645   1.00 26.71  ? 10  HIS B N   1 
ATOM   851  C  CA  . HIS B 1 10  ? 20.537  -11.514 1.426   1.00 26.92  ? 10  HIS B CA  1 
ATOM   852  C  C   . HIS B 1 10  ? 19.176  -11.171 2.038   1.00 22.62  ? 10  HIS B C   1 
ATOM   853  O  O   . HIS B 1 10  ? 18.173  -11.303 1.376   1.00 19.49  ? 10  HIS B O   1 
ATOM   854  C  CB  . HIS B 1 10  ? 21.117  -12.822 2.013   1.00 30.36  ? 10  HIS B CB  1 
ATOM   855  C  CG  . HIS B 1 10  ? 20.122  -13.943 2.142   1.00 35.79  ? 10  HIS B CG  1 
ATOM   856  N  ND1 . HIS B 1 10  ? 19.415  -14.178 3.305   1.00 38.91  ? 10  HIS B ND1 1 
ATOM   857  C  CD2 . HIS B 1 10  ? 19.726  -14.900 1.265   1.00 38.32  ? 10  HIS B CD2 1 
ATOM   858  C  CE1 . HIS B 1 10  ? 18.627  -15.226 3.137   1.00 40.45  ? 10  HIS B CE1 1 
ATOM   859  N  NE2 . HIS B 1 10  ? 18.803  -15.688 1.912   1.00 40.46  ? 10  HIS B NE2 1 
ATOM   860  N  N   . ASN B 1 11  ? 19.182  -10.701 3.284   1.00 20.05  ? 11  ASN B N   1 
ATOM   861  C  CA  . ASN B 1 11  ? 17.955  -10.357 3.994   1.00 20.23  ? 11  ASN B CA  1 
ATOM   862  C  C   . ASN B 1 11  ? 17.228  -9.170  3.359   1.00 18.79  ? 11  ASN B C   1 
ATOM   863  O  O   . ASN B 1 11  ? 16.012  -9.213  3.157   1.00 17.16  ? 11  ASN B O   1 
ATOM   864  C  CB  . ASN B 1 11  ? 18.251  -10.040 5.460   1.00 21.71  ? 11  ASN B CB  1 
ATOM   865  C  CG  . ASN B 1 11  ? 18.851  -11.219 6.211   1.00 23.27  ? 11  ASN B CG  1 
ATOM   866  O  OD1 . ASN B 1 11  ? 18.878  -12.356 5.725   1.00 24.01  ? 11  ASN B OD1 1 
ATOM   867  N  ND2 . ASN B 1 11  ? 19.344  -10.948 7.408   1.00 24.00  ? 11  ASN B ND2 1 
ATOM   868  N  N   . LEU B 1 12  ? 17.983  -8.125  3.021   1.00 17.82  ? 12  LEU B N   1 
ATOM   869  C  CA  . LEU B 1 12  ? 17.382  -6.932  2.465   1.00 17.17  ? 12  LEU B CA  1 
ATOM   870  C  C   . LEU B 1 12  ? 16.756  -7.310  1.148   1.00 17.09  ? 12  LEU B C   1 
ATOM   871  O  O   . LEU B 1 12  ? 15.645  -6.915  0.845   1.00 16.18  ? 12  LEU B O   1 
ATOM   872  C  CB  . LEU B 1 12  ? 18.401  -5.804  2.297   1.00 17.04  ? 12  LEU B CB  1 
ATOM   873  C  CG  . LEU B 1 12  ? 17.853  -4.463  1.763   1.00 17.36  ? 12  LEU B CG  1 
ATOM   874  C  CD1 . LEU B 1 12  ? 16.697  -3.916  2.593   1.00 17.11  ? 12  LEU B CD1 1 
ATOM   875  C  CD2 . LEU B 1 12  ? 18.957  -3.422  1.695   1.00 17.29  ? 12  LEU B CD2 1 
ATOM   876  N  N   . ASN B 1 13  ? 17.473  -8.128  0.384   1.00 17.67  ? 13  ASN B N   1 
ATOM   877  C  CA  . ASN B 1 13  ? 16.995  -8.567  -0.915  1.00 17.45  ? 13  ASN B CA  1 
ATOM   878  C  C   . ASN B 1 13  ? 15.611  -9.198  -0.844  1.00 16.97  ? 13  ASN B C   1 
ATOM   879  O  O   . ASN B 1 13  ? 14.748  -8.907  -1.664  1.00 16.27  ? 13  ASN B O   1 
ATOM   880  C  CB  . ASN B 1 13  ? 17.981  -9.553  -1.528  1.00 17.87  ? 13  ASN B CB  1 
ATOM   881  C  CG  . ASN B 1 13  ? 17.818  -9.658  -3.010  1.00 18.40  ? 13  ASN B CG  1 
ATOM   882  O  OD1 . ASN B 1 13  ? 17.968  -8.669  -3.718  1.00 19.55  ? 13  ASN B OD1 1 
ATOM   883  N  ND2 . ASN B 1 13  ? 17.471  -10.834 -3.490  1.00 19.00  ? 13  ASN B ND2 1 
ATOM   884  N  N   . GLU B 1 14  ? 15.413  -10.054 0.148   1.00 16.68  ? 14  GLU B N   1 
ATOM   885  C  CA  . GLU B 1 14  ? 14.167  -10.792 0.283   1.00 17.66  ? 14  GLU B CA  1 
ATOM   886  C  C   . GLU B 1 14  ? 13.073  -9.824  0.642   1.00 15.93  ? 14  GLU B C   1 
ATOM   887  O  O   . GLU B 1 14  ? 11.972  -9.923  0.107   1.00 15.15  ? 14  GLU B O   1 
ATOM   888  C  CB  . GLU B 1 14  ? 14.261  -11.908 1.348   1.00 18.53  ? 14  GLU B CB  1 
ATOM   889  C  CG  . GLU B 1 14  ? 15.313  -12.960 1.007   1.00 20.35  ? 14  GLU B CG  1 
ATOM   890  C  CD  . GLU B 1 14  ? 15.268  -14.198 1.897   1.00 22.07  ? 14  GLU B CD  1 
ATOM   891  O  OE1 . GLU B 1 14  ? 15.920  -15.213 1.520   1.00 23.30  ? 14  GLU B OE1 1 
ATOM   892  O  OE2 . GLU B 1 14  ? 14.566  -14.156 2.946   1.00 21.73  ? 14  GLU B OE2 1 
ATOM   893  N  N   . ILE B 1 15  ? 13.398  -8.881  1.524   1.00 15.12  ? 15  ILE B N   1 
ATOM   894  C  CA  . ILE B 1 15  ? 12.446  -7.850  1.960   1.00 15.10  ? 15  ILE B CA  1 
ATOM   895  C  C   . ILE B 1 15  ? 11.976  -6.971  0.789   1.00 15.19  ? 15  ILE B C   1 
ATOM   896  O  O   . ILE B 1 15  ? 10.768  -6.739  0.614   1.00 15.39  ? 15  ILE B O   1 
ATOM   897  C  CB  . ILE B 1 15  ? 13.051  -6.988  3.084   1.00 15.06  ? 15  ILE B CB  1 
ATOM   898  C  CG1 . ILE B 1 15  ? 13.111  -7.791  4.387   1.00 14.99  ? 15  ILE B CG1 1 
ATOM   899  C  CG2 . ILE B 1 15  ? 12.217  -5.734  3.320   1.00 15.11  ? 15  ILE B CG2 1 
ATOM   900  C  CD1 . ILE B 1 15  ? 14.011  -7.188  5.446   1.00 15.13  ? 15  ILE B CD1 1 
ATOM   901  N  N   . VAL B 1 16  ? 12.942  -6.513  -0.009  1.00 14.79  ? 16  VAL B N   1 
ATOM   902  C  CA  . VAL B 1 16  ? 12.679  -5.682  -1.183  1.00 14.81  ? 16  VAL B CA  1 
ATOM   903  C  C   . VAL B 1 16  ? 11.873  -6.502  -2.176  1.00 15.59  ? 16  VAL B C   1 
ATOM   904  O  O   . VAL B 1 16  ? 10.868  -6.003  -2.698  1.00 16.39  ? 16  VAL B O   1 
ATOM   905  C  CB  . VAL B 1 16  ? 13.978  -5.144  -1.832  1.00 14.55  ? 16  VAL B CB  1 
ATOM   906  C  CG1 . VAL B 1 16  ? 13.671  -4.306  -3.052  1.00 14.56  ? 16  VAL B CG1 1 
ATOM   907  C  CG2 . VAL B 1 16  ? 14.760  -4.288  -0.851  1.00 14.18  ? 16  VAL B CG2 1 
ATOM   908  N  N   . GLU B 1 17  ? 12.258  -7.761  -2.395  1.00 14.91  ? 17  GLU B N   1 
ATOM   909  C  CA  . GLU B 1 17  ? 11.472  -8.626  -3.257  1.00 15.99  ? 17  GLU B CA  1 
ATOM   910  C  C   . GLU B 1 17  ? 10.035  -8.747  -2.764  1.00 15.55  ? 17  GLU B C   1 
ATOM   911  O  O   . GLU B 1 17  ? 9.104   -8.587  -3.535  1.00 15.14  ? 17  GLU B O   1 
ATOM   912  C  CB  . GLU B 1 17  ? 12.082  -10.028 -3.349  1.00 17.86  ? 17  GLU B CB  1 
ATOM   913  C  CG  . GLU B 1 17  ? 13.263  -10.164 -4.305  1.00 19.31  ? 17  GLU B CG  1 
ATOM   914  C  CD  . GLU B 1 17  ? 13.798  -11.609 -4.397  1.00 21.66  ? 17  GLU B CD  1 
ATOM   915  O  OE1 . GLU B 1 17  ? 14.950  -11.800 -4.873  1.00 22.65  ? 17  GLU B OE1 1 
ATOM   916  O  OE2 . GLU B 1 17  ? 13.074  -12.562 -3.994  1.00 22.43  ? 17  GLU B OE2 1 
ATOM   917  N  N   . ASP B 1 18  ? 9.864   -9.025  -1.482  1.00 15.51  ? 18  ASP B N   1 
ATOM   918  C  CA  . ASP B 1 18  ? 8.522   -9.163  -0.894  1.00 16.64  ? 18  ASP B CA  1 
ATOM   919  C  C   . ASP B 1 18  ? 7.673   -7.878  -0.972  1.00 17.14  ? 18  ASP B C   1 
ATOM   920  O  O   . ASP B 1 18  ? 6.464   -7.936  -1.192  1.00 16.29  ? 18  ASP B O   1 
ATOM   921  C  CB  . ASP B 1 18  ? 8.626   -9.666  0.539   1.00 16.22  ? 18  ASP B CB  1 
ATOM   922  C  CG  . ASP B 1 18  ? 9.006   -11.127 0.610   1.00 16.86  ? 18  ASP B CG  1 
ATOM   923  O  OD1 . ASP B 1 18  ? 8.919   -11.851 -0.415  1.00 17.14  ? 18  ASP B OD1 1 
ATOM   924  O  OD2 . ASP B 1 18  ? 9.396   -11.552 1.706   1.00 17.15  ? 18  ASP B OD2 1 
ATOM   925  N  N   . LEU B 1 19  ? 8.331   -6.736  -0.827  1.00 18.36  ? 19  LEU B N   1 
ATOM   926  C  CA  . LEU B 1 19  ? 7.680   -5.438  -1.013  1.00 19.94  ? 19  LEU B CA  1 
ATOM   927  C  C   . LEU B 1 19  ? 7.073   -5.288  -2.397  1.00 19.68  ? 19  LEU B C   1 
ATOM   928  O  O   . LEU B 1 19  ? 5.938   -4.866  -2.521  1.00 18.89  ? 19  LEU B O   1 
ATOM   929  C  CB  . LEU B 1 19  ? 8.693   -4.300  -0.829  1.00 21.09  ? 19  LEU B CB  1 
ATOM   930  C  CG  . LEU B 1 19  ? 8.771   -3.688  0.559   1.00 22.76  ? 19  LEU B CG  1 
ATOM   931  C  CD1 . LEU B 1 19  ? 10.063  -2.894  0.719   1.00 23.51  ? 19  LEU B CD1 1 
ATOM   932  C  CD2 . LEU B 1 19  ? 7.542   -2.804  0.781   1.00 23.43  ? 19  LEU B CD2 1 
ATOM   933  N  N   . ASN B 1 20  ? 7.873   -5.605  -3.409  1.00 20.96  ? 20  ASN B N   1 
ATOM   934  C  CA  . ASN B 1 20  ? 7.473   -5.574  -4.833  1.00 22.94  ? 20  ASN B CA  1 
ATOM   935  C  C   . ASN B 1 20  ? 6.279   -6.451  -5.125  1.00 22.45  ? 20  ASN B C   1 
ATOM   936  O  O   . ASN B 1 20  ? 5.298   -6.001  -5.704  1.00 22.00  ? 20  ASN B O   1 
ATOM   937  C  CB  . ASN B 1 20  ? 8.619   -6.075  -5.734  1.00 25.20  ? 20  ASN B CB  1 
ATOM   938  C  CG  . ASN B 1 20  ? 9.292   -4.971  -6.515  1.00 27.25  ? 20  ASN B CG  1 
ATOM   939  O  OD1 . ASN B 1 20  ? 10.278  -4.383  -6.055  1.00 28.34  ? 20  ASN B OD1 1 
ATOM   940  N  ND2 . ASN B 1 20  ? 8.792   -4.715  -7.730  1.00 28.25  ? 20  ASN B ND2 1 
ATOM   941  N  N   . LYS B 1 21  ? 6.391   -7.719  -4.737  1.00 23.32  ? 21  LYS B N   1 
ATOM   942  C  CA  . LYS B 1 21  ? 5.347   -8.692  -5.009  1.00 25.18  ? 21  LYS B CA  1 
ATOM   943  C  C   . LYS B 1 21  ? 4.048   -8.289  -4.313  1.00 23.40  ? 21  LYS B C   1 
ATOM   944  O  O   . LYS B 1 21  ? 2.963   -8.414  -4.890  1.00 21.84  ? 21  LYS B O   1 
ATOM   945  C  CB  . LYS B 1 21  ? 5.779   -10.112 -4.587  1.00 28.70  ? 21  LYS B CB  1 
ATOM   946  C  CG  . LYS B 1 21  ? 4.690   -11.193 -4.724  1.00 33.99  ? 21  LYS B CG  1 
ATOM   947  C  CD  . LYS B 1 21  ? 4.086   -11.244 -6.141  1.00 38.35  ? 21  LYS B CD  1 
ATOM   948  C  CE  . LYS B 1 21  ? 2.964   -12.266 -6.328  1.00 42.35  ? 21  LYS B CE  1 
ATOM   949  N  NZ  . LYS B 1 21  ? 3.305   -13.655 -5.905  1.00 46.11  ? 21  LYS B NZ  1 
ATOM   950  N  N   . ASN B 1 22  ? 4.170   -7.803  -3.075  1.00 22.79  ? 22  ASN B N   1 
ATOM   951  C  CA  . ASN B 1 22  ? 3.015   -7.328  -2.321  1.00 22.82  ? 22  ASN B CA  1 
ATOM   952  C  C   . ASN B 1 22  ? 2.406   -6.076  -2.956  1.00 22.47  ? 22  ASN B C   1 
ATOM   953  O  O   . ASN B 1 22  ? 1.190   -5.924  -2.988  1.00 22.17  ? 22  ASN B O   1 
ATOM   954  C  CB  . ASN B 1 22  ? 3.365   -7.129  -0.830  1.00 23.22  ? 22  ASN B CB  1 
ATOM   955  C  CG  . ASN B 1 22  ? 3.493   -8.458  -0.070  1.00 24.11  ? 22  ASN B CG  1 
ATOM   956  O  OD1 . ASN B 1 22  ? 2.748   -9.393  -0.310  1.00 24.95  ? 22  ASN B OD1 1 
ATOM   957  N  ND2 . ASN B 1 22  ? 4.407   -8.522  0.869   1.00 24.81  ? 22  ASN B ND2 1 
ATOM   958  N  N   . TRP B 1 23  ? 3.248   -5.208  -3.505  1.00 22.55  ? 23  TRP B N   1 
ATOM   959  C  CA  . TRP B 1 23  ? 2.746   -4.135  -4.332  1.00 22.50  ? 23  TRP B CA  1 
ATOM   960  C  C   . TRP B 1 23  ? 1.965   -4.652  -5.553  1.00 21.74  ? 23  TRP B C   1 
ATOM   961  O  O   . TRP B 1 23  ? 0.843   -4.238  -5.786  1.00 20.10  ? 23  TRP B O   1 
ATOM   962  C  CB  . TRP B 1 23  ? 3.851   -3.173  -4.757  1.00 23.60  ? 23  TRP B CB  1 
ATOM   963  C  CG  . TRP B 1 23  ? 3.338   -2.153  -5.721  1.00 25.18  ? 23  TRP B CG  1 
ATOM   964  C  CD1 . TRP B 1 23  ? 3.868   -1.842  -6.928  1.00 25.68  ? 23  TRP B CD1 1 
ATOM   965  C  CD2 . TRP B 1 23  ? 2.151   -1.360  -5.587  1.00 25.94  ? 23  TRP B CD2 1 
ATOM   966  N  NE1 . TRP B 1 23  ? 3.111   -0.884  -7.545  1.00 26.63  ? 23  TRP B NE1 1 
ATOM   967  C  CE2 . TRP B 1 23  ? 2.048   -0.571  -6.747  1.00 27.02  ? 23  TRP B CE2 1 
ATOM   968  C  CE3 . TRP B 1 23  ? 1.170   -1.240  -4.604  1.00 27.05  ? 23  TRP B CE3 1 
ATOM   969  C  CZ2 . TRP B 1 23  ? 1.013   0.339   -6.945  1.00 28.23  ? 23  TRP B CZ2 1 
ATOM   970  C  CZ3 . TRP B 1 23  ? 0.120   -0.346  -4.811  1.00 29.41  ? 23  TRP B CZ3 1 
ATOM   971  C  CH2 . TRP B 1 23  ? 0.055   0.434   -5.970  1.00 29.32  ? 23  TRP B CH2 1 
ATOM   972  N  N   . HIS B 1 24  ? 2.555   -5.562  -6.312  1.00 22.30  ? 24  HIS B N   1 
ATOM   973  C  CA  . HIS B 1 24  ? 1.881   -6.109  -7.497  1.00 24.14  ? 24  HIS B CA  1 
ATOM   974  C  C   . HIS B 1 24  ? 0.472   -6.594  -7.199  1.00 23.49  ? 24  HIS B C   1 
ATOM   975  O  O   . HIS B 1 24  ? -0.450  -6.308  -7.951  1.00 23.77  ? 24  HIS B O   1 
ATOM   976  C  CB  . HIS B 1 24  ? 2.674   -7.260  -8.117  1.00 25.84  ? 24  HIS B CB  1 
ATOM   977  C  CG  . HIS B 1 24  ? 4.016   -6.856  -8.637  1.00 28.29  ? 24  HIS B CG  1 
ATOM   978  N  ND1 . HIS B 1 24  ? 4.246   -5.644  -9.251  1.00 30.25  ? 24  HIS B ND1 1 
ATOM   979  C  CD2 . HIS B 1 24  ? 5.205   -7.504  -8.629  1.00 30.46  ? 24  HIS B CD2 1 
ATOM   980  C  CE1 . HIS B 1 24  ? 5.518   -5.555  -9.588  1.00 29.68  ? 24  HIS B CE1 1 
ATOM   981  N  NE2 . HIS B 1 24  ? 6.120   -6.672  -9.225  1.00 31.04  ? 24  HIS B NE2 1 
ATOM   982  N  N   . ARG B 1 25  ? 0.350   -7.332  -6.100  1.00 23.89  ? 25  ARG B N   1 
ATOM   983  C  CA  . ARG B 1 25  ? -0.916  -7.833  -5.550  1.00 23.84  ? 25  ARG B CA  1 
ATOM   984  C  C   . ARG B 1 25  ? -1.931  -6.791  -5.163  1.00 23.09  ? 25  ARG B C   1 
ATOM   985  O  O   . ARG B 1 25  ? -3.121  -6.904  -5.495  1.00 22.45  ? 25  ARG B O   1 
ATOM   986  C  CB  . ARG B 1 25  ? -0.634  -8.632  -4.274  1.00 24.36  ? 25  ARG B CB  1 
ATOM   987  C  CG  . ARG B 1 25  ? -0.120  -10.020 -4.528  1.00 24.73  ? 25  ARG B CG  1 
ATOM   988  C  CD  . ARG B 1 25  ? 0.156   -10.715 -3.206  1.00 24.93  ? 25  ARG B CD  1 
ATOM   989  N  NE  . ARG B 1 25  ? 0.664   -12.070 -3.419  1.00 24.96  ? 25  ARG B NE  1 
ATOM   990  C  CZ  . ARG B 1 25  ? 1.274   -12.816 -2.498  1.00 24.99  ? 25  ARG B CZ  1 
ATOM   991  N  NH1 . ARG B 1 25  ? 1.482   -12.362 -1.253  1.00 25.28  ? 25  ARG B NH1 1 
ATOM   992  N  NH2 . ARG B 1 25  ? 1.666   -14.036 -2.828  1.00 24.56  ? 25  ARG B NH2 1 
ATOM   993  N  N   . GLU B 1 26  ? -1.463  -5.824  -4.391  1.00 22.16  ? 26  GLU B N   1 
ATOM   994  C  CA  . GLU B 1 26  ? -2.308  -4.751  -3.925  1.00 23.77  ? 26  GLU B CA  1 
ATOM   995  C  C   . GLU B 1 26  ? -2.840  -3.868  -5.050  1.00 22.66  ? 26  GLU B C   1 
ATOM   996  O  O   . GLU B 1 26  ? -4.006  -3.497  -5.021  1.00 22.32  ? 26  GLU B O   1 
ATOM   997  C  CB  . GLU B 1 26  ? -1.564  -3.882  -2.902  1.00 26.14  ? 26  GLU B CB  1 
ATOM   998  C  CG  . GLU B 1 26  ? -2.352  -2.654  -2.470  1.00 28.38  ? 26  GLU B CG  1 
ATOM   999  C  CD  . GLU B 1 26  ? -1.757  -1.955  -1.268  1.00 31.18  ? 26  GLU B CD  1 
ATOM   1000 O  OE1 . GLU B 1 26  ? -0.530  -2.143  -1.024  1.00 28.72  ? 26  GLU B OE1 1 
ATOM   1001 O  OE2 . GLU B 1 26  ? -2.531  -1.212  -0.578  1.00 35.17  ? 26  GLU B OE2 1 
ATOM   1002 N  N   A ARG B 1 27  ? -1.974  -3.509  -5.993  0.60 21.26  ? 27  ARG B N   1 
ATOM   1003 N  N   B ARG B 1 27  ? -1.986  -3.507  -6.007  0.40 22.62  ? 27  ARG B N   1 
ATOM   1004 C  CA  A ARG B 1 27  ? -2.368  -2.726  -7.168  0.60 21.48  ? 27  ARG B CA  1 
ATOM   1005 C  CA  B ARG B 1 27  ? -2.413  -2.699  -7.160  0.40 23.43  ? 27  ARG B CA  1 
ATOM   1006 C  C   A ARG B 1 27  ? -3.483  -3.414  -7.960  0.60 22.20  ? 27  ARG B C   1 
ATOM   1007 C  C   B ARG B 1 27  ? -3.495  -3.410  -7.975  0.40 23.46  ? 27  ARG B C   1 
ATOM   1008 O  O   A ARG B 1 27  ? -4.498  -2.800  -8.262  0.60 21.54  ? 27  ARG B O   1 
ATOM   1009 O  O   B ARG B 1 27  ? -4.507  -2.809  -8.309  0.40 22.95  ? 27  ARG B O   1 
ATOM   1010 C  CB  A ARG B 1 27  ? -1.152  -2.496  -8.066  0.60 20.83  ? 27  ARG B CB  1 
ATOM   1011 C  CB  B ARG B 1 27  ? -1.227  -2.347  -8.063  0.40 24.02  ? 27  ARG B CB  1 
ATOM   1012 C  CG  A ARG B 1 27  ? -1.417  -1.664  -9.313  0.60 20.12  ? 27  ARG B CG  1 
ATOM   1013 C  CG  B ARG B 1 27  ? -1.545  -1.293  -9.120  0.40 24.52  ? 27  ARG B CG  1 
ATOM   1014 C  CD  A ARG B 1 27  ? -0.126  -1.354  -10.060 0.60 19.32  ? 27  ARG B CD  1 
ATOM   1015 C  CD  B ARG B 1 27  ? -0.337  -0.974  -9.993  0.40 24.92  ? 27  ARG B CD  1 
ATOM   1016 N  NE  A ARG B 1 27  ? -0.242  -0.125  -10.842 0.60 18.44  ? 27  ARG B NE  1 
ATOM   1017 N  NE  B ARG B 1 27  ? 0.483   -2.160  -10.212 0.40 25.01  ? 27  ARG B NE  1 
ATOM   1018 C  CZ  A ARG B 1 27  ? -0.872  -0.015  -12.008 0.60 17.79  ? 27  ARG B CZ  1 
ATOM   1019 C  CZ  B ARG B 1 27  ? 1.776   -2.143  -10.522 0.40 25.22  ? 27  ARG B CZ  1 
ATOM   1020 N  NH1 A ARG B 1 27  ? -1.463  -1.058  -12.567 0.60 17.48  ? 27  ARG B NH1 1 
ATOM   1021 N  NH1 B ARG B 1 27  ? 2.426   -0.996  -10.659 0.40 25.59  ? 27  ARG B NH1 1 
ATOM   1022 N  NH2 A ARG B 1 27  ? -0.914  1.155   -12.624 0.60 17.75  ? 27  ARG B NH2 1 
ATOM   1023 N  NH2 B ARG B 1 27  ? 2.421   -3.286  -10.694 0.40 24.66  ? 27  ARG B NH2 1 
ATOM   1024 N  N   . ARG B 1 28  ? -3.262  -4.691  -8.268  1.00 23.70  ? 28  ARG B N   1 
ATOM   1025 C  CA  . ARG B 1 28  ? -4.261  -5.602  -8.875  1.00 25.36  ? 28  ARG B CA  1 
ATOM   1026 C  C   . ARG B 1 28  ? -5.583  -5.624  -8.090  1.00 23.04  ? 28  ARG B C   1 
ATOM   1027 O  O   . ARG B 1 28  ? -6.639  -5.428  -8.655  1.00 20.14  ? 28  ARG B O   1 
ATOM   1028 C  CB  . ARG B 1 28  ? -3.655  -7.021  -8.880  1.00 31.14  ? 28  ARG B CB  1 
ATOM   1029 C  CG  . ARG B 1 28  ? -4.070  -8.044  -9.937  1.00 36.73  ? 28  ARG B CG  1 
ATOM   1030 C  CD  . ARG B 1 28  ? -3.099  -9.265  -9.845  1.00 40.84  ? 28  ARG B CD  1 
ATOM   1031 N  NE  . ARG B 1 28  ? -1.785  -8.971  -10.462 1.00 45.13  ? 28  ARG B NE  1 
ATOM   1032 C  CZ  . ARG B 1 28  ? -0.576  -9.380  -10.041 1.00 47.82  ? 28  ARG B CZ  1 
ATOM   1033 N  NH1 . ARG B 1 28  ? -0.417  -10.139 -8.954  1.00 47.95  ? 28  ARG B NH1 1 
ATOM   1034 N  NH2 . ARG B 1 28  ? 0.513   -9.006  -10.730 1.00 47.96  ? 28  ARG B NH2 1 
ATOM   1035 N  N   . THR B 1 29  ? -5.484  -5.873  -6.784  1.00 22.18  ? 29  THR B N   1 
ATOM   1036 C  CA  . THR B 1 29  ? -6.628  -5.883  -5.857  1.00 22.65  ? 29  THR B CA  1 
ATOM   1037 C  C   . THR B 1 29  ? -7.376  -4.555  -5.854  1.00 22.09  ? 29  THR B C   1 
ATOM   1038 O  O   . THR B 1 29  ? -8.603  -4.531  -5.893  1.00 22.02  ? 29  THR B O   1 
ATOM   1039 C  CB  . THR B 1 29  ? -6.189  -6.183  -4.403  1.00 22.80  ? 29  THR B CB  1 
ATOM   1040 O  OG1 . THR B 1 29  ? -5.576  -7.474  -4.338  1.00 23.19  ? 29  THR B OG1 1 
ATOM   1041 C  CG2 . THR B 1 29  ? -7.372  -6.146  -3.432  1.00 23.17  ? 29  THR B CG2 1 
ATOM   1042 N  N   . LEU B 1 30  ? -6.639  -3.455  -5.814  1.00 22.91  ? 30  LEU B N   1 
ATOM   1043 C  CA  . LEU B 1 30  ? -7.253  -2.118  -5.783  1.00 23.36  ? 30  LEU B CA  1 
ATOM   1044 C  C   . LEU B 1 30  ? -7.696  -1.575  -7.138  1.00 23.21  ? 30  LEU B C   1 
ATOM   1045 O  O   . LEU B 1 30  ? -8.625  -0.787  -7.205  1.00 23.60  ? 30  LEU B O   1 
ATOM   1046 C  CB  . LEU B 1 30  ? -6.334  -1.131  -5.078  1.00 23.80  ? 30  LEU B CB  1 
ATOM   1047 C  CG  . LEU B 1 30  ? -6.092  -1.430  -3.588  1.00 24.86  ? 30  LEU B CG  1 
ATOM   1048 C  CD1 . LEU B 1 30  ? -5.103  -0.447  -3.009  1.00 25.23  ? 30  LEU B CD1 1 
ATOM   1049 C  CD2 . LEU B 1 30  ? -7.363  -1.390  -2.767  1.00 24.85  ? 30  LEU B CD2 1 
ATOM   1050 N  N   . HIS B 1 31  ? -7.051  -1.990  -8.213  1.00 24.79  ? 31  HIS B N   1 
ATOM   1051 C  CA  . HIS B 1 31  ? -7.529  -1.637  -9.561  1.00 25.99  ? 31  HIS B CA  1 
ATOM   1052 C  C   . HIS B 1 31  ? -8.825  -2.366  -9.950  1.00 26.24  ? 31  HIS B C   1 
ATOM   1053 O  O   . HIS B 1 31  ? -9.707  -1.752  -10.560 1.00 25.13  ? 31  HIS B O   1 
ATOM   1054 C  CB  . HIS B 1 31  ? -6.438  -1.813  -10.608 1.00 26.42  ? 31  HIS B CB  1 
ATOM   1055 C  CG  . HIS B 1 31  ? -5.536  -0.631  -10.694 1.00 28.19  ? 31  HIS B CG  1 
ATOM   1056 N  ND1 . HIS B 1 31  ? -4.626  -0.316  -9.710  1.00 28.72  ? 31  HIS B ND1 1 
ATOM   1057 C  CD2 . HIS B 1 31  ? -5.458  0.360   -11.609 1.00 29.99  ? 31  HIS B CD2 1 
ATOM   1058 C  CE1 . HIS B 1 31  ? -4.003  0.801   -10.028 1.00 28.70  ? 31  HIS B CE1 1 
ATOM   1059 N  NE2 . HIS B 1 31  ? -4.490  1.232   -11.175 1.00 31.39  ? 31  HIS B NE2 1 
ATOM   1060 N  N   . ASP B 1 32  ? -8.944  -3.643  -9.572  1.00 26.00  ? 32  ASP B N   1 
ATOM   1061 C  CA  . ASP B 1 32  ? -10.219 -4.387  -9.694  1.00 27.15  ? 32  ASP B CA  1 
ATOM   1062 C  C   . ASP B 1 32  ? -11.348 -3.712  -8.918  1.00 27.52  ? 32  ASP B C   1 
ATOM   1063 O  O   . ASP B 1 32  ? -12.444 -3.454  -9.427  1.00 29.15  ? 32  ASP B O   1 
ATOM   1064 C  CB  . ASP B 1 32  ? -10.065 -5.820  -9.161  1.00 26.66  ? 32  ASP B CB  1 
ATOM   1065 C  CG  . ASP B 1 32  ? -9.194  -6.669  -10.034 1.00 27.68  ? 32  ASP B CG  1 
ATOM   1066 O  OD1 . ASP B 1 32  ? -8.760  -6.198  -11.115 1.00 27.37  ? 32  ASP B OD1 1 
ATOM   1067 O  OD2 . ASP B 1 32  ? -8.934  -7.816  -9.627  1.00 29.65  ? 32  ASP B OD2 1 
ATOM   1068 N  N   . PHE B 1 33  ? -11.051 -3.462  -7.658  1.00 25.80  ? 33  PHE B N   1 
ATOM   1069 C  CA  . PHE B 1 33  ? -11.913 -2.713  -6.799  1.00 24.97  ? 33  PHE B CA  1 
ATOM   1070 C  C   . PHE B 1 33  ? -12.402 -1.395  -7.429  1.00 24.80  ? 33  PHE B C   1 
ATOM   1071 O  O   . PHE B 1 33  ? -13.604 -1.123  -7.468  1.00 23.58  ? 33  PHE B O   1 
ATOM   1072 C  CB  . PHE B 1 33  ? -11.169 -2.448  -5.492  1.00 25.40  ? 33  PHE B CB  1 
ATOM   1073 C  CG  . PHE B 1 33  ? -12.031 -1.894  -4.447  1.00 26.48  ? 33  PHE B CG  1 
ATOM   1074 C  CD1 . PHE B 1 33  ? -12.773 -2.735  -3.645  1.00 27.89  ? 33  PHE B CD1 1 
ATOM   1075 C  CD2 . PHE B 1 33  ? -12.169 -0.532  -4.303  1.00 27.84  ? 33  PHE B CD2 1 
ATOM   1076 C  CE1 . PHE B 1 33  ? -13.623 -2.218  -2.684  1.00 27.97  ? 33  PHE B CE1 1 
ATOM   1077 C  CE2 . PHE B 1 33  ? -13.018 -0.001  -3.342  1.00 27.96  ? 33  PHE B CE2 1 
ATOM   1078 C  CZ  . PHE B 1 33  ? -13.743 -0.851  -2.526  1.00 27.86  ? 33  PHE B CZ  1 
ATOM   1079 N  N   . ALA B 1 34  ? -11.464 -0.578  -7.896  1.00 25.39  ? 34  ALA B N   1 
ATOM   1080 C  CA  . ALA B 1 34  ? -11.781 0.658   -8.594  1.00 26.45  ? 34  ALA B CA  1 
ATOM   1081 C  C   . ALA B 1 34  ? -12.693 0.402   -9.799  1.00 29.10  ? 34  ALA B C   1 
ATOM   1082 O  O   . ALA B 1 34  ? -13.724 1.052   -9.932  1.00 30.04  ? 34  ALA B O   1 
ATOM   1083 C  CB  . ALA B 1 34  ? -10.508 1.340   -9.047  1.00 26.29  ? 34  ALA B CB  1 
ATOM   1084 N  N   . ASP B 1 35  ? -12.313 -0.558  -10.646 1.00 31.77  ? 35  ASP B N   1 
ATOM   1085 C  CA  . ASP B 1 35  ? -13.102 -0.939  -11.832 1.00 34.31  ? 35  ASP B CA  1 
ATOM   1086 C  C   . ASP B 1 35  ? -14.539 -1.299  -11.469 1.00 37.02  ? 35  ASP B C   1 
ATOM   1087 O  O   . ASP B 1 35  ? -15.483 -0.838  -12.115 1.00 36.73  ? 35  ASP B O   1 
ATOM   1088 C  CB  . ASP B 1 35  ? -12.505 -2.159  -12.546 1.00 35.14  ? 35  ASP B CB  1 
ATOM   1089 C  CG  . ASP B 1 35  ? -11.138 -1.898  -13.175 1.00 36.03  ? 35  ASP B CG  1 
ATOM   1090 O  OD1 . ASP B 1 35  ? -10.644 -0.748  -13.185 1.00 36.12  ? 35  ASP B OD1 1 
ATOM   1091 O  OD2 . ASP B 1 35  ? -10.544 -2.888  -13.656 1.00 36.92  ? 35  ASP B OD2 1 
ATOM   1092 N  N   . GLU B 1 36  ? -14.687 -2.145  -10.451 1.00 37.92  ? 36  GLU B N   1 
ATOM   1093 C  CA  . GLU B 1 36  ? -16.010 -2.527  -9.939  1.00 40.75  ? 36  GLU B CA  1 
ATOM   1094 C  C   . GLU B 1 36  ? -16.813 -1.370  -9.325  1.00 39.51  ? 36  GLU B C   1 
ATOM   1095 O  O   . GLU B 1 36  ? -18.035 -1.367  -9.379  1.00 39.09  ? 36  GLU B O   1 
ATOM   1096 C  CB  . GLU B 1 36  ? -15.887 -3.672  -8.941  1.00 43.04  ? 36  GLU B CB  1 
ATOM   1097 C  CG  . GLU B 1 36  ? -15.426 -4.968  -9.583  1.00 47.35  ? 36  GLU B CG  1 
ATOM   1098 C  CD  . GLU B 1 36  ? -15.880 -6.186  -8.809  1.00 51.33  ? 36  GLU B CD  1 
ATOM   1099 O  OE1 . GLU B 1 36  ? -15.061 -6.765  -8.073  1.00 57.09  ? 36  GLU B OE1 1 
ATOM   1100 O  OE2 . GLU B 1 36  ? -17.068 -6.554  -8.925  1.00 55.34  ? 36  GLU B OE2 1 
ATOM   1101 N  N   . LEU B 1 37  ? -16.126 -0.404  -8.736  1.00 39.82  ? 37  LEU B N   1 
ATOM   1102 C  CA  . LEU B 1 37  ? -16.758 0.854   -8.332  1.00 40.33  ? 37  LEU B CA  1 
ATOM   1103 C  C   . LEU B 1 37  ? -17.223 1.634   -9.569  1.00 41.81  ? 37  LEU B C   1 
ATOM   1104 O  O   . LEU B 1 37  ? -18.358 2.096   -9.650  1.00 41.11  ? 37  LEU B O   1 
ATOM   1105 C  CB  . LEU B 1 37  ? -15.773 1.727   -7.545  1.00 39.86  ? 37  LEU B CB  1 
ATOM   1106 C  CG  . LEU B 1 37  ? -16.177 2.156   -6.146  1.00 39.26  ? 37  LEU B CG  1 
ATOM   1107 C  CD1 . LEU B 1 37  ? -15.176 3.203   -5.693  1.00 39.09  ? 37  LEU B CD1 1 
ATOM   1108 C  CD2 . LEU B 1 37  ? -17.591 2.713   -6.052  1.00 39.09  ? 37  LEU B CD2 1 
ATOM   1109 N  N   . HIS B 1 38  ? -16.301 1.788   -10.505 1.00 43.27  ? 38  HIS B N   1 
ATOM   1110 C  CA  . HIS B 1 38  ? -16.564 2.378   -11.810 1.00 48.08  ? 38  HIS B CA  1 
ATOM   1111 C  C   . HIS B 1 38  ? -17.874 1.815   -12.418 1.00 48.59  ? 38  HIS B C   1 
ATOM   1112 O  O   . HIS B 1 38  ? -18.807 2.583   -12.664 1.00 45.02  ? 38  HIS B O   1 
ATOM   1113 C  CB  . HIS B 1 38  ? -15.345 2.117   -12.716 1.00 52.32  ? 38  HIS B CB  1 
ATOM   1114 C  CG  . HIS B 1 38  ? -15.114 3.132   -13.789 1.00 58.47  ? 38  HIS B CG  1 
ATOM   1115 N  ND1 . HIS B 1 38  ? -15.519 4.449   -13.702 1.00 60.10  ? 38  HIS B ND1 1 
ATOM   1116 C  CD2 . HIS B 1 38  ? -14.445 3.020   -14.963 1.00 62.20  ? 38  HIS B CD2 1 
ATOM   1117 C  CE1 . HIS B 1 38  ? -15.151 5.091   -14.796 1.00 63.25  ? 38  HIS B CE1 1 
ATOM   1118 N  NE2 . HIS B 1 38  ? -14.493 4.248   -15.575 1.00 65.72  ? 38  HIS B NE2 1 
ATOM   1119 N  N   . GLN B 1 39  ? -17.943 0.488   -12.595 1.00 49.43  ? 39  GLN B N   1 
ATOM   1120 C  CA  . GLN B 1 39  ? -19.122 -0.217  -13.170 1.00 49.21  ? 39  GLN B CA  1 
ATOM   1121 C  C   . GLN B 1 39  ? -20.405 0.120   -12.426 1.00 46.58  ? 39  GLN B C   1 
ATOM   1122 O  O   . GLN B 1 39  ? -21.449 0.383   -13.019 1.00 45.24  ? 39  GLN B O   1 
ATOM   1123 C  CB  . GLN B 1 39  ? -18.979 -1.741  -13.057 1.00 53.09  ? 39  GLN B CB  1 
ATOM   1124 C  CG  . GLN B 1 39  ? -17.875 -2.417  -13.851 1.00 58.35  ? 39  GLN B CG  1 
ATOM   1125 C  CD  . GLN B 1 39  ? -17.623 -3.853  -13.372 1.00 65.59  ? 39  GLN B CD  1 
ATOM   1126 O  OE1 . GLN B 1 39  ? -18.476 -4.469  -12.712 1.00 68.53  ? 39  GLN B OE1 1 
ATOM   1127 N  NE2 . GLN B 1 39  ? -16.444 -4.391  -13.696 1.00 66.89  ? 39  GLN B NE2 1 
ATOM   1128 N  N   . LEU B 1 40  ? -20.305 0.059   -11.110 1.00 45.09  ? 40  LEU B N   1 
ATOM   1129 C  CA  . LEU B 1 40  ? -21.429 0.286   -10.219 1.00 45.92  ? 40  LEU B CA  1 
ATOM   1130 C  C   . LEU B 1 40  ? -21.934 1.726   -10.292 1.00 46.44  ? 40  LEU B C   1 
ATOM   1131 O  O   . LEU B 1 40  ? -23.130 1.957   -10.181 1.00 46.00  ? 40  LEU B O   1 
ATOM   1132 C  CB  . LEU B 1 40  ? -21.007 -0.050  -8.787  1.00 46.73  ? 40  LEU B CB  1 
ATOM   1133 C  CG  . LEU B 1 40  ? -22.072 0.000   -7.693  1.00 46.96  ? 40  LEU B CG  1 
ATOM   1134 C  CD1 . LEU B 1 40  ? -22.934 -1.245  -7.726  1.00 46.75  ? 40  LEU B CD1 1 
ATOM   1135 C  CD2 . LEU B 1 40  ? -21.408 0.125   -6.342  1.00 48.29  ? 40  LEU B CD2 1 
ATOM   1136 N  N   . VAL B 1 41  ? -21.020 2.686   -10.452 1.00 47.79  ? 41  VAL B N   1 
ATOM   1137 C  CA  . VAL B 1 41  ? -21.391 4.096   -10.630 1.00 49.36  ? 41  VAL B CA  1 
ATOM   1138 C  C   . VAL B 1 41  ? -22.146 4.243   -11.946 1.00 50.74  ? 41  VAL B C   1 
ATOM   1139 O  O   . VAL B 1 41  ? -23.293 4.677   -11.945 1.00 54.17  ? 41  VAL B O   1 
ATOM   1140 C  CB  . VAL B 1 41  ? -20.162 5.042   -10.585 1.00 48.42  ? 41  VAL B CB  1 
ATOM   1141 C  CG1 . VAL B 1 41  ? -20.510 6.454   -11.062 1.00 47.51  ? 41  VAL B CG1 1 
ATOM   1142 C  CG2 . VAL B 1 41  ? -19.612 5.113   -9.170  1.00 48.40  ? 41  VAL B CG2 1 
ATOM   1143 N  N   . LYS B 1 42  ? -21.489 3.879   -13.047 1.00 51.12  ? 42  LYS B N   1 
ATOM   1144 C  CA  . LYS B 1 42  ? -22.114 3.795   -14.376 1.00 53.37  ? 42  LYS B CA  1 
ATOM   1145 C  C   . LYS B 1 42  ? -23.512 3.185   -14.309 1.00 54.28  ? 42  LYS B C   1 
ATOM   1146 O  O   . LYS B 1 42  ? -24.471 3.751   -14.829 1.00 56.45  ? 42  LYS B O   1 
ATOM   1147 C  CB  . LYS B 1 42  ? -21.282 2.917   -15.323 1.00 54.72  ? 42  LYS B CB  1 
ATOM   1148 C  CG  . LYS B 1 42  ? -20.029 3.544   -15.909 1.00 56.71  ? 42  LYS B CG  1 
ATOM   1149 C  CD  . LYS B 1 42  ? -19.425 2.591   -16.933 1.00 59.10  ? 42  LYS B CD  1 
ATOM   1150 C  CE  . LYS B 1 42  ? -18.164 3.140   -17.580 1.00 60.88  ? 42  LYS B CE  1 
ATOM   1151 N  NZ  . LYS B 1 42  ? -16.953 2.814   -16.786 1.00 61.30  ? 42  LYS B NZ  1 
ATOM   1152 N  N   . HIS B 1 43  ? -23.608 2.034   -13.653 1.00 53.25  ? 43  HIS B N   1 
ATOM   1153 C  CA  . HIS B 1 43  ? -24.847 1.273   -13.594 1.00 56.68  ? 43  HIS B CA  1 
ATOM   1154 C  C   . HIS B 1 43  ? -25.975 2.018   -12.887 1.00 57.92  ? 43  HIS B C   1 
ATOM   1155 O  O   . HIS B 1 43  ? -27.062 2.146   -13.435 1.00 58.11  ? 43  HIS B O   1 
ATOM   1156 C  CB  . HIS B 1 43  ? -24.604 -0.074  -12.925 1.00 59.43  ? 43  HIS B CB  1 
ATOM   1157 C  CG  . HIS B 1 43  ? -25.858 -0.833  -12.619 1.00 66.91  ? 43  HIS B CG  1 
ATOM   1158 N  ND1 . HIS B 1 43  ? -26.542 -1.565  -13.567 1.00 69.04  ? 43  HIS B ND1 1 
ATOM   1159 C  CD2 . HIS B 1 43  ? -26.557 -0.966  -11.465 1.00 70.50  ? 43  HIS B CD2 1 
ATOM   1160 C  CE1 . HIS B 1 43  ? -27.603 -2.122  -13.008 1.00 70.50  ? 43  HIS B CE1 1 
ATOM   1161 N  NE2 . HIS B 1 43  ? -27.636 -1.773  -11.735 1.00 71.05  ? 43  HIS B NE2 1 
ATOM   1162 N  N   . VAL B 1 44  ? -25.709 2.505   -11.679 1.00 61.99  ? 44  VAL B N   1 
ATOM   1163 C  CA  . VAL B 1 44  ? -26.698 3.253   -10.873 1.00 64.44  ? 44  VAL B CA  1 
ATOM   1164 C  C   . VAL B 1 44  ? -27.153 4.552   -11.568 1.00 69.27  ? 44  VAL B C   1 
ATOM   1165 O  O   . VAL B 1 44  ? -28.295 4.985   -11.400 1.00 69.57  ? 44  VAL B O   1 
ATOM   1166 C  CB  . VAL B 1 44  ? -26.159 3.524   -9.441  1.00 64.94  ? 44  VAL B CB  1 
ATOM   1167 C  CG1 . VAL B 1 44  ? -27.061 4.461   -8.645  1.00 65.66  ? 44  VAL B CG1 1 
ATOM   1168 C  CG2 . VAL B 1 44  ? -26.022 2.215   -8.679  1.00 64.53  ? 44  VAL B CG2 1 
ATOM   1169 N  N   . HIS B 1 45  ? -26.263 5.161   -12.349 1.00 75.07  ? 45  HIS B N   1 
ATOM   1170 C  CA  . HIS B 1 45  ? -26.640 6.236   -13.274 1.00 80.51  ? 45  HIS B CA  1 
ATOM   1171 C  C   . HIS B 1 45  ? -27.684 5.769   -14.318 1.00 84.64  ? 45  HIS B C   1 
ATOM   1172 O  O   . HIS B 1 45  ? -28.532 6.553   -14.738 1.00 86.06  ? 45  HIS B O   1 
ATOM   1173 C  CB  . HIS B 1 45  ? -25.394 6.784   -13.981 1.00 81.91  ? 45  HIS B CB  1 
ATOM   1174 C  CG  . HIS B 1 45  ? -25.613 8.105   -14.644 1.00 85.37  ? 45  HIS B CG  1 
ATOM   1175 N  ND1 . HIS B 1 45  ? -25.265 9.300   -14.054 1.00 87.44  ? 45  HIS B ND1 1 
ATOM   1176 C  CD2 . HIS B 1 45  ? -26.160 8.421   -15.841 1.00 87.95  ? 45  HIS B CD2 1 
ATOM   1177 C  CE1 . HIS B 1 45  ? -25.582 10.296  -14.862 1.00 88.76  ? 45  HIS B CE1 1 
ATOM   1178 N  NE2 . HIS B 1 45  ? -26.128 9.790   -15.953 1.00 89.06  ? 45  HIS B NE2 1 
ATOM   1179 N  N   . HIS B 1 46  ? -27.591 4.493   -14.707 1.00 91.47  ? 46  HIS B N   1 
ATOM   1180 C  CA  . HIS B 1 46  ? -28.475 3.790   -15.681 1.00 94.95  ? 46  HIS B CA  1 
ATOM   1181 C  C   . HIS B 1 46  ? -28.744 4.549   -16.994 1.00 97.48  ? 46  HIS B C   1 
ATOM   1182 O  O   . HIS B 1 46  ? -28.365 4.094   -18.076 1.00 100.36 ? 46  HIS B O   1 
ATOM   1183 C  CB  . HIS B 1 46  ? -29.769 3.194   -15.058 1.00 93.75  ? 46  HIS B CB  1 
ATOM   1184 C  CG  . HIS B 1 46  ? -30.643 4.175   -14.333 1.00 97.69  ? 46  HIS B CG  1 
ATOM   1185 N  ND1 . HIS B 1 46  ? -31.113 5.338   -14.908 1.00 100.83 ? 46  HIS B ND1 1 
ATOM   1186 C  CD2 . HIS B 1 46  ? -31.182 4.127   -13.091 1.00 98.19  ? 46  HIS B CD2 1 
ATOM   1187 C  CE1 . HIS B 1 46  ? -31.874 5.982   -14.040 1.00 99.84  ? 46  HIS B CE1 1 
ATOM   1188 N  NE2 . HIS B 1 46  ? -31.933 5.267   -12.930 1.00 99.70  ? 46  HIS B NE2 1 
ATOM   1189 N  N   . LYS B 1 56  ? -33.285 9.827   -1.414  1.00 78.58  ? 56  LYS B N   1 
ATOM   1190 C  CA  . LYS B 1 56  ? -31.851 10.102  -1.497  1.00 75.86  ? 56  LYS B CA  1 
ATOM   1191 C  C   . LYS B 1 56  ? -31.105 9.189   -2.481  1.00 70.85  ? 56  LYS B C   1 
ATOM   1192 O  O   . LYS B 1 56  ? -30.010 8.731   -2.181  1.00 71.14  ? 56  LYS B O   1 
ATOM   1193 C  CB  . LYS B 1 56  ? -31.228 10.002  -0.095  1.00 78.60  ? 56  LYS B CB  1 
ATOM   1194 C  CG  . LYS B 1 56  ? -31.939 10.858  0.943   1.00 81.67  ? 56  LYS B CG  1 
ATOM   1195 C  CD  . LYS B 1 56  ? -31.063 11.190  2.144   1.00 82.27  ? 56  LYS B CD  1 
ATOM   1196 C  CE  . LYS B 1 56  ? -31.814 12.081  3.129   1.00 81.51  ? 56  LYS B CE  1 
ATOM   1197 N  NZ  . LYS B 1 56  ? -31.094 12.281  4.418   1.00 79.62  ? 56  LYS B NZ  1 
ATOM   1198 N  N   . LEU B 1 57  ? -31.682 8.957   -3.659  1.00 65.46  ? 57  LEU B N   1 
ATOM   1199 C  CA  . LEU B 1 57  ? -31.063 8.087   -4.669  1.00 65.44  ? 57  LEU B CA  1 
ATOM   1200 C  C   . LEU B 1 57  ? -29.923 8.808   -5.393  1.00 67.27  ? 57  LEU B C   1 
ATOM   1201 O  O   . LEU B 1 57  ? -28.867 8.227   -5.626  1.00 66.93  ? 57  LEU B O   1 
ATOM   1202 C  CB  . LEU B 1 57  ? -32.091 7.580   -5.689  1.00 68.44  ? 57  LEU B CB  1 
ATOM   1203 C  CG  . LEU B 1 57  ? -31.937 6.113   -6.136  1.00 71.66  ? 57  LEU B CG  1 
ATOM   1204 C  CD1 . LEU B 1 57  ? -33.092 5.711   -7.046  1.00 73.15  ? 57  LEU B CD1 1 
ATOM   1205 C  CD2 . LEU B 1 57  ? -30.612 5.810   -6.818  1.00 70.16  ? 57  LEU B CD2 1 
ATOM   1206 N  N   . GLN B 1 58  ? -30.130 10.071  -5.755  1.00 66.32  ? 58  GLN B N   1 
ATOM   1207 C  CA  . GLN B 1 58  ? -29.085 10.835  -6.451  1.00 65.34  ? 58  GLN B CA  1 
ATOM   1208 C  C   . GLN B 1 58  ? -27.996 11.361  -5.472  1.00 65.18  ? 58  GLN B C   1 
ATOM   1209 O  O   . GLN B 1 58  ? -26.853 11.592  -5.877  1.00 61.51  ? 58  GLN B O   1 
ATOM   1210 C  CB  . GLN B 1 58  ? -29.695 11.952  -7.319  1.00 65.58  ? 58  GLN B CB  1 
ATOM   1211 C  CG  . GLN B 1 58  ? -29.242 11.924  -8.788  1.00 64.14  ? 58  GLN B CG  1 
ATOM   1212 C  CD  . GLN B 1 58  ? -27.983 12.728  -9.070  1.00 61.89  ? 58  GLN B CD  1 
ATOM   1213 O  OE1 . GLN B 1 58  ? -27.611 13.611  -8.305  1.00 62.48  ? 58  GLN B OE1 1 
ATOM   1214 N  NE2 . GLN B 1 58  ? -27.336 12.439  -10.192 1.00 60.92  ? 58  GLN B NE2 1 
ATOM   1215 N  N   . ASP B 1 59  ? -28.345 11.545  -4.195  1.00 61.23  ? 59  ASP B N   1 
ATOM   1216 C  CA  . ASP B 1 59  ? -27.336 11.652  -3.130  1.00 61.56  ? 59  ASP B CA  1 
ATOM   1217 C  C   . ASP B 1 59  ? -26.332 10.494  -3.246  1.00 61.99  ? 59  ASP B C   1 
ATOM   1218 O  O   . ASP B 1 59  ? -25.123 10.679  -3.138  1.00 64.73  ? 59  ASP B O   1 
ATOM   1219 C  CB  . ASP B 1 59  ? -27.978 11.568  -1.733  1.00 63.35  ? 59  ASP B CB  1 
ATOM   1220 C  CG  . ASP B 1 59  ? -28.585 12.882  -1.259  1.00 63.00  ? 59  ASP B CG  1 
ATOM   1221 O  OD1 . ASP B 1 59  ? -28.207 13.967  -1.754  1.00 60.33  ? 59  ASP B OD1 1 
ATOM   1222 O  OD2 . ASP B 1 59  ? -29.441 12.819  -0.351  1.00 65.40  ? 59  ASP B OD2 1 
ATOM   1223 N  N   . ILE B 1 60  ? -26.873 9.298   -3.450  1.00 59.04  ? 60  ILE B N   1 
ATOM   1224 C  CA  . ILE B 1 60  ? -26.104 8.062   -3.504  1.00 53.23  ? 60  ILE B CA  1 
ATOM   1225 C  C   . ILE B 1 60  ? -25.161 7.957   -4.711  1.00 52.13  ? 60  ILE B C   1 
ATOM   1226 O  O   . ILE B 1 60  ? -24.033 7.512   -4.540  1.00 56.02  ? 60  ILE B O   1 
ATOM   1227 C  CB  . ILE B 1 60  ? -27.052 6.847   -3.342  1.00 51.72  ? 60  ILE B CB  1 
ATOM   1228 C  CG1 . ILE B 1 60  ? -27.521 6.787   -1.881  1.00 52.28  ? 60  ILE B CG1 1 
ATOM   1229 C  CG2 . ILE B 1 60  ? -26.391 5.537   -3.753  1.00 52.20  ? 60  ILE B CG2 1 
ATOM   1230 C  CD1 . ILE B 1 60  ? -28.747 5.928   -1.633  1.00 52.72  ? 60  ILE B CD1 1 
ATOM   1231 N  N   . VAL B 1 61  ? -25.584 8.366   -5.903  1.00 51.56  ? 61  VAL B N   1 
ATOM   1232 C  CA  . VAL B 1 61  ? -24.668 8.393   -7.078  1.00 50.85  ? 61  VAL B CA  1 
ATOM   1233 C  C   . VAL B 1 61  ? -23.529 9.411   -6.890  1.00 48.70  ? 61  VAL B C   1 
ATOM   1234 O  O   . VAL B 1 61  ? -22.423 9.215   -7.397  1.00 45.48  ? 61  VAL B O   1 
ATOM   1235 C  CB  . VAL B 1 61  ? -25.410 8.655   -8.423  1.00 53.28  ? 61  VAL B CB  1 
ATOM   1236 C  CG1 . VAL B 1 61  ? -25.996 10.061  -8.496  1.00 54.89  ? 61  VAL B CG1 1 
ATOM   1237 C  CG2 . VAL B 1 61  ? -24.500 8.418   -9.625  1.00 53.36  ? 61  VAL B CG2 1 
ATOM   1238 N  N   . ASN B 1 62  ? -23.837 10.502  -6.184  1.00 48.58  ? 62  ASN B N   1 
ATOM   1239 C  CA  . ASN B 1 62  ? -22.858 11.534  -5.815  1.00 49.62  ? 62  ASN B CA  1 
ATOM   1240 C  C   . ASN B 1 62  ? -21.839 11.000  -4.816  1.00 47.47  ? 62  ASN B C   1 
ATOM   1241 O  O   . ASN B 1 62  ? -20.644 11.265  -4.936  1.00 44.09  ? 62  ASN B O   1 
ATOM   1242 C  CB  . ASN B 1 62  ? -23.549 12.772  -5.211  1.00 50.12  ? 62  ASN B CB  1 
ATOM   1243 C  CG  . ASN B 1 62  ? -24.523 13.442  -6.173  1.00 51.44  ? 62  ASN B CG  1 
ATOM   1244 O  OD1 . ASN B 1 62  ? -24.467 13.232  -7.388  1.00 49.34  ? 62  ASN B OD1 1 
ATOM   1245 N  ND2 . ASN B 1 62  ? -25.438 14.243  -5.626  1.00 51.56  ? 62  ASN B ND2 1 
ATOM   1246 N  N   . GLN B 1 63  ? -22.338 10.257  -3.832  1.00 47.30  ? 63  GLN B N   1 
ATOM   1247 C  CA  . GLN B 1 63  ? -21.509 9.610   -2.830  1.00 49.46  ? 63  GLN B CA  1 
ATOM   1248 C  C   . GLN B 1 63  ? -20.568 8.587   -3.476  1.00 49.60  ? 63  GLN B C   1 
ATOM   1249 O  O   . GLN B 1 63  ? -19.384 8.529   -3.148  1.00 51.81  ? 63  GLN B O   1 
ATOM   1250 C  CB  . GLN B 1 63  ? -22.389 8.939   -1.771  1.00 52.14  ? 63  GLN B CB  1 
ATOM   1251 C  CG  . GLN B 1 63  ? -21.694 8.706   -0.444  1.00 55.24  ? 63  GLN B CG  1 
ATOM   1252 C  CD  . GLN B 1 63  ? -21.201 9.996   0.176   1.00 59.60  ? 63  GLN B CD  1 
ATOM   1253 O  OE1 . GLN B 1 63  ? -21.931 10.994  0.211   1.00 65.58  ? 63  GLN B OE1 1 
ATOM   1254 N  NE2 . GLN B 1 63  ? -19.950 10.000  0.646   1.00 60.28  ? 63  GLN B NE2 1 
ATOM   1255 N  N   . LEU B 1 64  ? -21.097 7.806   -4.410  1.00 47.92  ? 64  LEU B N   1 
ATOM   1256 C  CA  . LEU B 1 64  ? -20.299 6.827   -5.147  1.00 46.63  ? 64  LEU B CA  1 
ATOM   1257 C  C   . LEU B 1 64  ? -19.253 7.405   -6.105  1.00 45.60  ? 64  LEU B C   1 
ATOM   1258 O  O   . LEU B 1 64  ? -18.121 6.910   -6.155  1.00 39.77  ? 64  LEU B O   1 
ATOM   1259 C  CB  . LEU B 1 64  ? -21.217 5.896   -5.936  1.00 46.82  ? 64  LEU B CB  1 
ATOM   1260 C  CG  . LEU B 1 64  ? -22.081 4.945   -5.130  1.00 45.46  ? 64  LEU B CG  1 
ATOM   1261 C  CD1 . LEU B 1 64  ? -23.012 4.204   -6.068  1.00 45.47  ? 64  LEU B CD1 1 
ATOM   1262 C  CD2 . LEU B 1 64  ? -21.210 3.965   -4.372  1.00 46.99  ? 64  LEU B CD2 1 
ATOM   1263 N  N   . ASP B 1 65  ? -19.633 8.417   -6.883  1.00 45.93  ? 65  ASP B N   1 
ATOM   1264 C  CA  . ASP B 1 65  ? -18.708 8.977   -7.878  1.00 48.59  ? 65  ASP B CA  1 
ATOM   1265 C  C   . ASP B 1 65  ? -17.538 9.735   -7.224  1.00 45.89  ? 65  ASP B C   1 
ATOM   1266 O  O   . ASP B 1 65  ? -16.436 9.787   -7.784  1.00 45.96  ? 65  ASP B O   1 
ATOM   1267 C  CB  . ASP B 1 65  ? -19.425 9.875   -8.893  1.00 50.71  ? 65  ASP B CB  1 
ATOM   1268 C  CG  . ASP B 1 65  ? -18.546 10.186  -10.102 1.00 54.27  ? 65  ASP B CG  1 
ATOM   1269 O  OD1 . ASP B 1 65  ? -18.198 9.237   -10.841 1.00 55.41  ? 65  ASP B OD1 1 
ATOM   1270 O  OD2 . ASP B 1 65  ? -18.176 11.370  -10.289 1.00 57.01  ? 65  ASP B OD2 1 
ATOM   1271 N  N   . LYS B 1 66  ? -17.805 10.312  -6.052  1.00 42.81  ? 66  LYS B N   1 
ATOM   1272 C  CA  . LYS B 1 66  ? -16.801 10.977  -5.231  1.00 40.67  ? 66  LYS B CA  1 
ATOM   1273 C  C   . LYS B 1 66  ? -15.753 9.991   -4.727  1.00 38.09  ? 66  LYS B C   1 
ATOM   1274 O  O   . LYS B 1 66  ? -14.548 10.242  -4.823  1.00 34.91  ? 66  LYS B O   1 
ATOM   1275 C  CB  . LYS B 1 66  ? -17.474 11.630  -4.036  1.00 42.69  ? 66  LYS B CB  1 
ATOM   1276 C  CG  . LYS B 1 66  ? -16.560 12.555  -3.239  1.00 46.20  ? 66  LYS B CG  1 
ATOM   1277 C  CD  . LYS B 1 66  ? -16.864 12.506  -1.746  1.00 48.72  ? 66  LYS B CD  1 
ATOM   1278 C  CE  . LYS B 1 66  ? -15.662 12.922  -0.911  1.00 51.97  ? 66  LYS B CE  1 
ATOM   1279 N  NZ  . LYS B 1 66  ? -15.536 12.075  0.306   1.00 53.12  ? 66  LYS B NZ  1 
ATOM   1280 N  N   . LEU B 1 67  ? -16.244 8.881   -4.183  1.00 36.19  ? 67  LEU B N   1 
ATOM   1281 C  CA  . LEU B 1 67  ? -15.410 7.760   -3.748  1.00 35.21  ? 67  LEU B CA  1 
ATOM   1282 C  C   . LEU B 1 67  ? -14.530 7.217   -4.862  1.00 32.25  ? 67  LEU B C   1 
ATOM   1283 O  O   . LEU B 1 67  ? -13.329 7.039   -4.677  1.00 31.76  ? 67  LEU B O   1 
ATOM   1284 C  CB  . LEU B 1 67  ? -16.288 6.629   -3.217  1.00 34.72  ? 67  LEU B CB  1 
ATOM   1285 C  CG  . LEU B 1 67  ? -16.901 6.879   -1.852  1.00 35.19  ? 67  LEU B CG  1 
ATOM   1286 C  CD1 . LEU B 1 67  ? -18.023 5.886   -1.590  1.00 35.21  ? 67  LEU B CD1 1 
ATOM   1287 C  CD2 . LEU B 1 67  ? -15.841 6.763   -0.777  1.00 36.14  ? 67  LEU B CD2 1 
ATOM   1288 N  N   . PHE B 1 68  ? -15.131 6.959   -6.020  1.00 30.26  ? 68  PHE B N   1 
ATOM   1289 C  CA  . PHE B 1 68  ? -14.363 6.496   -7.158  1.00 28.51  ? 68  PHE B CA  1 
ATOM   1290 C  C   . PHE B 1 68  ? -13.164 7.393   -7.453  1.00 30.11  ? 68  PHE B C   1 
ATOM   1291 O  O   . PHE B 1 68  ? -12.067 6.901   -7.705  1.00 29.76  ? 68  PHE B O   1 
ATOM   1292 C  CB  . PHE B 1 68  ? -15.202 6.367   -8.413  1.00 26.61  ? 68  PHE B CB  1 
ATOM   1293 C  CG  . PHE B 1 68  ? -14.369 6.069   -9.616  1.00 25.98  ? 68  PHE B CG  1 
ATOM   1294 C  CD1 . PHE B 1 68  ? -13.743 4.830   -9.739  1.00 26.20  ? 68  PHE B CD1 1 
ATOM   1295 C  CD2 . PHE B 1 68  ? -14.111 7.037   -10.560 1.00 24.83  ? 68  PHE B CD2 1 
ATOM   1296 C  CE1 . PHE B 1 68  ? -12.928 4.549   -10.818 1.00 26.21  ? 68  PHE B CE1 1 
ATOM   1297 C  CE2 . PHE B 1 68  ? -13.283 6.767   -11.636 1.00 25.26  ? 68  PHE B CE2 1 
ATOM   1298 C  CZ  . PHE B 1 68  ? -12.694 5.525   -11.772 1.00 25.68  ? 68  PHE B CZ  1 
ATOM   1299 N  N   . ARG B 1 69  ? -13.378 8.703   -7.435  1.00 33.66  ? 69  ARG B N   1 
ATOM   1300 C  CA  . ARG B 1 69  ? -12.320 9.647   -7.793  1.00 36.44  ? 69  ARG B CA  1 
ATOM   1301 C  C   . ARG B 1 69  ? -11.280 9.816   -6.686  1.00 34.54  ? 69  ARG B C   1 
ATOM   1302 O  O   . ARG B 1 69  ? -10.101 9.981   -6.988  1.00 36.20  ? 69  ARG B O   1 
ATOM   1303 C  CB  . ARG B 1 69  ? -12.909 10.980  -8.268  1.00 40.80  ? 69  ARG B CB  1 
ATOM   1304 C  CG  . ARG B 1 69  ? -13.451 10.871  -9.691  1.00 45.27  ? 69  ARG B CG  1 
ATOM   1305 C  CD  . ARG B 1 69  ? -14.052 12.160  -10.222 1.00 50.59  ? 69  ARG B CD  1 
ATOM   1306 N  NE  . ARG B 1 69  ? -15.242 12.561  -9.468  1.00 55.38  ? 69  ARG B NE  1 
ATOM   1307 C  CZ  . ARG B 1 69  ? -15.277 13.450  -8.471  1.00 57.29  ? 69  ARG B CZ  1 
ATOM   1308 N  NH1 . ARG B 1 69  ? -14.180 14.093  -8.053  1.00 57.34  ? 69  ARG B NH1 1 
ATOM   1309 N  NH2 . ARG B 1 69  ? -16.444 13.695  -7.879  1.00 60.23  ? 69  ARG B NH2 1 
ATOM   1310 N  N   . ASP B 1 70  ? -11.700 9.742   -5.423  1.00 31.82  ? 70  ASP B N   1 
ATOM   1311 C  CA  . ASP B 1 70  ? -10.758 9.637   -4.301  1.00 30.38  ? 70  ASP B CA  1 
ATOM   1312 C  C   . ASP B 1 70  ? -9.812  8.450   -4.447  1.00 30.30  ? 70  ASP B C   1 
ATOM   1313 O  O   . ASP B 1 70  ? -8.597  8.585   -4.268  1.00 31.01  ? 70  ASP B O   1 
ATOM   1314 C  CB  . ASP B 1 70  ? -11.498 9.461   -2.988  1.00 29.88  ? 70  ASP B CB  1 
ATOM   1315 C  CG  . ASP B 1 70  ? -12.188 10.713  -2.531  1.00 30.54  ? 70  ASP B CG  1 
ATOM   1316 O  OD1 . ASP B 1 70  ? -11.978 11.783  -3.145  1.00 31.88  ? 70  ASP B OD1 1 
ATOM   1317 O  OD2 . ASP B 1 70  ? -12.933 10.618  -1.534  1.00 30.29  ? 70  ASP B OD2 1 
ATOM   1318 N  N   . LEU B 1 71  ? -10.388 7.286   -4.738  1.00 29.25  ? 71  LEU B N   1 
ATOM   1319 C  CA  . LEU B 1 71  ? -9.616  6.060   -4.942  1.00 28.19  ? 71  LEU B CA  1 
ATOM   1320 C  C   . LEU B 1 71  ? -8.749  6.180   -6.173  1.00 28.18  ? 71  LEU B C   1 
ATOM   1321 O  O   . LEU B 1 71  ? -7.554  5.864   -6.134  1.00 30.20  ? 71  LEU B O   1 
ATOM   1322 C  CB  . LEU B 1 71  ? -10.532 4.838   -5.068  1.00 27.62  ? 71  LEU B CB  1 
ATOM   1323 C  CG  . LEU B 1 71  ? -9.839  3.497   -5.344  1.00 26.49  ? 71  LEU B CG  1 
ATOM   1324 C  CD1 . LEU B 1 71  ? -9.003  3.052   -4.162  1.00 26.41  ? 71  LEU B CD1 1 
ATOM   1325 C  CD2 . LEU B 1 71  ? -10.874 2.447   -5.650  1.00 26.92  ? 71  LEU B CD2 1 
ATOM   1326 N  N   . ASP B 1 72  ? -9.345  6.650   -7.259  1.00 27.72  ? 72  ASP B N   1 
ATOM   1327 C  CA  . ASP B 1 72  ? -8.598  6.933   -8.479  1.00 28.01  ? 72  ASP B CA  1 
ATOM   1328 C  C   . ASP B 1 72  ? -7.360  7.802   -8.195  1.00 27.70  ? 72  ASP B C   1 
ATOM   1329 O  O   . ASP B 1 72  ? -6.232  7.413   -8.538  1.00 27.83  ? 72  ASP B O   1 
ATOM   1330 C  CB  . ASP B 1 72  ? -9.504  7.621   -9.493  1.00 29.46  ? 72  ASP B CB  1 
ATOM   1331 C  CG  . ASP B 1 72  ? -8.940  7.609   -10.876 1.00 31.66  ? 72  ASP B CG  1 
ATOM   1332 O  OD1 . ASP B 1 72  ? -8.338  6.595   -11.279 1.00 34.12  ? 72  ASP B OD1 1 
ATOM   1333 O  OD2 . ASP B 1 72  ? -9.118  8.610   -11.587 1.00 35.84  ? 72  ASP B OD2 1 
ATOM   1334 N  N   . ASN B 1 73  ? -7.574  8.952   -7.549  1.00 25.73  ? 73  ASN B N   1 
ATOM   1335 C  CA  . ASN B 1 73  ? -6.471  9.837   -7.133  1.00 25.08  ? 73  ASN B CA  1 
ATOM   1336 C  C   . ASN B 1 73  ? -5.445  9.114   -6.269  1.00 24.18  ? 73  ASN B C   1 
ATOM   1337 O  O   . ASN B 1 73  ? -4.257  9.255   -6.491  1.00 24.23  ? 73  ASN B O   1 
ATOM   1338 C  CB  . ASN B 1 73  ? -6.976  11.071  -6.377  1.00 25.03  ? 73  ASN B CB  1 
ATOM   1339 C  CG  . ASN B 1 73  ? -5.846  12.017  -5.980  1.00 25.23  ? 73  ASN B CG  1 
ATOM   1340 O  OD1 . ASN B 1 73  ? -5.224  12.641  -6.841  1.00 26.71  ? 73  ASN B OD1 1 
ATOM   1341 N  ND2 . ASN B 1 73  ? -5.554  12.106  -4.680  1.00 25.17  ? 73  ASN B ND2 1 
ATOM   1342 N  N   . HIS B 1 74  ? -5.916  8.321   -5.311  1.00 23.31  ? 74  HIS B N   1 
ATOM   1343 C  CA  . HIS B 1 74  ? -5.027  7.603   -4.424  1.00 22.43  ? 74  HIS B CA  1 
ATOM   1344 C  C   . HIS B 1 74  ? -4.120  6.599   -5.148  1.00 22.64  ? 74  HIS B C   1 
ATOM   1345 O  O   . HIS B 1 74  ? -2.920  6.489   -4.845  1.00 21.05  ? 74  HIS B O   1 
ATOM   1346 C  CB  . HIS B 1 74  ? -5.801  6.889   -3.324  1.00 22.95  ? 74  HIS B CB  1 
ATOM   1347 C  CG  . HIS B 1 74  ? -4.953  5.918   -2.578  1.00 23.02  ? 74  HIS B CG  1 
ATOM   1348 N  ND1 . HIS B 1 74  ? -3.877  6.319   -1.815  1.00 22.37  ? 74  HIS B ND1 1 
ATOM   1349 C  CD2 . HIS B 1 74  ? -4.938  4.568   -2.573  1.00 23.07  ? 74  HIS B CD2 1 
ATOM   1350 C  CE1 . HIS B 1 74  ? -3.265  5.259   -1.332  1.00 22.45  ? 74  HIS B CE1 1 
ATOM   1351 N  NE2 . HIS B 1 74  ? -3.890  4.184   -1.775  1.00 23.49  ? 74  HIS B NE2 1 
ATOM   1352 N  N   . LEU B 1 75  ? -4.689  5.874   -6.101  1.00 22.78  ? 75  LEU B N   1 
ATOM   1353 C  CA  . LEU B 1 75  ? -3.923  4.879   -6.852  1.00 23.36  ? 75  LEU B CA  1 
ATOM   1354 C  C   . LEU B 1 75  ? -2.894  5.500   -7.794  1.00 23.59  ? 75  LEU B C   1 
ATOM   1355 O  O   . LEU B 1 75  ? -1.793  4.998   -7.920  1.00 22.44  ? 75  LEU B O   1 
ATOM   1356 C  CB  . LEU B 1 75  ? -4.869  3.951   -7.612  1.00 23.84  ? 75  LEU B CB  1 
ATOM   1357 C  CG  . LEU B 1 75  ? -5.811  3.148   -6.720  1.00 23.47  ? 75  LEU B CG  1 
ATOM   1358 C  CD1 . LEU B 1 75  ? -6.760  2.387   -7.618  1.00 23.27  ? 75  LEU B CD1 1 
ATOM   1359 C  CD2 . LEU B 1 75  ? -5.091  2.199   -5.776  1.00 24.06  ? 75  LEU B CD2 1 
ATOM   1360 N  N   . GLN B 1 76  ? -3.258  6.595   -8.447  1.00 25.86  ? 76  GLN B N   1 
ATOM   1361 C  CA  . GLN B 1 76  ? -2.304  7.389   -9.239  1.00 27.68  ? 76  GLN B CA  1 
ATOM   1362 C  C   . GLN B 1 76  ? -1.075  7.820   -8.415  1.00 26.43  ? 76  GLN B C   1 
ATOM   1363 O  O   . GLN B 1 76  ? 0.067   7.665   -8.847  1.00 23.76  ? 76  GLN B O   1 
ATOM   1364 C  CB  . GLN B 1 76  ? -3.020  8.619   -9.818  1.00 29.79  ? 76  GLN B CB  1 
ATOM   1365 C  CG  . GLN B 1 76  ? -3.976  8.253   -10.938 1.00 31.76  ? 76  GLN B CG  1 
ATOM   1366 C  CD  . GLN B 1 76  ? -4.608  9.460   -11.598 1.00 35.69  ? 76  GLN B CD  1 
ATOM   1367 O  OE1 . GLN B 1 76  ? -5.815  9.661   -11.495 1.00 39.47  ? 76  GLN B OE1 1 
ATOM   1368 N  NE2 . GLN B 1 76  ? -3.796  10.269  -12.292 1.00 36.57  ? 76  GLN B NE2 1 
ATOM   1369 N  N   . ARG B 1 77  ? -1.344  8.366   -7.234  1.00 26.52  ? 77  ARG B N   1 
ATOM   1370 C  CA  . ARG B 1 77  ? -0.289  8.814   -6.322  1.00 27.15  ? 77  ARG B CA  1 
ATOM   1371 C  C   . ARG B 1 77  ? 0.542   7.687   -5.749  1.00 24.60  ? 77  ARG B C   1 
ATOM   1372 O  O   . ARG B 1 77  ? 1.762   7.844   -5.596  1.00 23.37  ? 77  ARG B O   1 
ATOM   1373 C  CB  . ARG B 1 77  ? -0.857  9.677   -5.194  1.00 28.84  ? 77  ARG B CB  1 
ATOM   1374 C  CG  . ARG B 1 77  ? -1.100  11.099  -5.664  1.00 32.17  ? 77  ARG B CG  1 
ATOM   1375 C  CD  . ARG B 1 77  ? -1.453  12.035  -4.535  1.00 35.42  ? 77  ARG B CD  1 
ATOM   1376 N  NE  . ARG B 1 77  ? -0.396  12.177  -3.524  1.00 38.25  ? 77  ARG B NE  1 
ATOM   1377 C  CZ  . ARG B 1 77  ? 0.721   12.905  -3.656  1.00 38.84  ? 77  ARG B CZ  1 
ATOM   1378 N  NH1 . ARG B 1 77  ? 0.989   13.572  -4.785  1.00 37.84  ? 77  ARG B NH1 1 
ATOM   1379 N  NH2 . ARG B 1 77  ? 1.591   12.956  -2.639  1.00 38.32  ? 77  ARG B NH2 1 
ATOM   1380 N  N   . LYS B 1 78  ? -0.090  6.558   -5.440  1.00 23.22  ? 78  LYS B N   1 
ATOM   1381 C  CA  . LYS B 1 78  ? 0.666   5.423   -4.948  1.00 23.24  ? 78  LYS B CA  1 
ATOM   1382 C  C   . LYS B 1 78  ? 1.621   4.889   -6.010  1.00 22.64  ? 78  LYS B C   1 
ATOM   1383 O  O   . LYS B 1 78  ? 2.759   4.588   -5.708  1.00 22.14  ? 78  LYS B O   1 
ATOM   1384 C  CB  . LYS B 1 78  ? -0.220  4.292   -4.436  1.00 24.23  ? 78  LYS B CB  1 
ATOM   1385 C  CG  . LYS B 1 78  ? 0.658   3.215   -3.834  1.00 25.11  ? 78  LYS B CG  1 
ATOM   1386 C  CD  . LYS B 1 78  ? 0.115   2.548   -2.602  1.00 26.45  ? 78  LYS B CD  1 
ATOM   1387 C  CE  . LYS B 1 78  ? 1.257   1.892   -1.845  1.00 26.18  ? 78  LYS B CE  1 
ATOM   1388 N  NZ  . LYS B 1 78  ? 0.795   0.598   -1.329  1.00 28.14  ? 78  LYS B NZ  1 
ATOM   1389 N  N   . ASP B 1 79  ? 1.153   4.781   -7.246  1.00 23.11  ? 79  ASP B N   1 
ATOM   1390 C  CA  . ASP B 1 79  ? 2.010   4.421   -8.360  1.00 23.81  ? 79  ASP B CA  1 
ATOM   1391 C  C   . ASP B 1 79  ? 3.267   5.261   -8.368  1.00 21.77  ? 79  ASP B C   1 
ATOM   1392 O  O   . ASP B 1 79  ? 4.355   4.731   -8.452  1.00 19.73  ? 79  ASP B O   1 
ATOM   1393 C  CB  . ASP B 1 79  ? 1.279   4.600   -9.689  1.00 27.08  ? 79  ASP B CB  1 
ATOM   1394 C  CG  . ASP B 1 79  ? 0.654   3.337   -10.194 1.00 30.33  ? 79  ASP B CG  1 
ATOM   1395 O  OD1 . ASP B 1 79  ? 0.621   2.311   -9.476  1.00 33.08  ? 79  ASP B OD1 1 
ATOM   1396 O  OD2 . ASP B 1 79  ? 0.177   3.379   -11.341 1.00 34.98  ? 79  ASP B OD2 1 
ATOM   1397 N  N   . ASP B 1 80  ? 3.101   6.570   -8.265  1.00 20.62  ? 80  ASP B N   1 
ATOM   1398 C  CA  . ASP B 1 80  ? 4.228   7.476   -8.217  1.00 21.29  ? 80  ASP B CA  1 
ATOM   1399 C  C   . ASP B 1 80  ? 5.142   7.159   -7.033  1.00 20.05  ? 80  ASP B C   1 
ATOM   1400 O  O   . ASP B 1 80  ? 6.345   7.026   -7.207  1.00 18.34  ? 80  ASP B O   1 
ATOM   1401 C  CB  . ASP B 1 80  ? 3.753   8.933   -8.127  1.00 22.94  ? 80  ASP B CB  1 
ATOM   1402 C  CG  . ASP B 1 80  ? 3.108   9.431   -9.411  1.00 24.81  ? 80  ASP B CG  1 
ATOM   1403 O  OD1 . ASP B 1 80  ? 3.209   8.751   -10.464 1.00 26.39  ? 80  ASP B OD1 1 
ATOM   1404 O  OD2 . ASP B 1 80  ? 2.527   10.540  -9.360  1.00 27.21  ? 80  ASP B OD2 1 
ATOM   1405 N  N   . THR B 1 81  ? 4.558   7.031   -5.841  1.00 19.64  ? 81  THR B N   1 
ATOM   1406 C  CA  . THR B 1 81  ? 5.335   6.824   -4.617  1.00 19.28  ? 81  THR B CA  1 
ATOM   1407 C  C   . THR B 1 81  ? 6.089   5.495   -4.634  1.00 18.88  ? 81  THR B C   1 
ATOM   1408 O  O   . THR B 1 81  ? 7.253   5.420   -4.253  1.00 18.18  ? 81  THR B O   1 
ATOM   1409 C  CB  . THR B 1 81  ? 4.436   6.841   -3.385  1.00 19.35  ? 81  THR B CB  1 
ATOM   1410 O  OG1 . THR B 1 81  ? 3.728   8.080   -3.332  1.00 19.01  ? 81  THR B OG1 1 
ATOM   1411 C  CG2 . THR B 1 81  ? 5.278   6.682   -2.124  1.00 19.99  ? 81  THR B CG2 1 
ATOM   1412 N  N   . VAL B 1 82  ? 5.410   4.452   -5.080  1.00 19.71  ? 82  VAL B N   1 
ATOM   1413 C  CA  . VAL B 1 82  ? 6.020   3.132   -5.214  1.00 19.84  ? 82  VAL B CA  1 
ATOM   1414 C  C   . VAL B 1 82  ? 7.144   3.150   -6.243  1.00 21.27  ? 82  VAL B C   1 
ATOM   1415 O  O   . VAL B 1 82  ? 8.211   2.617   -5.958  1.00 20.48  ? 82  VAL B O   1 
ATOM   1416 C  CB  . VAL B 1 82  ? 5.016   2.050   -5.602  1.00 19.97  ? 82  VAL B CB  1 
ATOM   1417 C  CG1 . VAL B 1 82  ? 5.713   0.698   -5.670  1.00 20.33  ? 82  VAL B CG1 1 
ATOM   1418 C  CG2 . VAL B 1 82  ? 3.924   1.941   -4.561  1.00 20.05  ? 82  VAL B CG2 1 
ATOM   1419 N  N   . HIS B 1 83  ? 6.912   3.777   -7.405  1.00 22.58  ? 83  HIS B N   1 
ATOM   1420 C  CA  . HIS B 1 83  ? 7.926   3.863   -8.475  1.00 24.43  ? 83  HIS B CA  1 
ATOM   1421 C  C   . HIS B 1 83  ? 9.214   4.411   -7.878  1.00 22.51  ? 83  HIS B C   1 
ATOM   1422 O  O   . HIS B 1 83  ? 10.259  3.791   -7.989  1.00 22.57  ? 83  HIS B O   1 
ATOM   1423 C  CB  . HIS B 1 83  ? 7.429   4.714   -9.660  1.00 26.91  ? 83  HIS B CB  1 
ATOM   1424 C  CG  . HIS B 1 83  ? 8.483   5.043   -10.682 1.00 30.27  ? 83  HIS B CG  1 
ATOM   1425 N  ND1 . HIS B 1 83  ? 8.534   4.447   -11.923 1.00 32.52  ? 83  HIS B ND1 1 
ATOM   1426 C  CD2 . HIS B 1 83  ? 9.503   5.937   -10.654 1.00 32.50  ? 83  HIS B CD2 1 
ATOM   1427 C  CE1 . HIS B 1 83  ? 9.549   4.942   -12.608 1.00 33.44  ? 83  HIS B CE1 1 
ATOM   1428 N  NE2 . HIS B 1 83  ? 10.156  5.848   -11.859 1.00 34.30  ? 83  HIS B NE2 1 
ATOM   1429 N  N   . HIS B 1 84  ? 9.103   5.536   -7.190  1.00 20.52  ? 84  HIS B N   1 
ATOM   1430 C  CA  . HIS B 1 84  ? 10.243  6.200   -6.577  1.00 19.73  ? 84  HIS B CA  1 
ATOM   1431 C  C   . HIS B 1 84  ? 10.950  5.373   -5.490  1.00 19.31  ? 84  HIS B C   1 
ATOM   1432 O  O   . HIS B 1 84  ? 12.179  5.311   -5.432  1.00 18.24  ? 84  HIS B O   1 
ATOM   1433 C  CB  . HIS B 1 84  ? 9.795   7.556   -6.015  1.00 19.86  ? 84  HIS B CB  1 
ATOM   1434 C  CG  . HIS B 1 84  ? 10.907  8.341   -5.389  1.00 20.00  ? 84  HIS B CG  1 
ATOM   1435 N  ND1 . HIS B 1 84  ? 10.877  8.759   -4.077  1.00 20.48  ? 84  HIS B ND1 1 
ATOM   1436 C  CD2 . HIS B 1 84  ? 12.093  8.757   -5.890  1.00 19.62  ? 84  HIS B CD2 1 
ATOM   1437 C  CE1 . HIS B 1 84  ? 11.990  9.413   -3.800  1.00 20.09  ? 84  HIS B CE1 1 
ATOM   1438 N  NE2 . HIS B 1 84  ? 12.748  9.417   -4.881  1.00 19.94  ? 84  HIS B NE2 1 
ATOM   1439 N  N   . ARG B 1 85  ? 10.171  4.745   -4.618  1.00 19.70  ? 85  ARG B N   1 
ATOM   1440 C  CA  . ARG B 1 85  ? 10.746  3.932   -3.543  1.00 19.80  ? 85  ARG B CA  1 
ATOM   1441 C  C   . ARG B 1 85  ? 11.394  2.657   -4.095  1.00 19.30  ? 85  ARG B C   1 
ATOM   1442 O  O   . ARG B 1 85  ? 12.426  2.219   -3.593  1.00 17.82  ? 85  ARG B O   1 
ATOM   1443 C  CB  . ARG B 1 85  ? 9.682   3.628   -2.489  1.00 20.76  ? 85  ARG B CB  1 
ATOM   1444 C  CG  . ARG B 1 85  ? 9.673   2.224   -1.911  1.00 21.80  ? 85  ARG B CG  1 
ATOM   1445 C  CD  . ARG B 1 85  ? 8.252   1.857   -1.484  1.00 24.09  ? 85  ARG B CD  1 
ATOM   1446 N  NE  . ARG B 1 85  ? 7.724   0.612   -2.049  1.00 25.25  ? 85  ARG B NE  1 
ATOM   1447 C  CZ  . ARG B 1 85  ? 6.512   0.129   -1.771  1.00 26.64  ? 85  ARG B CZ  1 
ATOM   1448 N  NH1 . ARG B 1 85  ? 5.697   0.787   -0.941  1.00 27.38  ? 85  ARG B NH1 1 
ATOM   1449 N  NH2 . ARG B 1 85  ? 6.106   -1.005  -2.330  1.00 25.97  ? 85  ARG B NH2 1 
ATOM   1450 N  N   . HIS B 1 86  ? 10.784  2.065   -5.119  1.00 20.27  ? 86  HIS B N   1 
ATOM   1451 C  CA  . HIS B 1 86  ? 11.342  0.847   -5.734  1.00 22.75  ? 86  HIS B CA  1 
ATOM   1452 C  C   . HIS B 1 86  ? 12.739  1.117   -6.323  1.00 22.14  ? 86  HIS B C   1 
ATOM   1453 O  O   . HIS B 1 86  ? 13.650  0.326   -6.137  1.00 20.15  ? 86  HIS B O   1 
ATOM   1454 C  CB  . HIS B 1 86  ? 10.418  0.279   -6.824  1.00 24.57  ? 86  HIS B CB  1 
ATOM   1455 C  CG  . HIS B 1 86  ? 10.926  -0.999  -7.424  1.00 28.93  ? 86  HIS B CG  1 
ATOM   1456 N  ND1 . HIS B 1 86  ? 10.789  -1.314  -8.763  1.00 30.52  ? 86  HIS B ND1 1 
ATOM   1457 C  CD2 . HIS B 1 86  ? 11.613  -2.026  -6.863  1.00 30.04  ? 86  HIS B CD2 1 
ATOM   1458 C  CE1 . HIS B 1 86  ? 11.341  -2.494  -8.992  1.00 30.91  ? 86  HIS B CE1 1 
ATOM   1459 N  NE2 . HIS B 1 86  ? 11.849  -2.945  -7.855  1.00 31.57  ? 86  HIS B NE2 1 
ATOM   1460 N  N   . HIS B 1 87  ? 12.877  2.232   -7.031  1.00 22.59  ? 87  HIS B N   1 
ATOM   1461 C  CA  . HIS B 1 87  ? 14.161  2.626   -7.623  1.00 24.81  ? 87  HIS B CA  1 
ATOM   1462 C  C   . HIS B 1 87  ? 15.223  2.959   -6.565  1.00 21.72  ? 87  HIS B C   1 
ATOM   1463 O  O   . HIS B 1 87  ? 16.370  2.556   -6.702  1.00 21.38  ? 87  HIS B O   1 
ATOM   1464 C  CB  . HIS B 1 87  ? 13.987  3.778   -8.640  1.00 29.65  ? 87  HIS B CB  1 
ATOM   1465 C  CG  . HIS B 1 87  ? 13.573  3.318   -10.015 1.00 36.86  ? 87  HIS B CG  1 
ATOM   1466 N  ND1 . HIS B 1 87  ? 14.383  2.533   -10.815 1.00 41.41  ? 87  HIS B ND1 1 
ATOM   1467 C  CD2 . HIS B 1 87  ? 12.441  3.536   -10.732 1.00 39.71  ? 87  HIS B CD2 1 
ATOM   1468 C  CE1 . HIS B 1 87  ? 13.771  2.296   -11.964 1.00 43.10  ? 87  HIS B CE1 1 
ATOM   1469 N  NE2 . HIS B 1 87  ? 12.590  2.892   -11.939 1.00 41.27  ? 87  HIS B NE2 1 
ATOM   1470 N  N   A GLN B 1 88  ? 14.858  3.691   -5.518  0.50 20.57  ? 88  GLN B N   1 
ATOM   1471 N  N   B GLN B 1 88  ? 14.832  3.697   -5.528  0.50 20.35  ? 88  GLN B N   1 
ATOM   1472 C  CA  A GLN B 1 88  ? 15.837  3.976   -4.460  0.50 19.43  ? 88  GLN B CA  1 
ATOM   1473 C  CA  B GLN B 1 88  ? 15.729  3.970   -4.399  0.50 19.10  ? 88  GLN B CA  1 
ATOM   1474 C  C   A GLN B 1 88  ? 16.298  2.695   -3.752  0.50 18.40  ? 88  GLN B C   1 
ATOM   1475 C  C   B GLN B 1 88  ? 16.288  2.682   -3.816  0.50 18.20  ? 88  GLN B C   1 
ATOM   1476 O  O   A GLN B 1 88  ? 17.453  2.599   -3.374  0.50 18.05  ? 88  GLN B O   1 
ATOM   1477 O  O   B GLN B 1 88  ? 17.477  2.568   -3.590  0.50 17.85  ? 88  GLN B O   1 
ATOM   1478 C  CB  A GLN B 1 88  ? 15.324  4.997   -3.440  0.50 19.26  ? 88  GLN B CB  1 
ATOM   1479 C  CB  B GLN B 1 88  ? 15.006  4.716   -3.283  0.50 18.75  ? 88  GLN B CB  1 
ATOM   1480 C  CG  A GLN B 1 88  ? 15.170  6.427   -3.956  0.50 19.37  ? 88  GLN B CG  1 
ATOM   1481 C  CG  B GLN B 1 88  ? 14.884  6.218   -3.471  0.50 18.64  ? 88  GLN B CG  1 
ATOM   1482 C  CD  A GLN B 1 88  ? 16.347  6.950   -4.779  0.50 19.33  ? 88  GLN B CD  1 
ATOM   1483 C  CD  B GLN B 1 88  ? 14.094  6.873   -2.354  0.50 18.19  ? 88  GLN B CD  1 
ATOM   1484 O  OE1 A GLN B 1 88  ? 17.400  7.330   -4.251  0.50 18.99  ? 88  GLN B OE1 1 
ATOM   1485 O  OE1 B GLN B 1 88  ? 12.901  6.662   -2.229  0.50 18.98  ? 88  GLN B OE1 1 
ATOM   1486 N  NE2 A GLN B 1 88  ? 16.146  7.018   -6.084  0.50 19.79  ? 88  GLN B NE2 1 
ATOM   1487 N  NE2 B GLN B 1 88  ? 14.752  7.682   -1.554  0.50 18.24  ? 88  GLN B NE2 1 
ATOM   1488 N  N   . LEU B 1 89  ? 15.400  1.727   -3.571  1.00 17.93  ? 89  LEU B N   1 
ATOM   1489 C  CA  . LEU B 1 89  ? 15.766  0.433   -2.970  1.00 17.70  ? 89  LEU B CA  1 
ATOM   1490 C  C   . LEU B 1 89  ? 16.599  -0.436  -3.902  1.00 18.72  ? 89  LEU B C   1 
ATOM   1491 O  O   . LEU B 1 89  ? 17.551  -1.055  -3.457  1.00 17.86  ? 89  LEU B O   1 
ATOM   1492 C  CB  . LEU B 1 89  ? 14.518  -0.334  -2.491  1.00 16.67  ? 89  LEU B CB  1 
ATOM   1493 C  CG  . LEU B 1 89  ? 13.893  0.156   -1.183  1.00 16.49  ? 89  LEU B CG  1 
ATOM   1494 C  CD1 . LEU B 1 89  ? 12.517  -0.450  -1.010  1.00 16.11  ? 89  LEU B CD1 1 
ATOM   1495 C  CD2 . LEU B 1 89  ? 14.778  -0.163  0.014   1.00 16.38  ? 89  LEU B CD2 1 
ATOM   1496 N  N   . ASN B 1 90  ? 16.234  -0.474  -5.181  1.00 21.39  ? 90  ASN B N   1 
ATOM   1497 C  CA  . ASN B 1 90  ? 17.069  -1.106  -6.216  1.00 24.78  ? 90  ASN B CA  1 
ATOM   1498 C  C   . ASN B 1 90  ? 18.479  -0.537  -6.281  1.00 24.70  ? 90  ASN B C   1 
ATOM   1499 O  O   . ASN B 1 90  ? 19.444  -1.278  -6.286  1.00 22.97  ? 90  ASN B O   1 
ATOM   1500 C  CB  . ASN B 1 90  ? 16.455  -0.956  -7.596  1.00 28.07  ? 90  ASN B CB  1 
ATOM   1501 C  CG  . ASN B 1 90  ? 15.628  -2.141  -7.983  1.00 33.81  ? 90  ASN B CG  1 
ATOM   1502 O  OD1 . ASN B 1 90  ? 14.402  -2.043  -8.071  1.00 41.01  ? 90  ASN B OD1 1 
ATOM   1503 N  ND2 . ASN B 1 90  ? 16.289  -3.284  -8.230  1.00 36.32  ? 90  ASN B ND2 1 
ATOM   1504 N  N   . LYS B 1 91  ? 18.590  0.783   -6.352  1.00 25.31  ? 91  LYS B N   1 
ATOM   1505 C  CA  . LYS B 1 91  ? 19.903  1.410   -6.334  1.00 26.92  ? 91  LYS B CA  1 
ATOM   1506 C  C   . LYS B 1 91  ? 20.680  0.928   -5.133  1.00 26.56  ? 91  LYS B C   1 
ATOM   1507 O  O   . LYS B 1 91  ? 21.844  0.609   -5.242  1.00 27.26  ? 91  LYS B O   1 
ATOM   1508 C  CB  . LYS B 1 91  ? 19.807  2.944   -6.286  1.00 27.90  ? 91  LYS B CB  1 
ATOM   1509 C  CG  . LYS B 1 91  ? 19.578  3.557   -7.650  1.00 30.50  ? 91  LYS B CG  1 
ATOM   1510 C  CD  . LYS B 1 91  ? 19.835  5.060   -7.685  1.00 31.55  ? 91  LYS B CD  1 
ATOM   1511 C  CE  . LYS B 1 91  ? 19.609  5.593   -9.091  1.00 32.17  ? 91  LYS B CE  1 
ATOM   1512 N  NZ  . LYS B 1 91  ? 19.819  7.067   -9.180  1.00 33.55  ? 91  LYS B NZ  1 
ATOM   1513 N  N   . LEU B 1 92  ? 20.024  0.883   -3.985  1.00 27.91  ? 92  LEU B N   1 
ATOM   1514 C  CA  . LEU B 1 92  ? 20.691  0.545   -2.726  1.00 28.51  ? 92  LEU B CA  1 
ATOM   1515 C  C   . LEU B 1 92  ? 21.212  -0.872  -2.687  1.00 26.95  ? 92  LEU B C   1 
ATOM   1516 O  O   . LEU B 1 92  ? 22.340  -1.098  -2.265  1.00 25.42  ? 92  LEU B O   1 
ATOM   1517 C  CB  . LEU B 1 92  ? 19.749  0.740   -1.547  1.00 30.65  ? 92  LEU B CB  1 
ATOM   1518 C  CG  . LEU B 1 92  ? 20.419  1.489   -0.419  1.00 33.44  ? 92  LEU B CG  1 
ATOM   1519 C  CD1 . LEU B 1 92  ? 20.631  2.961   -0.801  1.00 35.47  ? 92  LEU B CD1 1 
ATOM   1520 C  CD2 . LEU B 1 92  ? 19.546  1.364   0.813   1.00 33.59  ? 92  LEU B CD2 1 
ATOM   1521 N  N   . LEU B 1 93  ? 20.370  -1.818  -3.097  1.00 26.71  ? 93  LEU B N   1 
ATOM   1522 C  CA  . LEU B 1 93  ? 20.765  -3.227  -3.166  1.00 27.26  ? 93  LEU B CA  1 
ATOM   1523 C  C   . LEU B 1 93  ? 21.985  -3.388  -4.049  1.00 28.20  ? 93  LEU B C   1 
ATOM   1524 O  O   . LEU B 1 93  ? 22.896  -4.119  -3.691  1.00 28.27  ? 93  LEU B O   1 
ATOM   1525 C  CB  . LEU B 1 93  ? 19.651  -4.105  -3.728  1.00 26.79  ? 93  LEU B CB  1 
ATOM   1526 C  CG  . LEU B 1 93  ? 18.595  -4.622  -2.758  1.00 28.46  ? 93  LEU B CG  1 
ATOM   1527 C  CD1 . LEU B 1 93  ? 17.633  -5.498  -3.544  1.00 28.50  ? 93  LEU B CD1 1 
ATOM   1528 C  CD2 . LEU B 1 93  ? 19.190  -5.399  -1.592  1.00 28.68  ? 93  LEU B CD2 1 
ATOM   1529 N  N   . ALA B 1 94  ? 21.994  -2.695  -5.188  1.00 28.99  ? 94  ALA B N   1 
ATOM   1530 C  CA  . ALA B 1 94  ? 23.099  -2.769  -6.132  1.00 29.35  ? 94  ALA B CA  1 
ATOM   1531 C  C   . ALA B 1 94  ? 24.365  -2.203  -5.505  1.00 31.47  ? 94  ALA B C   1 
ATOM   1532 O  O   . ALA B 1 94  ? 25.413  -2.824  -5.586  1.00 33.82  ? 94  ALA B O   1 
ATOM   1533 C  CB  . ALA B 1 94  ? 22.758  -2.040  -7.403  1.00 29.06  ? 94  ALA B CB  1 
ATOM   1534 N  N   . GLN B 1 95  ? 24.269  -1.048  -4.854  1.00 33.43  ? 95  GLN B N   1 
ATOM   1535 C  CA  . GLN B 1 95  ? 25.420  -0.490  -4.138  1.00 35.71  ? 95  GLN B CA  1 
ATOM   1536 C  C   . GLN B 1 95  ? 25.890  -1.435  -3.027  1.00 36.46  ? 95  GLN B C   1 
ATOM   1537 O  O   . GLN B 1 95  ? 27.083  -1.557  -2.762  1.00 39.21  ? 95  GLN B O   1 
ATOM   1538 C  CB  . GLN B 1 95  ? 25.108  0.909   -3.579  1.00 38.04  ? 95  GLN B CB  1 
ATOM   1539 C  CG  . GLN B 1 95  ? 24.852  1.978   -4.649  1.00 41.14  ? 95  GLN B CG  1 
ATOM   1540 C  CD  . GLN B 1 95  ? 24.627  3.378   -4.074  1.00 42.67  ? 95  GLN B CD  1 
ATOM   1541 O  OE1 . GLN B 1 95  ? 25.520  3.939   -3.434  1.00 43.61  ? 95  GLN B OE1 1 
ATOM   1542 N  NE2 . GLN B 1 95  ? 23.444  3.953   -4.309  1.00 41.60  ? 95  GLN B NE2 1 
ATOM   1543 N  N   . LEU B 1 96  ? 24.946  -2.126  -2.400  1.00 37.70  ? 96  LEU B N   1 
ATOM   1544 C  CA  . LEU B 1 96  ? 25.259  -3.078  -1.335  1.00 37.63  ? 96  LEU B CA  1 
ATOM   1545 C  C   . LEU B 1 96  ? 25.948  -4.326  -1.901  1.00 36.43  ? 96  LEU B C   1 
ATOM   1546 O  O   . LEU B 1 96  ? 26.985  -4.734  -1.402  1.00 35.60  ? 96  LEU B O   1 
ATOM   1547 C  CB  . LEU B 1 96  ? 23.991  -3.472  -0.571  1.00 38.44  ? 96  LEU B CB  1 
ATOM   1548 C  CG  . LEU B 1 96  ? 24.100  -3.685  0.932   1.00 40.94  ? 96  LEU B CG  1 
ATOM   1549 C  CD1 . LEU B 1 96  ? 22.877  -4.460  1.394   1.00 41.68  ? 96  LEU B CD1 1 
ATOM   1550 C  CD2 . LEU B 1 96  ? 25.362  -4.411  1.360   1.00 42.67  ? 96  LEU B CD2 1 
ATOM   1551 N  N   . ASP B 1 97  ? 25.333  -4.920  -2.922  1.00 35.55  ? 97  ASP B N   1 
ATOM   1552 C  CA  . ASP B 1 97  ? 25.893  -6.006  -3.752  1.00 36.35  ? 97  ASP B CA  1 
ATOM   1553 C  C   . ASP B 1 97  ? 27.378  -5.766  -4.075  1.00 37.38  ? 97  ASP B C   1 
ATOM   1554 O  O   . ASP B 1 97  ? 28.239  -6.576  -3.751  1.00 34.74  ? 97  ASP B O   1 
ATOM   1555 C  CB  . ASP B 1 97  ? 25.068  -6.094  -5.056  1.00 36.70  ? 97  ASP B CB  1 
ATOM   1556 C  CG  . ASP B 1 97  ? 25.268  -7.383  -5.822  1.00 37.40  ? 97  ASP B CG  1 
ATOM   1557 O  OD1 . ASP B 1 97  ? 25.827  -8.359  -5.279  1.00 39.17  ? 97  ASP B OD1 1 
ATOM   1558 O  OD2 . ASP B 1 97  ? 24.832  -7.414  -6.991  1.00 38.49  ? 97  ASP B OD2 1 
ATOM   1559 N  N   . ASN B 1 98  ? 27.655  -4.607  -4.654  1.00 41.56  ? 98  ASN B N   1 
ATOM   1560 C  CA  . ASN B 1 98  ? 29.012  -4.156  -4.975  1.00 47.90  ? 98  ASN B CA  1 
ATOM   1561 C  C   . ASN B 1 98  ? 29.967  -4.177  -3.769  1.00 49.58  ? 98  ASN B C   1 
ATOM   1562 O  O   . ASN B 1 98  ? 31.168  -4.383  -3.920  1.00 54.34  ? 98  ASN B O   1 
ATOM   1563 C  CB  . ASN B 1 98  ? 28.940  -2.733  -5.557  1.00 51.45  ? 98  ASN B CB  1 
ATOM   1564 C  CG  . ASN B 1 98  ? 30.176  -2.346  -6.352  1.00 56.61  ? 98  ASN B CG  1 
ATOM   1565 O  OD1 . ASN B 1 98  ? 30.692  -3.132  -7.155  1.00 62.43  ? 98  ASN B OD1 1 
ATOM   1566 N  ND2 . ASN B 1 98  ? 30.638  -1.113  -6.161  1.00 57.67  ? 98  ASN B ND2 1 
ATOM   1567 N  N   . LEU B 1 99  ? 29.411  -3.969  -2.581  1.00 50.78  ? 99  LEU B N   1 
ATOM   1568 C  CA  . LEU B 1 99  ? 30.164  -3.940  -1.321  1.00 49.69  ? 99  LEU B CA  1 
ATOM   1569 C  C   . LEU B 1 99  ? 30.457  -5.305  -0.686  1.00 50.54  ? 99  LEU B C   1 
ATOM   1570 O  O   . LEU B 1 99  ? 31.484  -5.461  -0.040  1.00 47.60  ? 99  LEU B O   1 
ATOM   1571 C  CB  . LEU B 1 99  ? 29.427  -3.051  -0.311  1.00 48.98  ? 99  LEU B CB  1 
ATOM   1572 C  CG  . LEU B 1 99  ? 30.212  -1.913  0.322   1.00 48.28  ? 99  LEU B CG  1 
ATOM   1573 C  CD1 . LEU B 1 99  ? 30.726  -0.958  -0.741  1.00 47.85  ? 99  LEU B CD1 1 
ATOM   1574 C  CD2 . LEU B 1 99  ? 29.312  -1.185  1.308   1.00 47.08  ? 99  LEU B CD2 1 
ATOM   1575 N  N   . VAL B 1 100 ? 29.571  -6.282  -0.859  1.00 55.69  ? 100 VAL B N   1 
ATOM   1576 C  CA  . VAL B 1 100 ? 29.791  -7.620  -0.269  1.00 58.95  ? 100 VAL B CA  1 
ATOM   1577 C  C   . VAL B 1 100 ? 30.834  -8.448  -1.054  1.00 62.51  ? 100 VAL B C   1 
ATOM   1578 O  O   . VAL B 1 100 ? 31.531  -9.289  -0.469  1.00 62.37  ? 100 VAL B O   1 
ATOM   1579 C  CB  . VAL B 1 100 ? 28.485  -8.447  -0.049  1.00 57.28  ? 100 VAL B CB  1 
ATOM   1580 C  CG1 . VAL B 1 100 ? 27.372  -7.595  0.545   1.00 56.15  ? 100 VAL B CG1 1 
ATOM   1581 C  CG2 . VAL B 1 100 ? 28.017  -9.142  -1.321  1.00 59.74  ? 100 VAL B CG2 1 
ATOM   1582 N  N   . HIS B 1 101 ? 30.938  -8.213  -2.365  1.00 65.73  ? 101 HIS B N   1 
ATOM   1583 C  CA  . HIS B 1 101 ? 31.830  -9.001  -3.245  1.00 66.24  ? 101 HIS B CA  1 
ATOM   1584 C  C   . HIS B 1 101 ? 33.121  -8.247  -3.595  1.00 71.44  ? 101 HIS B C   1 
ATOM   1585 O  O   . HIS B 1 101 ? 33.720  -8.484  -4.647  1.00 81.07  ? 101 HIS B O   1 
ATOM   1586 C  CB  . HIS B 1 101 ? 31.085  -9.426  -4.524  1.00 62.58  ? 101 HIS B CB  1 
ATOM   1587 C  CG  . HIS B 1 101 ? 29.840  -10.213 -4.264  1.00 60.67  ? 101 HIS B CG  1 
ATOM   1588 N  ND1 . HIS B 1 101 ? 28.579  -9.715  -4.503  1.00 60.92  ? 101 HIS B ND1 1 
ATOM   1589 C  CD2 . HIS B 1 101 ? 29.664  -11.455 -3.756  1.00 62.22  ? 101 HIS B CD2 1 
ATOM   1590 C  CE1 . HIS B 1 101 ? 27.679  -10.621 -4.164  1.00 61.67  ? 101 HIS B CE1 1 
ATOM   1591 N  NE2 . HIS B 1 101 ? 28.310  -11.684 -3.701  1.00 61.71  ? 101 HIS B NE2 1 
ATOM   1592 N  N   . ARG B 1 102 ? 33.572  -7.380  -2.693  1.00 73.35  ? 102 ARG B N   1 
ATOM   1593 C  CA  . ARG B 1 102 ? 34.670  -6.455  -2.965  1.00 78.02  ? 102 ARG B CA  1 
ATOM   1594 C  C   . ARG B 1 102 ? 35.938  -6.845  -2.212  1.00 78.57  ? 102 ARG B C   1 
ATOM   1595 O  O   . ARG B 1 102 ? 37.049  -6.631  -2.698  1.00 76.25  ? 102 ARG B O   1 
ATOM   1596 C  CB  . ARG B 1 102 ? 34.253  -5.049  -2.547  1.00 83.98  ? 102 ARG B CB  1 
ATOM   1597 C  CG  . ARG B 1 102 ? 35.051  -3.936  -3.195  1.00 88.65  ? 102 ARG B CG  1 
ATOM   1598 C  CD  . ARG B 1 102 ? 34.616  -3.691  -4.632  1.00 92.82  ? 102 ARG B CD  1 
ATOM   1599 N  NE  . ARG B 1 102 ? 35.118  -2.407  -5.120  1.00 97.31  ? 102 ARG B NE  1 
ATOM   1600 C  CZ  . ARG B 1 102 ? 34.719  -1.792  -6.235  1.00 103.42 ? 102 ARG B CZ  1 
ATOM   1601 N  NH1 . ARG B 1 102 ? 33.788  -2.326  -7.028  1.00 106.63 ? 102 ARG B NH1 1 
ATOM   1602 N  NH2 . ARG B 1 102 ? 35.261  -0.619  -6.562  1.00 104.09 ? 102 ARG B NH2 1 
ATOM   1603 O  OXT . ARG B 1 102 ? 35.888  -7.358  -1.093  1.00 79.57  ? 102 ARG B OXT 1 
HETATM 1604 PT PT  . PT  C 2 .   ? -10.331 1.553   10.091  0.90 30.68  ? 201 PT  A PT  1 
HETATM 1605 CL CL  . CL  D 3 .   ? -8.854  2.995   11.624  1.00 43.92  ? 202 CL  A CL  1 
HETATM 1606 C  C   . ACT E 4 .   ? -13.277 0.149   9.256   1.00 31.67  ? 203 ACT A C   1 
HETATM 1607 O  O   . ACT E 4 .   ? -13.270 -0.997  8.742   1.00 30.47  ? 203 ACT A O   1 
HETATM 1608 O  OXT . ACT E 4 .   ? -13.197 0.316   10.521  1.00 31.69  ? 203 ACT A OXT 1 
HETATM 1609 C  CH3 . ACT E 4 .   ? -13.382 1.334   8.328   1.00 30.16  ? 203 ACT A CH3 1 
HETATM 1610 PT PT  . PC4 F 5 .   ? -34.602 3.937   -16.594 0.30 15.54  ? 201 PC4 B PT  1 
HETATM 1611 CL CL1 . PC4 F 5 .   ? -33.495 2.401   -18.045 0.30 15.26  ? 201 PC4 B CL1 1 
HETATM 1612 CL CL2 . PC4 F 5 .   ? -33.072 5.637   -17.291 0.30 15.45  ? 201 PC4 B CL2 1 
HETATM 1613 CL CL3 . PC4 F 5 .   ? -35.605 5.549   -15.110 0.30 15.37  ? 201 PC4 B CL3 1 
HETATM 1614 CL CL4 . PC4 F 5 .   ? -36.157 2.253   -15.941 0.30 15.52  ? 201 PC4 B CL4 1 
HETATM 1615 O  O   . HOH G 6 .   ? 5.749   0.716   6.135   1.00 31.60  ? 301 HOH A O   1 
HETATM 1616 O  O   . HOH G 6 .   ? -31.269 7.333   6.752   1.00 55.47  ? 302 HOH A O   1 
HETATM 1617 O  O   . HOH G 6 .   ? -1.440  4.785   11.228  1.00 15.67  ? 303 HOH A O   1 
HETATM 1618 O  O   . HOH G 6 .   ? -4.961  -1.173  7.166   1.00 12.37  ? 304 HOH A O   1 
HETATM 1619 O  O   . HOH G 6 .   ? 7.482   5.627   0.434   1.00 19.68  ? 305 HOH A O   1 
HETATM 1620 O  O   . HOH G 6 .   ? 10.681  0.010   10.241  1.00 45.31  ? 306 HOH A O   1 
HETATM 1621 O  O   . HOH G 6 .   ? -7.416  -2.729  9.411   1.00 17.92  ? 307 HOH A O   1 
HETATM 1622 O  O   . HOH G 6 .   ? -5.312  -10.420 8.113   1.00 33.71  ? 308 HOH A O   1 
HETATM 1623 O  O   . HOH G 6 .   ? -14.883 -10.001 0.059   1.00 26.99  ? 309 HOH A O   1 
HETATM 1624 O  O   . HOH G 6 .   ? -5.581  -4.606  12.044  1.00 20.80  ? 310 HOH A O   1 
HETATM 1625 O  O   . HOH G 6 .   ? -9.112  10.892  3.790   1.00 32.08  ? 311 HOH A O   1 
HETATM 1626 O  O   . HOH G 6 .   ? -0.414  -0.356  10.684  1.00 28.96  ? 312 HOH A O   1 
HETATM 1627 O  O   . HOH G 6 .   ? 2.525   0.619   1.920   1.00 24.29  ? 313 HOH A O   1 
HETATM 1628 O  O   . HOH G 6 .   ? 3.398   -1.290  0.226   1.00 33.31  ? 314 HOH A O   1 
HETATM 1629 O  O   . HOH G 6 .   ? 10.133  4.828   0.810   1.00 12.64  ? 315 HOH A O   1 
HETATM 1630 O  O   . HOH G 6 .   ? -30.228 1.169   8.886   1.00 36.54  ? 316 HOH A O   1 
HETATM 1631 O  O   . HOH G 6 .   ? -3.543  10.940  4.857   1.00 29.96  ? 317 HOH A O   1 
HETATM 1632 O  O   . HOH G 6 .   ? 0.987   -2.566  11.496  1.00 30.32  ? 318 HOH A O   1 
HETATM 1633 O  O   . HOH G 6 .   ? -3.236  6.600   10.166  0.50 12.51  ? 319 HOH A O   1 
HETATM 1634 O  O   . HOH G 6 .   ? 2.511   -10.841 3.687   1.00 32.15  ? 320 HOH A O   1 
HETATM 1635 O  O   . HOH G 6 .   ? 6.057   -10.302 12.524  1.00 21.29  ? 321 HOH A O   1 
HETATM 1636 O  O   . HOH G 6 .   ? -5.871  -8.262  0.065   1.00 30.40  ? 322 HOH A O   1 
HETATM 1637 O  O   . HOH G 6 .   ? -1.230  -7.117  1.802   1.00 37.03  ? 323 HOH A O   1 
HETATM 1638 O  O   . HOH G 6 .   ? 31.801  -3.446  14.036  1.00 35.00  ? 324 HOH A O   1 
HETATM 1639 O  O   . HOH G 6 .   ? -6.360  11.546  4.348   1.00 33.05  ? 325 HOH A O   1 
HETATM 1640 O  O   . HOH G 6 .   ? -8.071  -2.855  12.249  1.00 29.27  ? 326 HOH A O   1 
HETATM 1641 O  O   . HOH G 6 .   ? 9.373   11.135  -0.289  1.00 44.28  ? 327 HOH A O   1 
HETATM 1642 O  O   . HOH H 6 .   ? -4.276  -8.402  -2.320  1.00 29.08  ? 301 HOH B O   1 
HETATM 1643 O  O   . HOH H 6 .   ? 17.119  -15.425 -0.816  1.00 27.65  ? 302 HOH B O   1 
HETATM 1644 O  O   . HOH H 6 .   ? -32.119 12.299  6.859   1.00 45.95  ? 303 HOH B O   1 
HETATM 1645 O  O   . HOH H 6 .   ? 11.560  6.693   0.064   1.00 30.67  ? 304 HOH B O   1 
HETATM 1646 O  O   . HOH H 6 .   ? 16.732  1.863   -9.590  1.00 29.99  ? 305 HOH B O   1 
HETATM 1647 O  O   . HOH H 6 .   ? -1.679  2.235   -7.980  1.00 26.65  ? 306 HOH B O   1 
HETATM 1648 O  O   . HOH H 6 .   ? -30.970 12.450  -4.432  1.00 54.93  ? 307 HOH B O   1 
HETATM 1649 O  O   . HOH H 6 .   ? -4.246  -9.403  -6.076  1.00 25.40  ? 308 HOH B O   1 
HETATM 1650 O  O   . HOH H 6 .   ? 16.564  9.703   -2.910  1.00 44.55  ? 309 HOH B O   1 
HETATM 1651 O  O   . HOH H 6 .   ? 18.609  -13.047 -0.902  1.00 29.38  ? 310 HOH B O   1 
HETATM 1652 O  O   . HOH H 6 .   ? 5.931   3.486   0.106   1.00 19.54  ? 311 HOH B O   1 
HETATM 1653 O  O   . HOH H 6 .   ? 8.114   -1.624  -4.397  1.00 25.70  ? 312 HOH B O   1 
HETATM 1654 O  O   . HOH H 6 .   ? -8.776  -8.625  -6.765  1.00 34.63  ? 313 HOH B O   1 
HETATM 1655 O  O   . HOH H 6 .   ? -30.603 7.799   -16.903 1.00 47.05  ? 314 HOH B O   1 
# 
loop_
_pdbx_poly_seq_scheme.asym_id 
_pdbx_poly_seq_scheme.entity_id 
_pdbx_poly_seq_scheme.seq_id 
_pdbx_poly_seq_scheme.mon_id 
_pdbx_poly_seq_scheme.ndb_seq_num 
_pdbx_poly_seq_scheme.pdb_seq_num 
_pdbx_poly_seq_scheme.auth_seq_num 
_pdbx_poly_seq_scheme.pdb_mon_id 
_pdbx_poly_seq_scheme.auth_mon_id 
_pdbx_poly_seq_scheme.pdb_strand_id 
_pdbx_poly_seq_scheme.pdb_ins_code 
_pdbx_poly_seq_scheme.hetero 
A 1 1   MET 1   1   ?   ?   ?   A . n 
A 1 2   TYR 2   2   ?   ?   ?   A . n 
A 1 3   GLY 3   3   3   GLY GLY A . n 
A 1 4   THR 4   4   4   THR THR A . n 
A 1 5   LEU 5   5   5   LEU LEU A . n 
A 1 6   ASN 6   6   6   ASN ASN A . n 
A 1 7   GLN 7   7   7   GLN GLN A . n 
A 1 8   LEU 8   8   8   LEU LEU A . n 
A 1 9   PHE 9   9   9   PHE PHE A . n 
A 1 10  HIS 10  10  10  HIS HIS A . n 
A 1 11  ASN 11  11  11  ASN ASN A . n 
A 1 12  LEU 12  12  12  LEU LEU A . n 
A 1 13  ASN 13  13  13  ASN ASN A . n 
A 1 14  GLU 14  14  14  GLU GLU A . n 
A 1 15  ILE 15  15  15  ILE ILE A . n 
A 1 16  VAL 16  16  16  VAL VAL A . n 
A 1 17  GLU 17  17  17  GLU GLU A . n 
A 1 18  ASP 18  18  18  ASP ASP A . n 
A 1 19  LEU 19  19  19  LEU LEU A . n 
A 1 20  ASN 20  20  20  ASN ASN A . n 
A 1 21  LYS 21  21  21  LYS LYS A . n 
A 1 22  ASN 22  22  22  ASN ASN A . n 
A 1 23  TRP 23  23  23  TRP TRP A . n 
A 1 24  HIS 24  24  24  HIS HIS A . n 
A 1 25  ARG 25  25  25  ARG ARG A . n 
A 1 26  GLU 26  26  26  GLU GLU A . n 
A 1 27  ARG 27  27  27  ARG ARG A . n 
A 1 28  ARG 28  28  28  ARG ARG A . n 
A 1 29  THR 29  29  29  THR THR A . n 
A 1 30  LEU 30  30  30  LEU LEU A . n 
A 1 31  HIS 31  31  31  HIS HIS A . n 
A 1 32  ASP 32  32  32  ASP ASP A . n 
A 1 33  PHE 33  33  33  PHE PHE A . n 
A 1 34  ALA 34  34  34  ALA ALA A . n 
A 1 35  ASP 35  35  35  ASP ASP A . n 
A 1 36  GLU 36  36  36  GLU GLU A . n 
A 1 37  LEU 37  37  37  LEU LEU A . n 
A 1 38  HIS 38  38  38  HIS HIS A . n 
A 1 39  GLN 39  39  39  GLN GLN A . n 
A 1 40  LEU 40  40  40  LEU LEU A . n 
A 1 41  VAL 41  41  41  VAL VAL A . n 
A 1 42  LYS 42  42  42  LYS LYS A . n 
A 1 43  HIS 43  43  43  HIS HIS A . n 
A 1 44  VAL 44  44  44  VAL VAL A . n 
A 1 45  HIS 45  45  45  HIS HIS A . n 
A 1 46  HIS 46  46  46  HIS HIS A . n 
A 1 47  PHE 47  47  47  PHE PHE A . n 
A 1 48  MET 48  48  48  MET MET A . n 
A 1 49  GLN 49  49  ?   ?   ?   A . n 
A 1 50  GLY 50  50  ?   ?   ?   A . n 
A 1 51  HIS 51  51  ?   ?   ?   A . n 
A 1 52  LYS 52  52  ?   ?   ?   A . n 
A 1 53  ASN 53  53  ?   ?   ?   A . n 
A 1 54  GLU 54  54  ?   ?   ?   A . n 
A 1 55  GLY 55  55  ?   ?   ?   A . n 
A 1 56  LYS 56  56  ?   ?   ?   A . n 
A 1 57  LEU 57  57  57  LEU LEU A . n 
A 1 58  GLN 58  58  58  GLN GLN A . n 
A 1 59  ASP 59  59  59  ASP ASP A . n 
A 1 60  ILE 60  60  60  ILE ILE A . n 
A 1 61  VAL 61  61  61  VAL VAL A . n 
A 1 62  ASN 62  62  62  ASN ASN A . n 
A 1 63  GLN 63  63  63  GLN GLN A . n 
A 1 64  LEU 64  64  64  LEU LEU A . n 
A 1 65  ASP 65  65  65  ASP ASP A . n 
A 1 66  LYS 66  66  66  LYS LYS A . n 
A 1 67  LEU 67  67  67  LEU LEU A . n 
A 1 68  PHE 68  68  68  PHE PHE A . n 
A 1 69  ARG 69  69  69  ARG ARG A . n 
A 1 70  ASP 70  70  70  ASP ASP A . n 
A 1 71  LEU 71  71  71  LEU LEU A . n 
A 1 72  ASP 72  72  72  ASP ASP A . n 
A 1 73  ASN 73  73  73  ASN ASN A . n 
A 1 74  HIS 74  74  74  HIS HIS A . n 
A 1 75  LEU 75  75  75  LEU LEU A . n 
A 1 76  GLN 76  76  76  GLN GLN A . n 
A 1 77  ARG 77  77  77  ARG ARG A . n 
A 1 78  LYS 78  78  78  LYS LYS A . n 
A 1 79  ASP 79  79  79  ASP ASP A . n 
A 1 80  ASP 80  80  80  ASP ASP A . n 
A 1 81  THR 81  81  81  THR THR A . n 
A 1 82  VAL 82  82  82  VAL VAL A . n 
A 1 83  HIS 83  83  83  HIS HIS A . n 
A 1 84  HIS 84  84  84  HIS HIS A . n 
A 1 85  ARG 85  85  85  ARG ARG A . n 
A 1 86  HIS 86  86  86  HIS HIS A . n 
A 1 87  HIS 87  87  87  HIS HIS A . n 
A 1 88  GLN 88  88  88  GLN GLN A . n 
A 1 89  LEU 89  89  89  LEU LEU A . n 
A 1 90  ASN 90  90  90  ASN ASN A . n 
A 1 91  LYS 91  91  91  LYS LYS A . n 
A 1 92  LEU 92  92  92  LEU LEU A . n 
A 1 93  LEU 93  93  93  LEU LEU A . n 
A 1 94  ALA 94  94  94  ALA ALA A . n 
A 1 95  GLN 95  95  95  GLN GLN A . n 
A 1 96  LEU 96  96  96  LEU LEU A . n 
A 1 97  ASP 97  97  97  ASP ASP A . n 
A 1 98  ASN 98  98  98  ASN ASN A . n 
A 1 99  LEU 99  99  99  LEU LEU A . n 
A 1 100 VAL 100 100 100 VAL VAL A . n 
A 1 101 HIS 101 101 101 HIS HIS A . n 
A 1 102 ARG 102 102 ?   ?   ?   A . n 
B 1 1   MET 1   1   ?   ?   ?   B . n 
B 1 2   TYR 2   2   ?   ?   ?   B . n 
B 1 3   GLY 3   3   3   GLY GLY B . n 
B 1 4   THR 4   4   4   THR THR B . n 
B 1 5   LEU 5   5   5   LEU LEU B . n 
B 1 6   ASN 6   6   6   ASN ASN B . n 
B 1 7   GLN 7   7   7   GLN GLN B . n 
B 1 8   LEU 8   8   8   LEU LEU B . n 
B 1 9   PHE 9   9   9   PHE PHE B . n 
B 1 10  HIS 10  10  10  HIS HIS B . n 
B 1 11  ASN 11  11  11  ASN ASN B . n 
B 1 12  LEU 12  12  12  LEU LEU B . n 
B 1 13  ASN 13  13  13  ASN ASN B . n 
B 1 14  GLU 14  14  14  GLU GLU B . n 
B 1 15  ILE 15  15  15  ILE ILE B . n 
B 1 16  VAL 16  16  16  VAL VAL B . n 
B 1 17  GLU 17  17  17  GLU GLU B . n 
B 1 18  ASP 18  18  18  ASP ASP B . n 
B 1 19  LEU 19  19  19  LEU LEU B . n 
B 1 20  ASN 20  20  20  ASN ASN B . n 
B 1 21  LYS 21  21  21  LYS LYS B . n 
B 1 22  ASN 22  22  22  ASN ASN B . n 
B 1 23  TRP 23  23  23  TRP TRP B . n 
B 1 24  HIS 24  24  24  HIS HIS B . n 
B 1 25  ARG 25  25  25  ARG ARG B . n 
B 1 26  GLU 26  26  26  GLU GLU B . n 
B 1 27  ARG 27  27  27  ARG ARG B . n 
B 1 28  ARG 28  28  28  ARG ARG B . n 
B 1 29  THR 29  29  29  THR THR B . n 
B 1 30  LEU 30  30  30  LEU LEU B . n 
B 1 31  HIS 31  31  31  HIS HIS B . n 
B 1 32  ASP 32  32  32  ASP ASP B . n 
B 1 33  PHE 33  33  33  PHE PHE B . n 
B 1 34  ALA 34  34  34  ALA ALA B . n 
B 1 35  ASP 35  35  35  ASP ASP B . n 
B 1 36  GLU 36  36  36  GLU GLU B . n 
B 1 37  LEU 37  37  37  LEU LEU B . n 
B 1 38  HIS 38  38  38  HIS HIS B . n 
B 1 39  GLN 39  39  39  GLN GLN B . n 
B 1 40  LEU 40  40  40  LEU LEU B . n 
B 1 41  VAL 41  41  41  VAL VAL B . n 
B 1 42  LYS 42  42  42  LYS LYS B . n 
B 1 43  HIS 43  43  43  HIS HIS B . n 
B 1 44  VAL 44  44  44  VAL VAL B . n 
B 1 45  HIS 45  45  45  HIS HIS B . n 
B 1 46  HIS 46  46  46  HIS HIS B . n 
B 1 47  PHE 47  47  ?   ?   ?   B . n 
B 1 48  MET 48  48  ?   ?   ?   B . n 
B 1 49  GLN 49  49  ?   ?   ?   B . n 
B 1 50  GLY 50  50  ?   ?   ?   B . n 
B 1 51  HIS 51  51  ?   ?   ?   B . n 
B 1 52  LYS 52  52  ?   ?   ?   B . n 
B 1 53  ASN 53  53  ?   ?   ?   B . n 
B 1 54  GLU 54  54  ?   ?   ?   B . n 
B 1 55  GLY 55  55  ?   ?   ?   B . n 
B 1 56  LYS 56  56  56  LYS LYS B . n 
B 1 57  LEU 57  57  57  LEU LEU B . n 
B 1 58  GLN 58  58  58  GLN GLN B . n 
B 1 59  ASP 59  59  59  ASP ASP B . n 
B 1 60  ILE 60  60  60  ILE ILE B . n 
B 1 61  VAL 61  61  61  VAL VAL B . n 
B 1 62  ASN 62  62  62  ASN ASN B . n 
B 1 63  GLN 63  63  63  GLN GLN B . n 
B 1 64  LEU 64  64  64  LEU LEU B . n 
B 1 65  ASP 65  65  65  ASP ASP B . n 
B 1 66  LYS 66  66  66  LYS LYS B . n 
B 1 67  LEU 67  67  67  LEU LEU B . n 
B 1 68  PHE 68  68  68  PHE PHE B . n 
B 1 69  ARG 69  69  69  ARG ARG B . n 
B 1 70  ASP 70  70  70  ASP ASP B . n 
B 1 71  LEU 71  71  71  LEU LEU B . n 
B 1 72  ASP 72  72  72  ASP ASP B . n 
B 1 73  ASN 73  73  73  ASN ASN B . n 
B 1 74  HIS 74  74  74  HIS HIS B . n 
B 1 75  LEU 75  75  75  LEU LEU B . n 
B 1 76  GLN 76  76  76  GLN GLN B . n 
B 1 77  ARG 77  77  77  ARG ARG B . n 
B 1 78  LYS 78  78  78  LYS LYS B . n 
B 1 79  ASP 79  79  79  ASP ASP B . n 
B 1 80  ASP 80  80  80  ASP ASP B . n 
B 1 81  THR 81  81  81  THR THR B . n 
B 1 82  VAL 82  82  82  VAL VAL B . n 
B 1 83  HIS 83  83  83  HIS HIS B . n 
B 1 84  HIS 84  84  84  HIS HIS B . n 
B 1 85  ARG 85  85  85  ARG ARG B . n 
B 1 86  HIS 86  86  86  HIS HIS B . n 
B 1 87  HIS 87  87  87  HIS HIS B . n 
B 1 88  GLN 88  88  88  GLN GLN B . n 
B 1 89  LEU 89  89  89  LEU LEU B . n 
B 1 90  ASN 90  90  90  ASN ASN B . n 
B 1 91  LYS 91  91  91  LYS LYS B . n 
B 1 92  LEU 92  92  92  LEU LEU B . n 
B 1 93  LEU 93  93  93  LEU LEU B . n 
B 1 94  ALA 94  94  94  ALA ALA B . n 
B 1 95  GLN 95  95  95  GLN GLN B . n 
B 1 96  LEU 96  96  96  LEU LEU B . n 
B 1 97  ASP 97  97  97  ASP ASP B . n 
B 1 98  ASN 98  98  98  ASN ASN B . n 
B 1 99  LEU 99  99  99  LEU LEU B . n 
B 1 100 VAL 100 100 100 VAL VAL B . n 
B 1 101 HIS 101 101 101 HIS HIS B . n 
B 1 102 ARG 102 102 102 ARG ARG B . n 
# 
_pdbx_contact_author.id                 2 
_pdbx_contact_author.email              rarai@shinshu-u.ac.jp 
_pdbx_contact_author.name_first         Ryoichi 
_pdbx_contact_author.name_last          Arai 
_pdbx_contact_author.name_mi            ? 
_pdbx_contact_author.role               'principal investigator/group leader' 
_pdbx_contact_author.identifier_ORCID   0000-0001-5606-8483 
# 
loop_
_pdbx_nonpoly_scheme.asym_id 
_pdbx_nonpoly_scheme.entity_id 
_pdbx_nonpoly_scheme.mon_id 
_pdbx_nonpoly_scheme.ndb_seq_num 
_pdbx_nonpoly_scheme.pdb_seq_num 
_pdbx_nonpoly_scheme.auth_seq_num 
_pdbx_nonpoly_scheme.pdb_mon_id 
_pdbx_nonpoly_scheme.auth_mon_id 
_pdbx_nonpoly_scheme.pdb_strand_id 
_pdbx_nonpoly_scheme.pdb_ins_code 
C 2 PT  1  201 1  PT  PT  A . 
D 3 CL  1  202 1  CL  CL  A . 
E 4 ACT 1  203 1  ACT ACT A . 
F 5 PC4 1  201 1  PC4 PC4 B . 
G 6 HOH 1  301 12 HOH HOH A . 
G 6 HOH 2  302 23 HOH HOH A . 
G 6 HOH 3  303 9  HOH HOH A . 
G 6 HOH 4  304 10 HOH HOH A . 
G 6 HOH 5  305 3  HOH HOH A . 
G 6 HOH 6  306 20 HOH HOH A . 
G 6 HOH 7  307 17 HOH HOH A . 
G 6 HOH 8  308 32 HOH HOH A . 
G 6 HOH 9  309 37 HOH HOH A . 
G 6 HOH 10 310 15 HOH HOH A . 
G 6 HOH 11 311 28 HOH HOH A . 
G 6 HOH 12 312 6  HOH HOH A . 
G 6 HOH 13 313 8  HOH HOH A . 
G 6 HOH 14 314 1  HOH HOH A . 
G 6 HOH 15 315 13 HOH HOH A . 
G 6 HOH 16 316 4  HOH HOH A . 
G 6 HOH 17 317 40 HOH HOH A . 
G 6 HOH 18 318 29 HOH HOH A . 
G 6 HOH 19 319 2  HOH HOH A . 
G 6 HOH 20 320 21 HOH HOH A . 
G 6 HOH 21 321 11 HOH HOH A . 
G 6 HOH 22 322 34 HOH HOH A . 
G 6 HOH 23 323 35 HOH HOH A . 
G 6 HOH 24 324 38 HOH HOH A . 
G 6 HOH 25 325 41 HOH HOH A . 
G 6 HOH 26 326 19 HOH HOH A . 
G 6 HOH 27 327 33 HOH HOH A . 
H 6 HOH 1  301 24 HOH HOH B . 
H 6 HOH 2  302 39 HOH HOH B . 
H 6 HOH 3  303 27 HOH HOH B . 
H 6 HOH 4  304 26 HOH HOH B . 
H 6 HOH 5  305 30 HOH HOH B . 
H 6 HOH 6  306 25 HOH HOH B . 
H 6 HOH 7  307 22 HOH HOH B . 
H 6 HOH 8  308 5  HOH HOH B . 
H 6 HOH 9  309 7  HOH HOH B . 
H 6 HOH 10 310 16 HOH HOH B . 
H 6 HOH 11 311 18 HOH HOH B . 
H 6 HOH 12 312 14 HOH HOH B . 
H 6 HOH 13 313 36 HOH HOH B . 
H 6 HOH 14 314 31 HOH HOH B . 
# 
_pdbx_struct_assembly.id                   1 
_pdbx_struct_assembly.details              author_and_software_defined_assembly 
_pdbx_struct_assembly.method_details       PISA 
_pdbx_struct_assembly.oligomeric_details   dimeric 
_pdbx_struct_assembly.oligomeric_count     2 
# 
_pdbx_struct_assembly_gen.assembly_id       1 
_pdbx_struct_assembly_gen.oper_expression   1 
_pdbx_struct_assembly_gen.asym_id_list      A,B,C,D,E,F,G,H 
# 
loop_
_pdbx_struct_assembly_prop.biol_id 
_pdbx_struct_assembly_prop.type 
_pdbx_struct_assembly_prop.value 
_pdbx_struct_assembly_prop.details 
1 'ABSA (A^2)' 3870  ? 
1 MORE         -67   ? 
1 'SSA (A^2)'  11560 ? 
# 
_pdbx_struct_oper_list.id                   1 
_pdbx_struct_oper_list.type                 'identity operation' 
_pdbx_struct_oper_list.name                 1_555 
_pdbx_struct_oper_list.symmetry_operation   x,y,z 
_pdbx_struct_oper_list.matrix[1][1]         1.0000000000 
_pdbx_struct_oper_list.matrix[1][2]         0.0000000000 
_pdbx_struct_oper_list.matrix[1][3]         0.0000000000 
_pdbx_struct_oper_list.vector[1]            0.0000000000 
_pdbx_struct_oper_list.matrix[2][1]         0.0000000000 
_pdbx_struct_oper_list.matrix[2][2]         1.0000000000 
_pdbx_struct_oper_list.matrix[2][3]         0.0000000000 
_pdbx_struct_oper_list.vector[2]            0.0000000000 
_pdbx_struct_oper_list.matrix[3][1]         0.0000000000 
_pdbx_struct_oper_list.matrix[3][2]         0.0000000000 
_pdbx_struct_oper_list.matrix[3][3]         1.0000000000 
_pdbx_struct_oper_list.vector[3]            0.0000000000 
# 
_pdbx_audit_revision_history.ordinal             1 
_pdbx_audit_revision_history.data_content_type   'Structure model' 
_pdbx_audit_revision_history.major_revision      1 
_pdbx_audit_revision_history.minor_revision      0 
_pdbx_audit_revision_history.revision_date       2023-09-20 
# 
_pdbx_audit_revision_details.ordinal             1 
_pdbx_audit_revision_details.revision_ordinal    1 
_pdbx_audit_revision_details.data_content_type   'Structure model' 
_pdbx_audit_revision_details.provider            repository 
_pdbx_audit_revision_details.type                'Initial release' 
_pdbx_audit_revision_details.description         ? 
_pdbx_audit_revision_details.details             ? 
# 
loop_
_software.citation_id 
_software.classification 
_software.compiler_name 
_software.compiler_version 
_software.contact_author 
_software.contact_author_email 
_software.date 
_software.description 
_software.dependencies 
_software.hardware 
_software.language 
_software.location 
_software.mods 
_software.name 
_software.os 
_software.os_version 
_software.type 
_software.version 
_software.pdbx_ordinal 
? refinement        ? ? ? ? ? ? ? ? ? ? ? REFMAC      ? ? ? 5.8.0135 1 
? 'data scaling'    ? ? ? ? ? ? ? ? ? ? ? HKL-2000    ? ? ? .        2 
? 'data extraction' ? ? ? ? ? ? ? ? ? ? ? PDB_EXTRACT ? ? ? 3.27     3 
? 'data reduction'  ? ? ? ? ? ? ? ? ? ? ? HKL-2000    ? ? ? .        4 
? phasing           ? ? ? ? ? ? ? ? ? ? ? PHENIX      ? ? ? .        5 
# 
_pdbx_entry_details.entry_id                 8H7C 
_pdbx_entry_details.has_ligand_of_interest   Y 
_pdbx_entry_details.compound_details         ? 
_pdbx_entry_details.source_details           ? 
_pdbx_entry_details.nonpolymer_details       ? 
_pdbx_entry_details.sequence_details         ? 
# 
loop_
_pdbx_unobs_or_zero_occ_residues.id 
_pdbx_unobs_or_zero_occ_residues.PDB_model_num 
_pdbx_unobs_or_zero_occ_residues.polymer_flag 
_pdbx_unobs_or_zero_occ_residues.occupancy_flag 
_pdbx_unobs_or_zero_occ_residues.auth_asym_id 
_pdbx_unobs_or_zero_occ_residues.auth_comp_id 
_pdbx_unobs_or_zero_occ_residues.auth_seq_id 
_pdbx_unobs_or_zero_occ_residues.PDB_ins_code 
_pdbx_unobs_or_zero_occ_residues.label_asym_id 
_pdbx_unobs_or_zero_occ_residues.label_comp_id 
_pdbx_unobs_or_zero_occ_residues.label_seq_id 
1  1 Y 1 A MET 1   ? A MET 1   
2  1 Y 1 A TYR 2   ? A TYR 2   
3  1 Y 1 A GLN 49  ? A GLN 49  
4  1 Y 1 A GLY 50  ? A GLY 50  
5  1 Y 1 A HIS 51  ? A HIS 51  
6  1 Y 1 A LYS 52  ? A LYS 52  
7  1 Y 1 A ASN 53  ? A ASN 53  
8  1 Y 1 A GLU 54  ? A GLU 54  
9  1 Y 1 A GLY 55  ? A GLY 55  
10 1 Y 1 A LYS 56  ? A LYS 56  
11 1 Y 1 A ARG 102 ? A ARG 102 
12 1 Y 1 B MET 1   ? B MET 1   
13 1 Y 1 B TYR 2   ? B TYR 2   
14 1 Y 1 B PHE 47  ? B PHE 47  
15 1 Y 1 B MET 48  ? B MET 48  
16 1 Y 1 B GLN 49  ? B GLN 49  
17 1 Y 1 B GLY 50  ? B GLY 50  
18 1 Y 1 B HIS 51  ? B HIS 51  
19 1 Y 1 B LYS 52  ? B LYS 52  
20 1 Y 1 B ASN 53  ? B ASN 53  
21 1 Y 1 B GLU 54  ? B GLU 54  
22 1 Y 1 B GLY 55  ? B GLY 55  
# 
loop_
_chem_comp_atom.comp_id 
_chem_comp_atom.atom_id 
_chem_comp_atom.type_symbol 
_chem_comp_atom.pdbx_aromatic_flag 
_chem_comp_atom.pdbx_stereo_config 
_chem_comp_atom.pdbx_ordinal 
ACT C    C  N N 1   
ACT O    O  N N 2   
ACT OXT  O  N N 3   
ACT CH3  C  N N 4   
ACT H1   H  N N 5   
ACT H2   H  N N 6   
ACT H3   H  N N 7   
ALA N    N  N N 8   
ALA CA   C  N S 9   
ALA C    C  N N 10  
ALA O    O  N N 11  
ALA CB   C  N N 12  
ALA OXT  O  N N 13  
ALA H    H  N N 14  
ALA H2   H  N N 15  
ALA HA   H  N N 16  
ALA HB1  H  N N 17  
ALA HB2  H  N N 18  
ALA HB3  H  N N 19  
ALA HXT  H  N N 20  
ARG N    N  N N 21  
ARG CA   C  N S 22  
ARG C    C  N N 23  
ARG O    O  N N 24  
ARG CB   C  N N 25  
ARG CG   C  N N 26  
ARG CD   C  N N 27  
ARG NE   N  N N 28  
ARG CZ   C  N N 29  
ARG NH1  N  N N 30  
ARG NH2  N  N N 31  
ARG OXT  O  N N 32  
ARG H    H  N N 33  
ARG H2   H  N N 34  
ARG HA   H  N N 35  
ARG HB2  H  N N 36  
ARG HB3  H  N N 37  
ARG HG2  H  N N 38  
ARG HG3  H  N N 39  
ARG HD2  H  N N 40  
ARG HD3  H  N N 41  
ARG HE   H  N N 42  
ARG HH11 H  N N 43  
ARG HH12 H  N N 44  
ARG HH21 H  N N 45  
ARG HH22 H  N N 46  
ARG HXT  H  N N 47  
ASN N    N  N N 48  
ASN CA   C  N S 49  
ASN C    C  N N 50  
ASN O    O  N N 51  
ASN CB   C  N N 52  
ASN CG   C  N N 53  
ASN OD1  O  N N 54  
ASN ND2  N  N N 55  
ASN OXT  O  N N 56  
ASN H    H  N N 57  
ASN H2   H  N N 58  
ASN HA   H  N N 59  
ASN HB2  H  N N 60  
ASN HB3  H  N N 61  
ASN HD21 H  N N 62  
ASN HD22 H  N N 63  
ASN HXT  H  N N 64  
ASP N    N  N N 65  
ASP CA   C  N S 66  
ASP C    C  N N 67  
ASP O    O  N N 68  
ASP CB   C  N N 69  
ASP CG   C  N N 70  
ASP OD1  O  N N 71  
ASP OD2  O  N N 72  
ASP OXT  O  N N 73  
ASP H    H  N N 74  
ASP H2   H  N N 75  
ASP HA   H  N N 76  
ASP HB2  H  N N 77  
ASP HB3  H  N N 78  
ASP HD2  H  N N 79  
ASP HXT  H  N N 80  
CL  CL   CL N N 81  
GLN N    N  N N 82  
GLN CA   C  N S 83  
GLN C    C  N N 84  
GLN O    O  N N 85  
GLN CB   C  N N 86  
GLN CG   C  N N 87  
GLN CD   C  N N 88  
GLN OE1  O  N N 89  
GLN NE2  N  N N 90  
GLN OXT  O  N N 91  
GLN H    H  N N 92  
GLN H2   H  N N 93  
GLN HA   H  N N 94  
GLN HB2  H  N N 95  
GLN HB3  H  N N 96  
GLN HG2  H  N N 97  
GLN HG3  H  N N 98  
GLN HE21 H  N N 99  
GLN HE22 H  N N 100 
GLN HXT  H  N N 101 
GLU N    N  N N 102 
GLU CA   C  N S 103 
GLU C    C  N N 104 
GLU O    O  N N 105 
GLU CB   C  N N 106 
GLU CG   C  N N 107 
GLU CD   C  N N 108 
GLU OE1  O  N N 109 
GLU OE2  O  N N 110 
GLU OXT  O  N N 111 
GLU H    H  N N 112 
GLU H2   H  N N 113 
GLU HA   H  N N 114 
GLU HB2  H  N N 115 
GLU HB3  H  N N 116 
GLU HG2  H  N N 117 
GLU HG3  H  N N 118 
GLU HE2  H  N N 119 
GLU HXT  H  N N 120 
GLY N    N  N N 121 
GLY CA   C  N N 122 
GLY C    C  N N 123 
GLY O    O  N N 124 
GLY OXT  O  N N 125 
GLY H    H  N N 126 
GLY H2   H  N N 127 
GLY HA2  H  N N 128 
GLY HA3  H  N N 129 
GLY HXT  H  N N 130 
HIS N    N  N N 131 
HIS CA   C  N S 132 
HIS C    C  N N 133 
HIS O    O  N N 134 
HIS CB   C  N N 135 
HIS CG   C  Y N 136 
HIS ND1  N  Y N 137 
HIS CD2  C  Y N 138 
HIS CE1  C  Y N 139 
HIS NE2  N  Y N 140 
HIS OXT  O  N N 141 
HIS H    H  N N 142 
HIS H2   H  N N 143 
HIS HA   H  N N 144 
HIS HB2  H  N N 145 
HIS HB3  H  N N 146 
HIS HD1  H  N N 147 
HIS HD2  H  N N 148 
HIS HE1  H  N N 149 
HIS HE2  H  N N 150 
HIS HXT  H  N N 151 
HOH O    O  N N 152 
HOH H1   H  N N 153 
HOH H2   H  N N 154 
ILE N    N  N N 155 
ILE CA   C  N S 156 
ILE C    C  N N 157 
ILE O    O  N N 158 
ILE CB   C  N S 159 
ILE CG1  C  N N 160 
ILE CG2  C  N N 161 
ILE CD1  C  N N 162 
ILE OXT  O  N N 163 
ILE H    H  N N 164 
ILE H2   H  N N 165 
ILE HA   H  N N 166 
ILE HB   H  N N 167 
ILE HG12 H  N N 168 
ILE HG13 H  N N 169 
ILE HG21 H  N N 170 
ILE HG22 H  N N 171 
ILE HG23 H  N N 172 
ILE HD11 H  N N 173 
ILE HD12 H  N N 174 
ILE HD13 H  N N 175 
ILE HXT  H  N N 176 
LEU N    N  N N 177 
LEU CA   C  N S 178 
LEU C    C  N N 179 
LEU O    O  N N 180 
LEU CB   C  N N 181 
LEU CG   C  N N 182 
LEU CD1  C  N N 183 
LEU CD2  C  N N 184 
LEU OXT  O  N N 185 
LEU H    H  N N 186 
LEU H2   H  N N 187 
LEU HA   H  N N 188 
LEU HB2  H  N N 189 
LEU HB3  H  N N 190 
LEU HG   H  N N 191 
LEU HD11 H  N N 192 
LEU HD12 H  N N 193 
LEU HD13 H  N N 194 
LEU HD21 H  N N 195 
LEU HD22 H  N N 196 
LEU HD23 H  N N 197 
LEU HXT  H  N N 198 
LYS N    N  N N 199 
LYS CA   C  N S 200 
LYS C    C  N N 201 
LYS O    O  N N 202 
LYS CB   C  N N 203 
LYS CG   C  N N 204 
LYS CD   C  N N 205 
LYS CE   C  N N 206 
LYS NZ   N  N N 207 
LYS OXT  O  N N 208 
LYS H    H  N N 209 
LYS H2   H  N N 210 
LYS HA   H  N N 211 
LYS HB2  H  N N 212 
LYS HB3  H  N N 213 
LYS HG2  H  N N 214 
LYS HG3  H  N N 215 
LYS HD2  H  N N 216 
LYS HD3  H  N N 217 
LYS HE2  H  N N 218 
LYS HE3  H  N N 219 
LYS HZ1  H  N N 220 
LYS HZ2  H  N N 221 
LYS HZ3  H  N N 222 
LYS HXT  H  N N 223 
MET N    N  N N 224 
MET CA   C  N S 225 
MET C    C  N N 226 
MET O    O  N N 227 
MET CB   C  N N 228 
MET CG   C  N N 229 
MET SD   S  N N 230 
MET CE   C  N N 231 
MET OXT  O  N N 232 
MET H    H  N N 233 
MET H2   H  N N 234 
MET HA   H  N N 235 
MET HB2  H  N N 236 
MET HB3  H  N N 237 
MET HG2  H  N N 238 
MET HG3  H  N N 239 
MET HE1  H  N N 240 
MET HE2  H  N N 241 
MET HE3  H  N N 242 
MET HXT  H  N N 243 
PC4 PT   PT N N 244 
PC4 CL1  CL N N 245 
PC4 CL2  CL N N 246 
PC4 CL3  CL N N 247 
PC4 CL4  CL N N 248 
PHE N    N  N N 249 
PHE CA   C  N S 250 
PHE C    C  N N 251 
PHE O    O  N N 252 
PHE CB   C  N N 253 
PHE CG   C  Y N 254 
PHE CD1  C  Y N 255 
PHE CD2  C  Y N 256 
PHE CE1  C  Y N 257 
PHE CE2  C  Y N 258 
PHE CZ   C  Y N 259 
PHE OXT  O  N N 260 
PHE H    H  N N 261 
PHE H2   H  N N 262 
PHE HA   H  N N 263 
PHE HB2  H  N N 264 
PHE HB3  H  N N 265 
PHE HD1  H  N N 266 
PHE HD2  H  N N 267 
PHE HE1  H  N N 268 
PHE HE2  H  N N 269 
PHE HZ   H  N N 270 
PHE HXT  H  N N 271 
PT  PT   PT N N 272 
THR N    N  N N 273 
THR CA   C  N S 274 
THR C    C  N N 275 
THR O    O  N N 276 
THR CB   C  N R 277 
THR OG1  O  N N 278 
THR CG2  C  N N 279 
THR OXT  O  N N 280 
THR H    H  N N 281 
THR H2   H  N N 282 
THR HA   H  N N 283 
THR HB   H  N N 284 
THR HG1  H  N N 285 
THR HG21 H  N N 286 
THR HG22 H  N N 287 
THR HG23 H  N N 288 
THR HXT  H  N N 289 
TRP N    N  N N 290 
TRP CA   C  N S 291 
TRP C    C  N N 292 
TRP O    O  N N 293 
TRP CB   C  N N 294 
TRP CG   C  Y N 295 
TRP CD1  C  Y N 296 
TRP CD2  C  Y N 297 
TRP NE1  N  Y N 298 
TRP CE2  C  Y N 299 
TRP CE3  C  Y N 300 
TRP CZ2  C  Y N 301 
TRP CZ3  C  Y N 302 
TRP CH2  C  Y N 303 
TRP OXT  O  N N 304 
TRP H    H  N N 305 
TRP H2   H  N N 306 
TRP HA   H  N N 307 
TRP HB2  H  N N 308 
TRP HB3  H  N N 309 
TRP HD1  H  N N 310 
TRP HE1  H  N N 311 
TRP HE3  H  N N 312 
TRP HZ2  H  N N 313 
TRP HZ3  H  N N 314 
TRP HH2  H  N N 315 
TRP HXT  H  N N 316 
TYR N    N  N N 317 
TYR CA   C  N S 318 
TYR C    C  N N 319 
TYR O    O  N N 320 
TYR CB   C  N N 321 
TYR CG   C  Y N 322 
TYR CD1  C  Y N 323 
TYR CD2  C  Y N 324 
TYR CE1  C  Y N 325 
TYR CE2  C  Y N 326 
TYR CZ   C  Y N 327 
TYR OH   O  N N 328 
TYR OXT  O  N N 329 
TYR H    H  N N 330 
TYR H2   H  N N 331 
TYR HA   H  N N 332 
TYR HB2  H  N N 333 
TYR HB3  H  N N 334 
TYR HD1  H  N N 335 
TYR HD2  H  N N 336 
TYR HE1  H  N N 337 
TYR HE2  H  N N 338 
TYR HH   H  N N 339 
TYR HXT  H  N N 340 
VAL N    N  N N 341 
VAL CA   C  N S 342 
VAL C    C  N N 343 
VAL O    O  N N 344 
VAL CB   C  N N 345 
VAL CG1  C  N N 346 
VAL CG2  C  N N 347 
VAL OXT  O  N N 348 
VAL H    H  N N 349 
VAL H2   H  N N 350 
VAL HA   H  N N 351 
VAL HB   H  N N 352 
VAL HG11 H  N N 353 
VAL HG12 H  N N 354 
VAL HG13 H  N N 355 
VAL HG21 H  N N 356 
VAL HG22 H  N N 357 
VAL HG23 H  N N 358 
VAL HXT  H  N N 359 
# 
loop_
_chem_comp_bond.comp_id 
_chem_comp_bond.atom_id_1 
_chem_comp_bond.atom_id_2 
_chem_comp_bond.value_order 
_chem_comp_bond.pdbx_aromatic_flag 
_chem_comp_bond.pdbx_stereo_config 
_chem_comp_bond.pdbx_ordinal 
ACT C   O    doub N N 1   
ACT C   OXT  sing N N 2   
ACT C   CH3  sing N N 3   
ACT CH3 H1   sing N N 4   
ACT CH3 H2   sing N N 5   
ACT CH3 H3   sing N N 6   
ALA N   CA   sing N N 7   
ALA N   H    sing N N 8   
ALA N   H2   sing N N 9   
ALA CA  C    sing N N 10  
ALA CA  CB   sing N N 11  
ALA CA  HA   sing N N 12  
ALA C   O    doub N N 13  
ALA C   OXT  sing N N 14  
ALA CB  HB1  sing N N 15  
ALA CB  HB2  sing N N 16  
ALA CB  HB3  sing N N 17  
ALA OXT HXT  sing N N 18  
ARG N   CA   sing N N 19  
ARG N   H    sing N N 20  
ARG N   H2   sing N N 21  
ARG CA  C    sing N N 22  
ARG CA  CB   sing N N 23  
ARG CA  HA   sing N N 24  
ARG C   O    doub N N 25  
ARG C   OXT  sing N N 26  
ARG CB  CG   sing N N 27  
ARG CB  HB2  sing N N 28  
ARG CB  HB3  sing N N 29  
ARG CG  CD   sing N N 30  
ARG CG  HG2  sing N N 31  
ARG CG  HG3  sing N N 32  
ARG CD  NE   sing N N 33  
ARG CD  HD2  sing N N 34  
ARG CD  HD3  sing N N 35  
ARG NE  CZ   sing N N 36  
ARG NE  HE   sing N N 37  
ARG CZ  NH1  sing N N 38  
ARG CZ  NH2  doub N N 39  
ARG NH1 HH11 sing N N 40  
ARG NH1 HH12 sing N N 41  
ARG NH2 HH21 sing N N 42  
ARG NH2 HH22 sing N N 43  
ARG OXT HXT  sing N N 44  
ASN N   CA   sing N N 45  
ASN N   H    sing N N 46  
ASN N   H2   sing N N 47  
ASN CA  C    sing N N 48  
ASN CA  CB   sing N N 49  
ASN CA  HA   sing N N 50  
ASN C   O    doub N N 51  
ASN C   OXT  sing N N 52  
ASN CB  CG   sing N N 53  
ASN CB  HB2  sing N N 54  
ASN CB  HB3  sing N N 55  
ASN CG  OD1  doub N N 56  
ASN CG  ND2  sing N N 57  
ASN ND2 HD21 sing N N 58  
ASN ND2 HD22 sing N N 59  
ASN OXT HXT  sing N N 60  
ASP N   CA   sing N N 61  
ASP N   H    sing N N 62  
ASP N   H2   sing N N 63  
ASP CA  C    sing N N 64  
ASP CA  CB   sing N N 65  
ASP CA  HA   sing N N 66  
ASP C   O    doub N N 67  
ASP C   OXT  sing N N 68  
ASP CB  CG   sing N N 69  
ASP CB  HB2  sing N N 70  
ASP CB  HB3  sing N N 71  
ASP CG  OD1  doub N N 72  
ASP CG  OD2  sing N N 73  
ASP OD2 HD2  sing N N 74  
ASP OXT HXT  sing N N 75  
GLN N   CA   sing N N 76  
GLN N   H    sing N N 77  
GLN N   H2   sing N N 78  
GLN CA  C    sing N N 79  
GLN CA  CB   sing N N 80  
GLN CA  HA   sing N N 81  
GLN C   O    doub N N 82  
GLN C   OXT  sing N N 83  
GLN CB  CG   sing N N 84  
GLN CB  HB2  sing N N 85  
GLN CB  HB3  sing N N 86  
GLN CG  CD   sing N N 87  
GLN CG  HG2  sing N N 88  
GLN CG  HG3  sing N N 89  
GLN CD  OE1  doub N N 90  
GLN CD  NE2  sing N N 91  
GLN NE2 HE21 sing N N 92  
GLN NE2 HE22 sing N N 93  
GLN OXT HXT  sing N N 94  
GLU N   CA   sing N N 95  
GLU N   H    sing N N 96  
GLU N   H2   sing N N 97  
GLU CA  C    sing N N 98  
GLU CA  CB   sing N N 99  
GLU CA  HA   sing N N 100 
GLU C   O    doub N N 101 
GLU C   OXT  sing N N 102 
GLU CB  CG   sing N N 103 
GLU CB  HB2  sing N N 104 
GLU CB  HB3  sing N N 105 
GLU CG  CD   sing N N 106 
GLU CG  HG2  sing N N 107 
GLU CG  HG3  sing N N 108 
GLU CD  OE1  doub N N 109 
GLU CD  OE2  sing N N 110 
GLU OE2 HE2  sing N N 111 
GLU OXT HXT  sing N N 112 
GLY N   CA   sing N N 113 
GLY N   H    sing N N 114 
GLY N   H2   sing N N 115 
GLY CA  C    sing N N 116 
GLY CA  HA2  sing N N 117 
GLY CA  HA3  sing N N 118 
GLY C   O    doub N N 119 
GLY C   OXT  sing N N 120 
GLY OXT HXT  sing N N 121 
HIS N   CA   sing N N 122 
HIS N   H    sing N N 123 
HIS N   H2   sing N N 124 
HIS CA  C    sing N N 125 
HIS CA  CB   sing N N 126 
HIS CA  HA   sing N N 127 
HIS C   O    doub N N 128 
HIS C   OXT  sing N N 129 
HIS CB  CG   sing N N 130 
HIS CB  HB2  sing N N 131 
HIS CB  HB3  sing N N 132 
HIS CG  ND1  sing Y N 133 
HIS CG  CD2  doub Y N 134 
HIS ND1 CE1  doub Y N 135 
HIS ND1 HD1  sing N N 136 
HIS CD2 NE2  sing Y N 137 
HIS CD2 HD2  sing N N 138 
HIS CE1 NE2  sing Y N 139 
HIS CE1 HE1  sing N N 140 
HIS NE2 HE2  sing N N 141 
HIS OXT HXT  sing N N 142 
HOH O   H1   sing N N 143 
HOH O   H2   sing N N 144 
ILE N   CA   sing N N 145 
ILE N   H    sing N N 146 
ILE N   H2   sing N N 147 
ILE CA  C    sing N N 148 
ILE CA  CB   sing N N 149 
ILE CA  HA   sing N N 150 
ILE C   O    doub N N 151 
ILE C   OXT  sing N N 152 
ILE CB  CG1  sing N N 153 
ILE CB  CG2  sing N N 154 
ILE CB  HB   sing N N 155 
ILE CG1 CD1  sing N N 156 
ILE CG1 HG12 sing N N 157 
ILE CG1 HG13 sing N N 158 
ILE CG2 HG21 sing N N 159 
ILE CG2 HG22 sing N N 160 
ILE CG2 HG23 sing N N 161 
ILE CD1 HD11 sing N N 162 
ILE CD1 HD12 sing N N 163 
ILE CD1 HD13 sing N N 164 
ILE OXT HXT  sing N N 165 
LEU N   CA   sing N N 166 
LEU N   H    sing N N 167 
LEU N   H2   sing N N 168 
LEU CA  C    sing N N 169 
LEU CA  CB   sing N N 170 
LEU CA  HA   sing N N 171 
LEU C   O    doub N N 172 
LEU C   OXT  sing N N 173 
LEU CB  CG   sing N N 174 
LEU CB  HB2  sing N N 175 
LEU CB  HB3  sing N N 176 
LEU CG  CD1  sing N N 177 
LEU CG  CD2  sing N N 178 
LEU CG  HG   sing N N 179 
LEU CD1 HD11 sing N N 180 
LEU CD1 HD12 sing N N 181 
LEU CD1 HD13 sing N N 182 
LEU CD2 HD21 sing N N 183 
LEU CD2 HD22 sing N N 184 
LEU CD2 HD23 sing N N 185 
LEU OXT HXT  sing N N 186 
LYS N   CA   sing N N 187 
LYS N   H    sing N N 188 
LYS N   H2   sing N N 189 
LYS CA  C    sing N N 190 
LYS CA  CB   sing N N 191 
LYS CA  HA   sing N N 192 
LYS C   O    doub N N 193 
LYS C   OXT  sing N N 194 
LYS CB  CG   sing N N 195 
LYS CB  HB2  sing N N 196 
LYS CB  HB3  sing N N 197 
LYS CG  CD   sing N N 198 
LYS CG  HG2  sing N N 199 
LYS CG  HG3  sing N N 200 
LYS CD  CE   sing N N 201 
LYS CD  HD2  sing N N 202 
LYS CD  HD3  sing N N 203 
LYS CE  NZ   sing N N 204 
LYS CE  HE2  sing N N 205 
LYS CE  HE3  sing N N 206 
LYS NZ  HZ1  sing N N 207 
LYS NZ  HZ2  sing N N 208 
LYS NZ  HZ3  sing N N 209 
LYS OXT HXT  sing N N 210 
MET N   CA   sing N N 211 
MET N   H    sing N N 212 
MET N   H2   sing N N 213 
MET CA  C    sing N N 214 
MET CA  CB   sing N N 215 
MET CA  HA   sing N N 216 
MET C   O    doub N N 217 
MET C   OXT  sing N N 218 
MET CB  CG   sing N N 219 
MET CB  HB2  sing N N 220 
MET CB  HB3  sing N N 221 
MET CG  SD   sing N N 222 
MET CG  HG2  sing N N 223 
MET CG  HG3  sing N N 224 
MET SD  CE   sing N N 225 
MET CE  HE1  sing N N 226 
MET CE  HE2  sing N N 227 
MET CE  HE3  sing N N 228 
MET OXT HXT  sing N N 229 
PC4 PT  CL1  sing N N 230 
PC4 PT  CL2  sing N N 231 
PC4 PT  CL3  sing N N 232 
PC4 PT  CL4  sing N N 233 
PHE N   CA   sing N N 234 
PHE N   H    sing N N 235 
PHE N   H2   sing N N 236 
PHE CA  C    sing N N 237 
PHE CA  CB   sing N N 238 
PHE CA  HA   sing N N 239 
PHE C   O    doub N N 240 
PHE C   OXT  sing N N 241 
PHE CB  CG   sing N N 242 
PHE CB  HB2  sing N N 243 
PHE CB  HB3  sing N N 244 
PHE CG  CD1  doub Y N 245 
PHE CG  CD2  sing Y N 246 
PHE CD1 CE1  sing Y N 247 
PHE CD1 HD1  sing N N 248 
PHE CD2 CE2  doub Y N 249 
PHE CD2 HD2  sing N N 250 
PHE CE1 CZ   doub Y N 251 
PHE CE1 HE1  sing N N 252 
PHE CE2 CZ   sing Y N 253 
PHE CE2 HE2  sing N N 254 
PHE CZ  HZ   sing N N 255 
PHE OXT HXT  sing N N 256 
THR N   CA   sing N N 257 
THR N   H    sing N N 258 
THR N   H2   sing N N 259 
THR CA  C    sing N N 260 
THR CA  CB   sing N N 261 
THR CA  HA   sing N N 262 
THR C   O    doub N N 263 
THR C   OXT  sing N N 264 
THR CB  OG1  sing N N 265 
THR CB  CG2  sing N N 266 
THR CB  HB   sing N N 267 
THR OG1 HG1  sing N N 268 
THR CG2 HG21 sing N N 269 
THR CG2 HG22 sing N N 270 
THR CG2 HG23 sing N N 271 
THR OXT HXT  sing N N 272 
TRP N   CA   sing N N 273 
TRP N   H    sing N N 274 
TRP N   H2   sing N N 275 
TRP CA  C    sing N N 276 
TRP CA  CB   sing N N 277 
TRP CA  HA   sing N N 278 
TRP C   O    doub N N 279 
TRP C   OXT  sing N N 280 
TRP CB  CG   sing N N 281 
TRP CB  HB2  sing N N 282 
TRP CB  HB3  sing N N 283 
TRP CG  CD1  doub Y N 284 
TRP CG  CD2  sing Y N 285 
TRP CD1 NE1  sing Y N 286 
TRP CD1 HD1  sing N N 287 
TRP CD2 CE2  doub Y N 288 
TRP CD2 CE3  sing Y N 289 
TRP NE1 CE2  sing Y N 290 
TRP NE1 HE1  sing N N 291 
TRP CE2 CZ2  sing Y N 292 
TRP CE3 CZ3  doub Y N 293 
TRP CE3 HE3  sing N N 294 
TRP CZ2 CH2  doub Y N 295 
TRP CZ2 HZ2  sing N N 296 
TRP CZ3 CH2  sing Y N 297 
TRP CZ3 HZ3  sing N N 298 
TRP CH2 HH2  sing N N 299 
TRP OXT HXT  sing N N 300 
TYR N   CA   sing N N 301 
TYR N   H    sing N N 302 
TYR N   H2   sing N N 303 
TYR CA  C    sing N N 304 
TYR CA  CB   sing N N 305 
TYR CA  HA   sing N N 306 
TYR C   O    doub N N 307 
TYR C   OXT  sing N N 308 
TYR CB  CG   sing N N 309 
TYR CB  HB2  sing N N 310 
TYR CB  HB3  sing N N 311 
TYR CG  CD1  doub Y N 312 
TYR CG  CD2  sing Y N 313 
TYR CD1 CE1  sing Y N 314 
TYR CD1 HD1  sing N N 315 
TYR CD2 CE2  doub Y N 316 
TYR CD2 HD2  sing N N 317 
TYR CE1 CZ   doub Y N 318 
TYR CE1 HE1  sing N N 319 
TYR CE2 CZ   sing Y N 320 
TYR CE2 HE2  sing N N 321 
TYR CZ  OH   sing N N 322 
TYR OH  HH   sing N N 323 
TYR OXT HXT  sing N N 324 
VAL N   CA   sing N N 325 
VAL N   H    sing N N 326 
VAL N   H2   sing N N 327 
VAL CA  C    sing N N 328 
VAL CA  CB   sing N N 329 
VAL CA  HA   sing N N 330 
VAL C   O    doub N N 331 
VAL C   OXT  sing N N 332 
VAL CB  CG1  sing N N 333 
VAL CB  CG2  sing N N 334 
VAL CB  HB   sing N N 335 
VAL CG1 HG11 sing N N 336 
VAL CG1 HG12 sing N N 337 
VAL CG1 HG13 sing N N 338 
VAL CG2 HG21 sing N N 339 
VAL CG2 HG22 sing N N 340 
VAL CG2 HG23 sing N N 341 
VAL OXT HXT  sing N N 342 
# 
loop_
_pdbx_audit_support.funding_organization 
_pdbx_audit_support.country 
_pdbx_audit_support.grant_number 
_pdbx_audit_support.ordinal 
'Japan Society for the Promotion of Science (JSPS)' Japan           'JP19H02522, JP17KK0104, JP16K05841, JP16H00761, JP24780097' 1 
'Japan Society for the Promotion of Science (JSPS)' Japan           'Invitational Fellowship S18035'                             2 
'National Science Foundation (NSF, United States)'  'United States' MCB-1947720                                                  3 
# 
loop_
_pdbx_entity_instance_feature.ordinal 
_pdbx_entity_instance_feature.comp_id 
_pdbx_entity_instance_feature.asym_id 
_pdbx_entity_instance_feature.seq_num 
_pdbx_entity_instance_feature.auth_comp_id 
_pdbx_entity_instance_feature.auth_asym_id 
_pdbx_entity_instance_feature.auth_seq_num 
_pdbx_entity_instance_feature.feature_type 
_pdbx_entity_instance_feature.details 
1 PC4 ? ? PC4 ? ? 'SUBJECT OF INVESTIGATION' ? 
2 PT  ? ? PT  ? ? 'SUBJECT OF INVESTIGATION' ? 
# 
loop_
_pdbx_entity_nonpoly.entity_id 
_pdbx_entity_nonpoly.name 
_pdbx_entity_nonpoly.comp_id 
2 'PLATINUM (II) ION'        PT  
3 'CHLORIDE ION'             CL  
4 'ACETATE ION'              ACT 
5 'TETRACHLOROPLATINATE(II)' PC4 
6 water                      HOH 
# 
loop_
_pdbx_struct_assembly_auth_evidence.id 
_pdbx_struct_assembly_auth_evidence.assembly_id 
_pdbx_struct_assembly_auth_evidence.experimental_support 
_pdbx_struct_assembly_auth_evidence.details 
1 1 SAXS               Dimer 
2 1 'light scattering' Dimer 
# 
